data_2D9S
#
_entry.id   2D9S
#
_cell.length_a   1.000
_cell.length_b   1.000
_cell.length_c   1.000
_cell.angle_alpha   90.00
_cell.angle_beta   90.00
_cell.angle_gamma   90.00
#
_symmetry.space_group_name_H-M   'P 1'
#
_entity_poly.entity_id   1
_entity_poly.type   'polypeptide(L)'
_entity_poly.pdbx_seq_one_letter_code
;GSSGSSGQLSSEIERLMSQGYSYQDIQKALVIAHNNIEMAKNILREFSGPSSG
;
_entity_poly.pdbx_strand_id   A,B
#
# COMPACT_ATOMS: atom_id res chain seq x y z
N GLY A 1 14.34 6.87 9.18
CA GLY A 1 14.61 7.76 10.31
C GLY A 1 13.97 7.18 11.56
N SER A 2 14.76 6.49 12.37
CA SER A 2 14.33 5.84 13.61
C SER A 2 13.51 6.80 14.49
N SER A 3 12.43 6.30 15.10
CA SER A 3 11.56 7.10 15.93
C SER A 3 12.25 7.50 17.24
N GLY A 4 12.76 6.52 18.01
CA GLY A 4 13.45 6.73 19.27
C GLY A 4 12.96 5.78 20.36
N SER A 5 11.66 5.64 20.48
CA SER A 5 10.98 4.80 21.45
C SER A 5 9.87 4.00 20.76
N SER A 6 9.31 3.04 21.48
CA SER A 6 8.25 2.15 21.05
C SER A 6 7.32 1.90 22.24
N GLY A 7 6.13 1.35 22.00
CA GLY A 7 5.13 1.05 23.01
C GLY A 7 3.72 1.20 22.45
N GLN A 8 3.54 2.00 21.40
CA GLN A 8 2.28 2.23 20.71
C GLN A 8 2.56 2.46 19.22
N LEU A 9 1.48 2.47 18.45
CA LEU A 9 1.44 2.71 17.01
C LEU A 9 0.38 3.76 16.72
N SER A 10 -0.59 3.94 17.64
CA SER A 10 -1.65 4.91 17.55
C SER A 10 -1.04 6.31 17.45
N SER A 11 0.13 6.49 18.05
CA SER A 11 0.93 7.70 18.07
C SER A 11 1.29 8.17 16.66
N GLU A 12 1.23 7.27 15.66
CA GLU A 12 1.52 7.56 14.27
C GLU A 12 0.23 7.69 13.46
N ILE A 13 -0.83 6.99 13.85
CA ILE A 13 -2.14 7.04 13.20
C ILE A 13 -2.60 8.51 13.35
N GLU A 14 -2.39 9.09 14.53
CA GLU A 14 -2.74 10.46 14.86
C GLU A 14 -1.98 11.44 13.96
N ARG A 15 -0.72 11.16 13.61
CA ARG A 15 0.04 12.07 12.75
C ARG A 15 -0.43 11.96 11.31
N LEU A 16 -0.84 10.77 10.88
CA LEU A 16 -1.31 10.57 9.53
C LEU A 16 -2.62 11.31 9.29
N MET A 17 -3.46 11.48 10.33
CA MET A 17 -4.71 12.21 10.21
C MET A 17 -4.38 13.66 9.80
N SER A 18 -3.33 14.23 10.40
CA SER A 18 -2.85 15.59 10.15
C SER A 18 -2.53 15.77 8.66
N GLN A 19 -1.85 14.79 8.05
CA GLN A 19 -1.47 14.82 6.64
C GLN A 19 -2.69 14.83 5.71
N GLY A 20 -3.87 14.42 6.20
CA GLY A 20 -5.10 14.39 5.43
C GLY A 20 -5.54 12.97 5.07
N TYR A 21 -4.82 11.94 5.49
CA TYR A 21 -5.18 10.56 5.21
C TYR A 21 -6.35 10.21 6.12
N SER A 22 -7.42 9.63 5.59
CA SER A 22 -8.58 9.28 6.41
C SER A 22 -8.26 8.15 7.36
N TYR A 23 -9.08 8.00 8.42
CA TYR A 23 -8.92 6.95 9.39
C TYR A 23 -8.93 5.59 8.67
N GLN A 24 -9.84 5.40 7.71
CA GLN A 24 -9.95 4.18 6.94
C GLN A 24 -8.66 3.93 6.14
N ASP A 25 -8.15 4.95 5.44
CA ASP A 25 -6.93 4.84 4.62
C ASP A 25 -5.77 4.38 5.47
N ILE A 26 -5.59 4.99 6.64
CA ILE A 26 -4.51 4.65 7.56
C ILE A 26 -4.61 3.15 7.93
N GLN A 27 -5.79 2.70 8.34
CA GLN A 27 -6.02 1.30 8.70
C GLN A 27 -5.76 0.39 7.51
N LYS A 28 -6.41 0.61 6.36
CA LYS A 28 -6.25 -0.21 5.16
C LYS A 28 -4.76 -0.41 4.82
N ALA A 29 -3.93 0.62 4.96
CA ALA A 29 -2.51 0.49 4.67
C ALA A 29 -1.84 -0.39 5.72
N LEU A 30 -2.12 -0.19 7.01
CA LEU A 30 -1.55 -1.01 8.09
C LEU A 30 -1.89 -2.47 7.88
N VAL A 31 -3.15 -2.80 7.56
CA VAL A 31 -3.63 -4.16 7.35
C VAL A 31 -2.81 -4.87 6.27
N ILE A 32 -2.62 -4.21 5.13
CA ILE A 32 -1.90 -4.76 4.00
C ILE A 32 -0.38 -4.76 4.27
N ALA A 33 0.14 -3.80 5.04
CA ALA A 33 1.55 -3.70 5.38
C ALA A 33 1.93 -4.66 6.51
N HIS A 34 0.99 -5.47 6.99
CA HIS A 34 1.15 -6.43 8.08
C HIS A 34 1.57 -5.69 9.35
N ASN A 35 0.81 -4.63 9.65
CA ASN A 35 0.90 -3.70 10.77
C ASN A 35 2.21 -2.91 10.82
N ASN A 36 2.97 -2.87 9.72
CA ASN A 36 4.23 -2.14 9.61
C ASN A 36 3.85 -0.68 9.34
N ILE A 37 3.99 0.22 10.33
CA ILE A 37 3.63 1.62 10.16
C ILE A 37 4.49 2.31 9.10
N GLU A 38 5.79 2.01 9.01
CA GLU A 38 6.67 2.65 8.02
C GLU A 38 6.21 2.31 6.59
N MET A 39 6.01 1.03 6.34
CA MET A 39 5.56 0.49 5.08
C MET A 39 4.19 1.09 4.76
N ALA A 40 3.29 1.14 5.74
CA ALA A 40 1.96 1.70 5.56
C ALA A 40 2.05 3.19 5.23
N LYS A 41 2.94 3.94 5.89
CA LYS A 41 3.13 5.37 5.62
C LYS A 41 3.59 5.53 4.18
N ASN A 42 4.48 4.67 3.68
CA ASN A 42 4.98 4.71 2.30
C ASN A 42 3.83 4.59 1.32
N ILE A 43 2.88 3.66 1.56
CA ILE A 43 1.72 3.45 0.69
C ILE A 43 1.00 4.77 0.52
N LEU A 44 0.63 5.39 1.65
CA LEU A 44 -0.08 6.66 1.66
C LEU A 44 0.74 7.71 0.90
N ARG A 45 2.05 7.77 1.12
CA ARG A 45 2.98 8.72 0.52
C ARG A 45 3.19 8.58 -1.00
N GLU A 46 2.84 7.47 -1.63
CA GLU A 46 3.01 7.24 -3.08
C GLU A 46 1.66 7.05 -3.80
N PHE A 47 0.55 6.86 -3.06
CA PHE A 47 -0.77 6.64 -3.64
C PHE A 47 -1.81 7.65 -3.17
N SER A 48 -1.90 7.89 -1.87
CA SER A 48 -2.85 8.83 -1.27
C SER A 48 -2.26 10.26 -1.33
N GLY A 49 -0.99 10.40 -1.70
CA GLY A 49 -0.26 11.66 -1.83
C GLY A 49 -0.33 12.17 -3.28
N PRO A 50 0.35 13.28 -3.60
CA PRO A 50 0.34 13.86 -4.93
C PRO A 50 1.17 13.02 -5.90
N SER A 51 0.53 12.27 -6.81
CA SER A 51 1.26 11.46 -7.80
C SER A 51 2.10 12.40 -8.66
N SER A 52 1.55 13.53 -9.09
CA SER A 52 2.23 14.54 -9.88
C SER A 52 2.06 15.89 -9.16
N GLY A 53 3.01 16.80 -9.37
CA GLY A 53 3.06 18.13 -8.79
C GLY A 53 4.50 18.47 -8.53
N GLY B 1 -3.56 -16.98 -3.68
CA GLY B 1 -4.09 -18.26 -4.17
C GLY B 1 -3.15 -18.83 -5.21
N SER B 2 -2.48 -19.95 -4.89
CA SER B 2 -1.51 -20.71 -5.69
C SER B 2 -1.47 -20.37 -7.18
N SER B 3 -0.46 -19.61 -7.61
CA SER B 3 -0.30 -19.26 -9.02
C SER B 3 0.11 -20.50 -9.84
N GLY B 4 0.67 -21.52 -9.20
CA GLY B 4 1.12 -22.75 -9.82
C GLY B 4 2.57 -22.53 -10.21
N SER B 5 2.81 -22.27 -11.48
CA SER B 5 4.15 -22.01 -11.96
C SER B 5 4.67 -20.69 -11.39
N SER B 6 5.98 -20.55 -11.29
CA SER B 6 6.68 -19.38 -10.80
C SER B 6 8.00 -19.29 -11.57
N GLY B 7 8.60 -18.11 -11.60
CA GLY B 7 9.86 -17.86 -12.29
C GLY B 7 10.10 -16.37 -12.50
N GLN B 8 9.04 -15.60 -12.77
CA GLN B 8 9.10 -14.15 -12.99
C GLN B 8 7.76 -13.53 -12.52
N LEU B 9 7.73 -12.20 -12.39
CA LEU B 9 6.59 -11.40 -11.96
C LEU B 9 6.06 -10.55 -13.12
N SER B 10 6.81 -10.43 -14.23
CA SER B 10 6.45 -9.65 -15.41
C SER B 10 5.03 -9.93 -15.88
N SER B 11 4.63 -11.21 -15.89
CA SER B 11 3.32 -11.66 -16.31
C SER B 11 2.19 -11.14 -15.42
N GLU B 12 2.43 -10.95 -14.12
CA GLU B 12 1.42 -10.45 -13.19
C GLU B 12 1.24 -8.94 -13.33
N ILE B 13 2.30 -8.22 -13.71
CA ILE B 13 2.25 -6.77 -13.91
C ILE B 13 1.27 -6.53 -15.06
N GLU B 14 1.33 -7.35 -16.11
CA GLU B 14 0.41 -7.23 -17.25
C GLU B 14 -1.02 -7.53 -16.81
N ARG B 15 -1.21 -8.49 -15.91
CA ARG B 15 -2.57 -8.82 -15.46
C ARG B 15 -3.14 -7.64 -14.71
N LEU B 16 -2.29 -6.90 -13.99
CA LEU B 16 -2.72 -5.74 -13.24
C LEU B 16 -3.10 -4.59 -14.17
N MET B 17 -2.46 -4.46 -15.33
CA MET B 17 -2.84 -3.39 -16.26
C MET B 17 -4.27 -3.64 -16.72
N SER B 18 -4.65 -4.90 -16.90
CA SER B 18 -5.98 -5.34 -17.32
C SER B 18 -7.03 -4.84 -16.32
N GLN B 19 -6.69 -4.79 -15.03
CA GLN B 19 -7.59 -4.32 -13.99
C GLN B 19 -7.83 -2.82 -14.12
N GLY B 20 -6.86 -2.06 -14.62
CA GLY B 20 -6.93 -0.62 -14.83
C GLY B 20 -5.79 0.13 -14.18
N TYR B 21 -5.02 -0.50 -13.29
CA TYR B 21 -3.89 0.12 -12.62
C TYR B 21 -2.83 0.47 -13.68
N SER B 22 -2.24 1.66 -13.60
CA SER B 22 -1.20 2.08 -14.53
C SER B 22 0.10 1.43 -14.12
N TYR B 23 0.99 1.23 -15.10
CA TYR B 23 2.30 0.64 -14.90
C TYR B 23 3.07 1.36 -13.79
N GLN B 24 3.03 2.70 -13.73
CA GLN B 24 3.75 3.44 -12.71
C GLN B 24 3.28 2.98 -11.33
N ASP B 25 1.97 3.05 -11.08
CA ASP B 25 1.36 2.67 -9.82
C ASP B 25 1.64 1.20 -9.51
N ILE B 26 1.59 0.29 -10.49
CA ILE B 26 1.87 -1.13 -10.26
C ILE B 26 3.29 -1.25 -9.70
N GLN B 27 4.26 -0.58 -10.34
CA GLN B 27 5.64 -0.63 -9.88
C GLN B 27 5.72 -0.02 -8.47
N LYS B 28 5.16 1.18 -8.21
CA LYS B 28 5.20 1.79 -6.88
C LYS B 28 4.65 0.83 -5.81
N ALA B 29 3.58 0.10 -6.10
CA ALA B 29 2.98 -0.86 -5.16
C ALA B 29 4.01 -1.95 -4.85
N LEU B 30 4.62 -2.51 -5.89
CA LEU B 30 5.63 -3.57 -5.77
C LEU B 30 6.80 -3.07 -4.94
N VAL B 31 7.28 -1.86 -5.21
CA VAL B 31 8.39 -1.22 -4.51
C VAL B 31 8.09 -1.19 -3.01
N ILE B 32 6.97 -0.58 -2.64
CA ILE B 32 6.55 -0.45 -1.26
C ILE B 32 6.28 -1.81 -0.61
N ALA B 33 5.96 -2.87 -1.38
CA ALA B 33 5.70 -4.20 -0.86
C ALA B 33 6.99 -5.02 -0.78
N HIS B 34 8.15 -4.39 -1.00
CA HIS B 34 9.46 -5.04 -1.00
C HIS B 34 9.43 -6.18 -2.03
N ASN B 35 9.01 -5.85 -3.26
CA ASN B 35 8.86 -6.69 -4.45
C ASN B 35 7.72 -7.70 -4.34
N ASN B 36 7.06 -7.85 -3.18
CA ASN B 36 5.99 -8.82 -2.97
C ASN B 36 4.74 -8.52 -3.81
N ILE B 37 4.56 -9.24 -4.92
CA ILE B 37 3.41 -9.09 -5.83
C ILE B 37 2.09 -9.41 -5.12
N GLU B 38 2.02 -10.44 -4.28
CA GLU B 38 0.80 -10.83 -3.57
C GLU B 38 0.31 -9.66 -2.70
N MET B 39 1.23 -9.11 -1.92
CA MET B 39 1.04 -7.99 -1.02
C MET B 39 0.68 -6.75 -1.83
N ALA B 40 1.49 -6.40 -2.84
CA ALA B 40 1.29 -5.24 -3.70
C ALA B 40 -0.10 -5.27 -4.35
N LYS B 41 -0.56 -6.45 -4.78
CA LYS B 41 -1.89 -6.59 -5.38
C LYS B 41 -2.95 -6.20 -4.36
N ASN B 42 -2.79 -6.60 -3.10
CA ASN B 42 -3.75 -6.25 -2.05
C ASN B 42 -3.82 -4.73 -1.91
N ILE B 43 -2.67 -4.03 -1.98
CA ILE B 43 -2.64 -2.57 -1.88
C ILE B 43 -3.46 -1.96 -3.00
N LEU B 44 -3.13 -2.29 -4.26
CA LEU B 44 -3.81 -1.78 -5.44
C LEU B 44 -5.31 -2.03 -5.33
N ARG B 45 -5.71 -3.25 -4.97
CA ARG B 45 -7.11 -3.65 -4.82
C ARG B 45 -7.86 -2.88 -3.74
N GLU B 46 -7.20 -2.32 -2.72
CA GLU B 46 -7.87 -1.60 -1.65
C GLU B 46 -7.82 -0.08 -1.83
N PHE B 47 -6.72 0.47 -2.33
CA PHE B 47 -6.52 1.91 -2.53
C PHE B 47 -6.88 2.33 -3.95
N SER B 48 -6.17 1.75 -4.92
CA SER B 48 -6.35 2.02 -6.33
C SER B 48 -7.64 1.38 -6.86
N GLY B 49 -8.31 0.55 -6.05
CA GLY B 49 -9.55 -0.15 -6.32
C GLY B 49 -10.72 0.65 -5.74
N PRO B 50 -11.96 0.25 -5.99
CA PRO B 50 -13.13 0.96 -5.47
C PRO B 50 -13.32 0.77 -3.96
N SER B 51 -12.91 1.75 -3.17
CA SER B 51 -13.03 1.77 -1.71
C SER B 51 -14.46 2.21 -1.30
N SER B 52 -15.49 1.83 -2.07
CA SER B 52 -16.91 2.12 -1.88
C SER B 52 -17.74 1.22 -2.81
N GLY B 53 -19.05 1.46 -2.91
CA GLY B 53 -19.98 0.72 -3.75
C GLY B 53 -20.74 -0.25 -2.87
N GLY A 1 16.52 11.34 10.39
CA GLY A 1 16.20 10.24 11.31
C GLY A 1 14.82 10.48 11.89
N SER A 2 13.85 9.59 11.62
CA SER A 2 12.49 9.72 12.13
C SER A 2 12.45 9.92 13.64
N SER A 3 11.92 11.07 14.06
CA SER A 3 11.78 11.44 15.47
C SER A 3 10.52 10.76 16.04
N GLY A 4 10.06 11.14 17.23
CA GLY A 4 8.87 10.54 17.85
C GLY A 4 9.27 9.43 18.81
N SER A 5 8.37 8.47 19.04
CA SER A 5 8.62 7.35 19.93
C SER A 5 7.90 6.10 19.43
N SER A 6 8.15 4.95 20.07
CA SER A 6 7.56 3.67 19.71
C SER A 6 6.77 3.06 20.89
N GLY A 7 6.11 1.93 20.63
CA GLY A 7 5.30 1.14 21.53
C GLY A 7 3.81 1.19 21.21
N GLN A 8 3.35 2.09 20.34
CA GLN A 8 1.96 2.22 19.95
C GLN A 8 1.87 2.71 18.52
N LEU A 9 0.85 2.24 17.79
CA LEU A 9 0.60 2.64 16.41
C LEU A 9 -0.48 3.71 16.40
N SER A 10 -1.37 3.73 17.40
CA SER A 10 -2.45 4.71 17.54
C SER A 10 -1.92 6.13 17.32
N SER A 11 -0.83 6.48 18.01
CA SER A 11 -0.19 7.78 17.93
C SER A 11 0.20 8.17 16.50
N GLU A 12 0.66 7.22 15.69
CA GLU A 12 1.05 7.49 14.30
C GLU A 12 -0.19 7.62 13.42
N ILE A 13 -1.31 6.97 13.76
CA ILE A 13 -2.55 7.08 13.00
C ILE A 13 -2.96 8.54 13.16
N GLU A 14 -2.91 9.07 14.40
CA GLU A 14 -3.24 10.46 14.72
C GLU A 14 -2.33 11.40 13.91
N ARG A 15 -1.07 11.03 13.71
CA ARG A 15 -0.11 11.85 12.95
C ARG A 15 -0.48 11.85 11.48
N LEU A 16 -0.93 10.72 10.94
CA LEU A 16 -1.33 10.63 9.55
C LEU A 16 -2.59 11.48 9.31
N MET A 17 -3.44 11.67 10.33
CA MET A 17 -4.63 12.49 10.19
C MET A 17 -4.18 13.93 9.87
N SER A 18 -3.17 14.42 10.59
CA SER A 18 -2.60 15.75 10.41
C SER A 18 -1.99 15.94 9.02
N GLN A 19 -1.48 14.88 8.37
CA GLN A 19 -0.90 15.00 7.04
C GLN A 19 -1.98 15.22 5.95
N GLY A 20 -3.26 14.97 6.24
CA GLY A 20 -4.36 15.16 5.29
C GLY A 20 -4.96 13.87 4.74
N TYR A 21 -4.85 12.76 5.49
CA TYR A 21 -5.37 11.45 5.07
C TYR A 21 -6.57 11.04 5.93
N SER A 22 -7.44 10.19 5.39
CA SER A 22 -8.62 9.65 6.06
C SER A 22 -8.20 8.45 6.93
N TYR A 23 -9.01 8.12 7.93
CA TYR A 23 -8.77 7.03 8.85
C TYR A 23 -8.87 5.70 8.10
N GLN A 24 -9.79 5.61 7.14
CA GLN A 24 -10.01 4.42 6.31
C GLN A 24 -8.71 4.07 5.60
N ASP A 25 -8.14 5.02 4.84
CA ASP A 25 -6.88 4.87 4.12
C ASP A 25 -5.79 4.38 5.07
N ILE A 26 -5.64 5.03 6.22
CA ILE A 26 -4.62 4.66 7.20
C ILE A 26 -4.80 3.18 7.61
N GLN A 27 -6.02 2.77 7.95
CA GLN A 27 -6.33 1.40 8.34
C GLN A 27 -6.09 0.41 7.19
N LYS A 28 -6.48 0.75 5.96
CA LYS A 28 -6.28 -0.12 4.80
C LYS A 28 -4.79 -0.30 4.55
N ALA A 29 -4.01 0.78 4.63
CA ALA A 29 -2.58 0.69 4.41
C ALA A 29 -1.96 -0.19 5.52
N LEU A 30 -2.43 -0.07 6.77
CA LEU A 30 -1.90 -0.86 7.88
C LEU A 30 -2.16 -2.35 7.69
N VAL A 31 -3.40 -2.77 7.40
CA VAL A 31 -3.72 -4.18 7.24
C VAL A 31 -2.92 -4.78 6.08
N ILE A 32 -2.86 -4.11 4.93
CA ILE A 32 -2.13 -4.60 3.77
C ILE A 32 -0.62 -4.59 4.08
N ALA A 33 -0.12 -3.65 4.90
CA ALA A 33 1.28 -3.59 5.28
C ALA A 33 1.58 -4.62 6.38
N HIS A 34 0.65 -5.53 6.68
CA HIS A 34 0.76 -6.56 7.71
C HIS A 34 1.13 -5.90 9.05
N ASN A 35 0.44 -4.81 9.39
CA ASN A 35 0.57 -3.97 10.60
C ASN A 35 1.84 -3.10 10.61
N ASN A 36 2.64 -3.06 9.54
CA ASN A 36 3.85 -2.23 9.52
C ASN A 36 3.48 -0.77 9.23
N ILE A 37 3.54 0.09 10.25
CA ILE A 37 3.22 1.51 10.12
C ILE A 37 4.17 2.25 9.17
N GLU A 38 5.47 1.98 9.20
CA GLU A 38 6.43 2.66 8.33
C GLU A 38 6.15 2.33 6.87
N MET A 39 5.94 1.04 6.58
CA MET A 39 5.64 0.54 5.25
C MET A 39 4.32 1.18 4.80
N ALA A 40 3.31 1.17 5.68
CA ALA A 40 2.00 1.74 5.39
C ALA A 40 2.11 3.24 5.09
N LYS A 41 2.96 3.98 5.80
CA LYS A 41 3.16 5.41 5.58
C LYS A 41 3.63 5.65 4.14
N ASN A 42 4.46 4.76 3.58
CA ASN A 42 4.93 4.89 2.20
C ASN A 42 3.74 4.67 1.25
N ILE A 43 2.88 3.68 1.53
CA ILE A 43 1.70 3.39 0.72
C ILE A 43 0.89 4.67 0.61
N LEU A 44 0.54 5.25 1.76
CA LEU A 44 -0.22 6.49 1.80
C LEU A 44 0.47 7.58 1.00
N ARG A 45 1.79 7.73 1.16
CA ARG A 45 2.55 8.75 0.47
C ARG A 45 2.53 8.65 -1.06
N GLU A 46 2.51 7.45 -1.64
CA GLU A 46 2.55 7.30 -3.10
C GLU A 46 1.20 6.93 -3.75
N PHE A 47 0.16 6.65 -2.96
CA PHE A 47 -1.18 6.31 -3.47
C PHE A 47 -2.24 7.31 -2.99
N SER A 48 -2.10 7.79 -1.76
CA SER A 48 -3.00 8.75 -1.13
C SER A 48 -2.38 10.15 -1.16
N GLY A 49 -1.11 10.28 -1.56
CA GLY A 49 -0.35 11.51 -1.67
C GLY A 49 0.07 11.72 -3.13
N PRO A 50 0.97 12.66 -3.43
CA PRO A 50 1.41 12.91 -4.79
C PRO A 50 2.30 11.77 -5.29
N SER A 51 2.31 11.57 -6.61
CA SER A 51 3.12 10.55 -7.28
C SER A 51 4.11 11.28 -8.18
N SER A 52 5.26 10.68 -8.48
CA SER A 52 6.29 11.31 -9.30
C SER A 52 6.49 10.54 -10.60
N GLY A 53 6.24 11.21 -11.73
CA GLY A 53 6.37 10.65 -13.06
C GLY A 53 5.01 10.52 -13.71
N GLY B 1 -6.85 -21.94 -3.66
CA GLY B 1 -6.03 -22.44 -4.77
C GLY B 1 -5.70 -21.35 -5.75
N SER B 2 -4.71 -20.51 -5.43
CA SER B 2 -4.25 -19.39 -6.24
C SER B 2 -3.48 -19.96 -7.44
N SER B 3 -4.18 -20.24 -8.54
CA SER B 3 -3.56 -20.77 -9.74
C SER B 3 -2.73 -19.67 -10.39
N GLY B 4 -1.50 -19.97 -10.75
CA GLY B 4 -0.60 -19.00 -11.35
C GLY B 4 0.76 -19.63 -11.55
N SER B 5 1.71 -18.79 -11.91
CA SER B 5 3.10 -19.14 -12.15
C SER B 5 3.99 -18.21 -11.32
N SER B 6 5.26 -18.53 -11.21
CA SER B 6 6.23 -17.76 -10.45
C SER B 6 7.59 -17.84 -11.14
N GLY B 7 8.59 -17.13 -10.62
CA GLY B 7 9.94 -17.10 -11.14
C GLY B 7 10.31 -15.78 -11.80
N GLN B 8 9.37 -15.10 -12.48
CA GLN B 8 9.64 -13.83 -13.16
C GLN B 8 8.46 -12.91 -12.88
N LEU B 9 8.61 -12.07 -11.86
CA LEU B 9 7.62 -11.09 -11.39
C LEU B 9 7.10 -10.19 -12.51
N SER B 10 7.90 -9.98 -13.56
CA SER B 10 7.57 -9.20 -14.74
C SER B 10 6.22 -9.68 -15.31
N SER B 11 6.04 -11.00 -15.36
CA SER B 11 4.85 -11.68 -15.85
C SER B 11 3.63 -11.27 -15.04
N GLU B 12 3.77 -11.02 -13.73
CA GLU B 12 2.66 -10.62 -12.89
C GLU B 12 2.34 -9.13 -13.07
N ILE B 13 3.23 -8.33 -13.66
CA ILE B 13 2.93 -6.91 -13.92
C ILE B 13 1.86 -6.95 -15.01
N GLU B 14 2.03 -7.83 -16.01
CA GLU B 14 1.11 -8.01 -17.12
C GLU B 14 -0.27 -8.39 -16.59
N ARG B 15 -0.33 -9.31 -15.62
CA ARG B 15 -1.60 -9.76 -15.04
C ARG B 15 -2.35 -8.63 -14.32
N LEU B 16 -1.70 -7.50 -14.02
CA LEU B 16 -2.32 -6.36 -13.38
C LEU B 16 -2.67 -5.33 -14.45
N MET B 17 -1.91 -5.26 -15.55
CA MET B 17 -2.20 -4.33 -16.64
C MET B 17 -3.61 -4.60 -17.18
N SER B 18 -3.97 -5.87 -17.35
CA SER B 18 -5.27 -6.34 -17.85
C SER B 18 -6.46 -6.05 -16.93
N GLN B 19 -6.26 -5.31 -15.84
CA GLN B 19 -7.28 -4.93 -14.88
C GLN B 19 -7.65 -3.45 -15.04
N GLY B 20 -6.82 -2.68 -15.74
CA GLY B 20 -7.02 -1.24 -15.93
C GLY B 20 -6.11 -0.45 -14.99
N TYR B 21 -5.26 -1.15 -14.21
CA TYR B 21 -4.32 -0.53 -13.29
C TYR B 21 -3.11 -0.19 -14.17
N SER B 22 -2.62 1.05 -14.16
CA SER B 22 -1.49 1.43 -14.99
C SER B 22 -0.17 0.95 -14.40
N TYR B 23 0.84 0.82 -15.25
CA TYR B 23 2.19 0.39 -14.94
C TYR B 23 2.78 1.17 -13.77
N GLN B 24 2.54 2.49 -13.76
CA GLN B 24 3.02 3.38 -12.72
C GLN B 24 2.55 2.90 -11.36
N ASP B 25 1.24 2.70 -11.19
CA ASP B 25 0.65 2.24 -9.95
C ASP B 25 1.26 0.89 -9.57
N ILE B 26 1.32 -0.05 -10.51
CA ILE B 26 1.89 -1.37 -10.24
C ILE B 26 3.32 -1.22 -9.67
N GLN B 27 4.16 -0.40 -10.30
CA GLN B 27 5.53 -0.12 -9.89
C GLN B 27 5.54 0.53 -8.50
N LYS B 28 4.69 1.54 -8.23
CA LYS B 28 4.61 2.22 -6.94
C LYS B 28 4.32 1.19 -5.84
N ALA B 29 3.41 0.25 -6.08
CA ALA B 29 3.10 -0.76 -5.09
C ALA B 29 4.29 -1.69 -4.88
N LEU B 30 4.95 -2.17 -5.96
CA LEU B 30 6.09 -3.08 -5.85
C LEU B 30 7.23 -2.48 -5.02
N VAL B 31 7.64 -1.25 -5.31
CA VAL B 31 8.73 -0.60 -4.57
C VAL B 31 8.41 -0.43 -3.08
N ILE B 32 7.14 -0.29 -2.71
CA ILE B 32 6.71 -0.13 -1.31
C ILE B 32 6.44 -1.51 -0.69
N ALA B 33 6.16 -2.53 -1.48
CA ALA B 33 5.89 -3.88 -1.02
C ALA B 33 7.18 -4.72 -0.98
N HIS B 34 8.36 -4.10 -1.15
CA HIS B 34 9.66 -4.78 -1.16
C HIS B 34 9.62 -5.92 -2.19
N ASN B 35 9.11 -5.60 -3.39
CA ASN B 35 8.93 -6.48 -4.54
C ASN B 35 7.92 -7.61 -4.28
N ASN B 36 7.23 -7.62 -3.13
CA ASN B 36 6.25 -8.65 -2.82
C ASN B 36 5.04 -8.42 -3.71
N ILE B 37 4.95 -9.19 -4.78
CA ILE B 37 3.90 -9.12 -5.78
C ILE B 37 2.51 -9.35 -5.17
N GLU B 38 2.38 -10.26 -4.22
CA GLU B 38 1.10 -10.59 -3.58
C GLU B 38 0.64 -9.42 -2.71
N MET B 39 1.57 -8.89 -1.91
CA MET B 39 1.31 -7.76 -1.04
C MET B 39 0.90 -6.58 -1.92
N ALA B 40 1.66 -6.35 -3.00
CA ALA B 40 1.41 -5.29 -3.94
C ALA B 40 0.03 -5.46 -4.57
N LYS B 41 -0.34 -6.67 -5.01
CA LYS B 41 -1.65 -6.96 -5.60
C LYS B 41 -2.74 -6.49 -4.65
N ASN B 42 -2.57 -6.68 -3.34
CA ASN B 42 -3.55 -6.25 -2.34
C ASN B 42 -3.59 -4.72 -2.25
N ILE B 43 -2.44 -4.02 -2.23
CA ILE B 43 -2.41 -2.54 -2.18
C ILE B 43 -3.22 -2.02 -3.36
N LEU B 44 -2.87 -2.53 -4.53
CA LEU B 44 -3.47 -2.17 -5.80
C LEU B 44 -4.97 -2.44 -5.83
N ARG B 45 -5.50 -3.32 -4.98
CA ARG B 45 -6.93 -3.61 -4.96
C ARG B 45 -7.69 -2.76 -3.94
N GLU B 46 -7.04 -2.05 -3.02
CA GLU B 46 -7.71 -1.22 -2.00
C GLU B 46 -7.34 0.27 -2.08
N PHE B 47 -6.38 0.62 -2.93
CA PHE B 47 -5.92 1.98 -3.17
C PHE B 47 -6.22 2.24 -4.63
N SER B 48 -5.57 1.49 -5.52
CA SER B 48 -5.78 1.59 -6.96
C SER B 48 -7.07 0.81 -7.35
N GLY B 49 -7.76 0.22 -6.36
CA GLY B 49 -8.98 -0.57 -6.50
C GLY B 49 -10.02 -0.17 -5.45
N PRO B 50 -11.18 -0.85 -5.43
CA PRO B 50 -12.28 -0.56 -4.53
C PRO B 50 -12.06 -0.92 -3.06
N SER B 51 -12.85 -0.24 -2.25
CA SER B 51 -12.93 -0.34 -0.79
C SER B 51 -14.39 -0.22 -0.38
N SER B 52 -14.66 -0.15 0.92
CA SER B 52 -16.01 -0.04 1.47
C SER B 52 -16.09 1.22 2.33
N GLY B 53 -17.33 1.59 2.64
CA GLY B 53 -17.72 2.73 3.45
C GLY B 53 -17.31 4.04 2.82
N GLY A 1 18.84 4.32 12.59
CA GLY A 1 17.72 4.61 13.49
C GLY A 1 17.66 3.63 14.65
N SER A 2 16.49 3.51 15.30
CA SER A 2 16.26 2.64 16.43
C SER A 2 15.38 1.45 16.02
N SER A 3 15.84 0.67 15.05
CA SER A 3 15.15 -0.51 14.54
C SER A 3 15.59 -1.74 15.35
N GLY A 4 15.13 -2.94 14.99
CA GLY A 4 15.49 -4.18 15.67
C GLY A 4 14.41 -4.79 16.54
N SER A 5 13.18 -4.26 16.52
CA SER A 5 12.08 -4.77 17.32
C SER A 5 10.79 -4.88 16.51
N SER A 6 9.72 -5.31 17.18
CA SER A 6 8.38 -5.49 16.67
C SER A 6 7.40 -5.22 17.83
N GLY A 7 6.11 -5.29 17.57
CA GLY A 7 5.07 -5.07 18.56
C GLY A 7 3.91 -4.36 17.89
N GLN A 8 3.61 -3.14 18.32
CA GLN A 8 2.51 -2.35 17.76
C GLN A 8 2.99 -0.99 17.25
N LEU A 9 2.11 -0.37 16.45
CA LEU A 9 2.30 0.90 15.78
C LEU A 9 1.24 1.95 16.16
N SER A 10 0.47 1.76 17.24
CA SER A 10 -0.57 2.67 17.70
C SER A 10 -0.09 4.12 17.78
N SER A 11 0.97 4.38 18.55
CA SER A 11 1.55 5.70 18.75
C SER A 11 2.03 6.37 17.46
N GLU A 12 2.29 5.63 16.39
CA GLU A 12 2.72 6.20 15.12
C GLU A 12 1.50 6.61 14.29
N ILE A 13 0.31 6.02 14.53
CA ILE A 13 -0.90 6.37 13.80
C ILE A 13 -1.16 7.86 14.09
N GLU A 14 -1.09 8.19 15.38
CA GLU A 14 -1.31 9.51 15.94
C GLU A 14 -0.37 10.54 15.32
N ARG A 15 0.89 10.14 15.04
CA ARG A 15 1.86 11.04 14.43
C ARG A 15 1.46 11.30 12.99
N LEU A 16 0.94 10.29 12.29
CA LEU A 16 0.51 10.37 10.90
C LEU A 16 -0.74 11.23 10.74
N MET A 17 -1.63 11.31 11.74
CA MET A 17 -2.84 12.13 11.61
C MET A 17 -2.48 13.60 11.36
N SER A 18 -1.33 14.08 11.86
CA SER A 18 -0.91 15.46 11.65
C SER A 18 -0.64 15.75 10.17
N GLN A 19 -0.34 14.72 9.37
CA GLN A 19 -0.06 14.84 7.94
C GLN A 19 -1.37 14.80 7.12
N GLY A 20 -2.53 14.65 7.75
CA GLY A 20 -3.85 14.61 7.12
C GLY A 20 -4.41 13.22 6.91
N TYR A 21 -3.59 12.16 7.00
CA TYR A 21 -4.04 10.79 6.79
C TYR A 21 -5.15 10.43 7.77
N SER A 22 -6.28 10.01 7.22
CA SER A 22 -7.46 9.58 7.98
C SER A 22 -7.10 8.33 8.78
N TYR A 23 -7.65 8.22 9.99
CA TYR A 23 -7.41 7.08 10.88
C TYR A 23 -7.68 5.76 10.15
N GLN A 24 -8.79 5.67 9.43
CA GLN A 24 -9.14 4.45 8.71
C GLN A 24 -8.06 4.06 7.72
N ASP A 25 -7.56 5.01 6.91
CA ASP A 25 -6.52 4.73 5.91
C ASP A 25 -5.28 4.22 6.61
N ILE A 26 -4.89 4.81 7.74
CA ILE A 26 -3.71 4.35 8.47
C ILE A 26 -3.95 2.87 8.89
N GLN A 27 -5.16 2.54 9.34
CA GLN A 27 -5.55 1.18 9.73
C GLN A 27 -5.48 0.24 8.52
N LYS A 28 -6.09 0.59 7.37
CA LYS A 28 -6.08 -0.23 6.15
C LYS A 28 -4.63 -0.49 5.71
N ALA A 29 -3.80 0.55 5.71
CA ALA A 29 -2.41 0.45 5.31
C ALA A 29 -1.66 -0.54 6.21
N LEU A 30 -1.87 -0.51 7.53
CA LEU A 30 -1.19 -1.41 8.46
C LEU A 30 -1.51 -2.87 8.22
N VAL A 31 -2.80 -3.22 8.17
CA VAL A 31 -3.21 -4.61 7.98
C VAL A 31 -2.60 -5.18 6.68
N ILE A 32 -2.70 -4.45 5.57
CA ILE A 32 -2.15 -4.87 4.29
C ILE A 32 -0.62 -4.94 4.37
N ALA A 33 0.02 -4.00 5.06
CA ALA A 33 1.47 -3.94 5.22
C ALA A 33 2.03 -4.97 6.22
N HIS A 34 1.22 -5.91 6.73
CA HIS A 34 1.63 -6.92 7.71
C HIS A 34 2.13 -6.20 8.97
N ASN A 35 1.34 -5.24 9.46
CA ASN A 35 1.59 -4.40 10.62
C ASN A 35 3.01 -3.83 10.55
N ASN A 36 3.33 -3.13 9.46
CA ASN A 36 4.64 -2.52 9.23
C ASN A 36 4.44 -1.04 8.95
N ILE A 37 4.77 -0.17 9.90
CA ILE A 37 4.62 1.28 9.75
C ILE A 37 5.50 1.79 8.59
N GLU A 38 6.74 1.30 8.49
CA GLU A 38 7.73 1.71 7.51
C GLU A 38 7.35 1.38 6.07
N MET A 39 6.40 0.46 5.91
CA MET A 39 5.89 0.01 4.65
C MET A 39 4.57 0.76 4.42
N ALA A 40 3.70 0.81 5.43
CA ALA A 40 2.43 1.50 5.37
C ALA A 40 2.62 2.98 5.06
N LYS A 41 3.65 3.64 5.62
CA LYS A 41 3.96 5.05 5.38
C LYS A 41 4.16 5.27 3.89
N ASN A 42 4.85 4.35 3.21
CA ASN A 42 5.10 4.45 1.77
C ASN A 42 3.77 4.36 1.03
N ILE A 43 2.90 3.41 1.39
CA ILE A 43 1.60 3.26 0.73
C ILE A 43 0.84 4.59 0.84
N LEU A 44 0.79 5.16 2.05
CA LEU A 44 0.11 6.42 2.31
C LEU A 44 0.73 7.56 1.50
N ARG A 45 2.02 7.51 1.22
CA ARG A 45 2.73 8.54 0.45
C ARG A 45 2.34 8.49 -1.04
N GLU A 46 2.14 7.31 -1.59
CA GLU A 46 1.80 7.16 -3.01
C GLU A 46 0.30 7.16 -3.30
N PHE A 47 -0.49 6.28 -2.68
CA PHE A 47 -1.92 6.18 -2.94
C PHE A 47 -2.76 7.18 -2.16
N SER A 48 -2.17 7.88 -1.19
CA SER A 48 -2.84 8.86 -0.36
C SER A 48 -1.96 10.11 -0.32
N GLY A 49 -2.26 11.09 0.53
CA GLY A 49 -1.48 12.31 0.62
C GLY A 49 -2.10 13.28 1.62
N PRO A 50 -1.72 14.57 1.59
CA PRO A 50 -2.25 15.58 2.48
C PRO A 50 -3.70 15.94 2.13
N SER A 51 -4.31 16.80 2.94
CA SER A 51 -5.67 17.28 2.77
C SER A 51 -5.66 18.81 2.65
N SER A 52 -6.75 19.40 2.21
CA SER A 52 -6.89 20.84 2.06
C SER A 52 -8.35 21.29 2.12
N GLY A 53 -9.31 20.43 1.77
CA GLY A 53 -10.72 20.76 1.83
C GLY A 53 -11.24 20.39 3.20
N GLY B 1 -2.40 -22.49 -4.73
CA GLY B 1 -1.90 -23.40 -5.76
C GLY B 1 -0.40 -23.28 -5.83
N SER B 2 0.15 -23.12 -7.02
CA SER B 2 1.59 -22.97 -7.22
C SER B 2 2.05 -21.68 -6.56
N SER B 3 3.08 -21.77 -5.71
CA SER B 3 3.69 -20.67 -4.98
C SER B 3 5.06 -21.15 -4.49
N GLY B 4 5.64 -20.49 -3.47
CA GLY B 4 6.93 -20.86 -2.92
C GLY B 4 8.04 -20.05 -3.56
N SER B 5 8.17 -20.18 -4.87
CA SER B 5 9.14 -19.48 -5.69
C SER B 5 8.90 -17.95 -5.67
N SER B 6 9.75 -17.22 -6.37
CA SER B 6 9.74 -15.77 -6.52
C SER B 6 10.36 -15.45 -7.89
N GLY B 7 10.16 -14.24 -8.41
CA GLY B 7 10.71 -13.85 -9.70
C GLY B 7 10.13 -12.53 -10.17
N GLN B 8 9.65 -12.49 -11.41
CA GLN B 8 9.04 -11.33 -12.05
C GLN B 8 7.54 -11.52 -12.05
N LEU B 9 6.83 -10.47 -11.65
CA LEU B 9 5.37 -10.40 -11.55
C LEU B 9 4.79 -9.53 -12.68
N SER B 10 5.54 -9.36 -13.77
CA SER B 10 5.21 -8.59 -14.95
C SER B 10 3.98 -9.14 -15.67
N SER B 11 3.89 -10.45 -15.88
CA SER B 11 2.72 -11.04 -16.53
C SER B 11 1.48 -10.86 -15.64
N GLU B 12 1.68 -10.71 -14.32
CA GLU B 12 0.58 -10.50 -13.38
C GLU B 12 0.11 -9.05 -13.48
N ILE B 13 0.88 -8.11 -14.06
CA ILE B 13 0.48 -6.71 -14.23
C ILE B 13 -0.71 -6.76 -15.21
N GLU B 14 -0.56 -7.52 -16.30
CA GLU B 14 -1.60 -7.67 -17.31
C GLU B 14 -2.90 -8.19 -16.69
N ARG B 15 -2.83 -9.14 -15.75
CA ARG B 15 -4.02 -9.68 -15.09
C ARG B 15 -4.82 -8.57 -14.41
N LEU B 16 -4.14 -7.51 -13.95
CA LEU B 16 -4.74 -6.37 -13.28
C LEU B 16 -5.17 -5.31 -14.30
N MET B 17 -4.53 -5.24 -15.48
CA MET B 17 -4.94 -4.29 -16.51
C MET B 17 -6.37 -4.63 -16.95
N SER B 18 -6.72 -5.91 -16.91
CA SER B 18 -8.05 -6.41 -17.23
C SER B 18 -9.12 -5.87 -16.26
N GLN B 19 -8.71 -5.28 -15.13
CA GLN B 19 -9.60 -4.70 -14.13
C GLN B 19 -9.69 -3.17 -14.33
N GLY B 20 -8.77 -2.59 -15.11
CA GLY B 20 -8.68 -1.18 -15.44
C GLY B 20 -7.69 -0.40 -14.58
N TYR B 21 -7.02 -1.02 -13.58
CA TYR B 21 -6.04 -0.32 -12.73
C TYR B 21 -4.94 0.29 -13.60
N SER B 22 -4.51 1.50 -13.28
CA SER B 22 -3.47 2.19 -14.04
C SER B 22 -2.13 1.48 -13.90
N TYR B 23 -1.31 1.47 -14.95
CA TYR B 23 0.00 0.85 -14.96
C TYR B 23 0.82 1.41 -13.80
N GLN B 24 0.82 2.75 -13.65
CA GLN B 24 1.53 3.44 -12.60
C GLN B 24 1.07 2.95 -11.23
N ASP B 25 -0.24 2.81 -11.03
CA ASP B 25 -0.83 2.36 -9.76
C ASP B 25 -0.36 0.94 -9.46
N ILE B 26 -0.38 0.05 -10.46
CA ILE B 26 0.06 -1.32 -10.28
C ILE B 26 1.56 -1.32 -9.88
N GLN B 27 2.38 -0.51 -10.57
CA GLN B 27 3.82 -0.37 -10.32
C GLN B 27 4.05 0.15 -8.89
N LYS B 28 3.31 1.17 -8.44
CA LYS B 28 3.44 1.73 -7.09
C LYS B 28 3.16 0.62 -6.08
N ALA B 29 2.09 -0.14 -6.27
CA ALA B 29 1.73 -1.22 -5.37
C ALA B 29 2.86 -2.25 -5.32
N LEU B 30 3.44 -2.62 -6.48
CA LEU B 30 4.52 -3.60 -6.53
C LEU B 30 5.76 -3.10 -5.80
N VAL B 31 6.27 -1.91 -6.09
CA VAL B 31 7.48 -1.40 -5.44
C VAL B 31 7.28 -1.30 -3.92
N ILE B 32 6.13 -0.80 -3.47
CA ILE B 32 5.88 -0.66 -2.03
C ILE B 32 5.74 -2.06 -1.41
N ALA B 33 5.21 -3.04 -2.14
CA ALA B 33 5.03 -4.40 -1.66
C ALA B 33 6.28 -5.26 -1.86
N HIS B 34 7.43 -4.68 -2.22
CA HIS B 34 8.69 -5.38 -2.45
C HIS B 34 8.50 -6.48 -3.49
N ASN B 35 7.74 -6.17 -4.54
CA ASN B 35 7.39 -7.00 -5.68
C ASN B 35 6.37 -8.09 -5.35
N ASN B 36 5.81 -8.11 -4.14
CA ASN B 36 4.82 -9.11 -3.72
C ASN B 36 3.48 -8.78 -4.39
N ILE B 37 3.13 -9.46 -5.48
CA ILE B 37 1.90 -9.27 -6.25
C ILE B 37 0.65 -9.42 -5.38
N GLU B 38 0.65 -10.39 -4.48
CA GLU B 38 -0.46 -10.71 -3.59
C GLU B 38 -0.73 -9.56 -2.64
N MET B 39 0.34 -9.07 -2.02
CA MET B 39 0.28 -7.95 -1.10
C MET B 39 -0.15 -6.70 -1.87
N ALA B 40 0.47 -6.46 -3.04
CA ALA B 40 0.17 -5.33 -3.90
C ALA B 40 -1.30 -5.31 -4.30
N LYS B 41 -1.87 -6.47 -4.65
CA LYS B 41 -3.28 -6.57 -5.02
C LYS B 41 -4.14 -6.10 -3.87
N ASN B 42 -3.80 -6.51 -2.64
CA ASN B 42 -4.55 -6.12 -1.45
C ASN B 42 -4.51 -4.59 -1.31
N ILE B 43 -3.38 -3.93 -1.62
CA ILE B 43 -3.28 -2.46 -1.55
C ILE B 43 -4.32 -1.90 -2.52
N LEU B 44 -4.25 -2.34 -3.77
CA LEU B 44 -5.15 -1.94 -4.85
C LEU B 44 -6.60 -2.34 -4.58
N ARG B 45 -6.90 -3.09 -3.52
CA ARG B 45 -8.25 -3.54 -3.17
C ARG B 45 -8.90 -2.64 -2.13
N GLU B 46 -8.13 -1.87 -1.37
CA GLU B 46 -8.63 -0.99 -0.34
C GLU B 46 -8.22 0.48 -0.48
N PHE B 47 -7.33 0.83 -1.42
CA PHE B 47 -6.90 2.20 -1.65
C PHE B 47 -7.38 2.56 -3.05
N SER B 48 -6.75 2.03 -4.10
CA SER B 48 -7.16 2.27 -5.48
C SER B 48 -8.53 1.59 -5.69
N GLY B 49 -9.20 1.82 -6.82
CA GLY B 49 -10.50 1.24 -7.08
C GLY B 49 -10.83 1.16 -8.56
N PRO B 50 -12.03 0.66 -8.91
CA PRO B 50 -12.45 0.54 -10.30
C PRO B 50 -12.81 1.91 -10.87
N SER B 51 -12.62 2.08 -12.17
CA SER B 51 -12.92 3.29 -12.90
C SER B 51 -14.41 3.27 -13.25
N SER B 52 -14.93 4.31 -13.88
CA SER B 52 -16.32 4.41 -14.29
C SER B 52 -16.30 5.10 -15.65
N GLY B 53 -15.94 6.38 -15.66
CA GLY B 53 -15.80 7.18 -16.85
C GLY B 53 -14.52 6.76 -17.53
N GLY A 1 10.82 10.59 6.19
CA GLY A 1 10.07 11.34 7.21
C GLY A 1 11.00 12.18 8.07
N SER A 2 10.42 13.00 8.94
CA SER A 2 11.14 13.87 9.85
C SER A 2 11.68 13.08 11.06
N SER A 3 12.29 13.77 12.02
CA SER A 3 12.84 13.21 13.26
C SER A 3 12.16 13.96 14.42
N GLY A 4 12.13 13.35 15.59
CA GLY A 4 11.47 13.92 16.76
C GLY A 4 9.96 13.70 16.60
N SER A 5 9.18 14.06 17.61
CA SER A 5 7.72 13.90 17.59
C SER A 5 7.30 12.43 17.48
N SER A 6 8.19 11.48 17.80
CA SER A 6 7.89 10.07 17.76
C SER A 6 7.12 9.70 19.03
N GLY A 7 6.33 8.64 18.94
CA GLY A 7 5.51 8.12 20.02
C GLY A 7 5.04 6.74 19.58
N GLN A 8 4.05 6.17 20.26
CA GLN A 8 3.53 4.87 19.85
C GLN A 8 2.89 5.05 18.47
N LEU A 9 2.72 3.94 17.75
CA LEU A 9 2.14 3.91 16.41
C LEU A 9 0.75 4.55 16.41
N SER A 10 0.02 4.49 17.53
CA SER A 10 -1.29 5.09 17.68
C SER A 10 -1.26 6.58 17.32
N SER A 11 -0.20 7.28 17.75
CA SER A 11 0.03 8.69 17.53
C SER A 11 0.46 9.01 16.08
N GLU A 12 0.69 7.99 15.24
CA GLU A 12 1.05 8.16 13.84
C GLU A 12 -0.22 7.99 13.01
N ILE A 13 -1.18 7.15 13.46
CA ILE A 13 -2.45 6.95 12.77
C ILE A 13 -3.14 8.31 12.77
N GLU A 14 -3.18 8.97 13.93
CA GLU A 14 -3.80 10.28 14.09
C GLU A 14 -3.11 11.32 13.19
N ARG A 15 -1.81 11.17 12.91
CA ARG A 15 -1.13 12.13 12.04
C ARG A 15 -1.48 11.86 10.59
N LEU A 16 -1.70 10.59 10.22
CA LEU A 16 -2.08 10.24 8.86
C LEU A 16 -3.50 10.74 8.61
N MET A 17 -4.37 10.78 9.62
CA MET A 17 -5.75 11.27 9.45
C MET A 17 -5.71 12.73 9.01
N SER A 18 -4.71 13.51 9.45
CA SER A 18 -4.53 14.91 9.11
C SER A 18 -4.38 15.12 7.59
N GLN A 19 -3.90 14.10 6.87
CA GLN A 19 -3.73 14.17 5.41
C GLN A 19 -5.07 13.97 4.69
N GLY A 20 -6.13 13.59 5.41
CA GLY A 20 -7.47 13.37 4.87
C GLY A 20 -7.82 11.90 4.70
N TYR A 21 -6.93 10.99 5.08
CA TYR A 21 -7.14 9.55 4.97
C TYR A 21 -8.08 9.09 6.09
N SER A 22 -9.09 8.30 5.74
CA SER A 22 -10.04 7.78 6.72
C SER A 22 -9.36 6.64 7.49
N TYR A 23 -9.86 6.33 8.70
CA TYR A 23 -9.30 5.25 9.52
C TYR A 23 -9.17 3.95 8.74
N GLN A 24 -10.16 3.61 7.89
CA GLN A 24 -10.15 2.40 7.08
C GLN A 24 -8.90 2.34 6.19
N ASP A 25 -8.62 3.45 5.49
CA ASP A 25 -7.49 3.60 4.57
C ASP A 25 -6.19 3.44 5.32
N ILE A 26 -6.05 4.13 6.45
CA ILE A 26 -4.86 4.09 7.28
C ILE A 26 -4.63 2.64 7.77
N GLN A 27 -5.69 2.00 8.27
CA GLN A 27 -5.69 0.62 8.77
C GLN A 27 -5.25 -0.33 7.65
N LYS A 28 -5.83 -0.26 6.44
CA LYS A 28 -5.44 -1.11 5.32
C LYS A 28 -3.94 -1.05 5.09
N ALA A 29 -3.36 0.16 5.05
CA ALA A 29 -1.93 0.30 4.84
C ALA A 29 -1.14 -0.42 5.93
N LEU A 30 -1.60 -0.37 7.19
CA LEU A 30 -0.90 -1.04 8.28
C LEU A 30 -0.97 -2.55 8.10
N VAL A 31 -2.17 -3.13 8.00
CA VAL A 31 -2.30 -4.58 7.87
C VAL A 31 -1.55 -5.09 6.64
N ILE A 32 -1.62 -4.38 5.51
CA ILE A 32 -0.94 -4.80 4.29
C ILE A 32 0.59 -4.67 4.48
N ALA A 33 1.06 -3.79 5.37
CA ALA A 33 2.48 -3.59 5.67
C ALA A 33 2.91 -4.47 6.86
N HIS A 34 2.07 -5.45 7.25
CA HIS A 34 2.31 -6.37 8.37
C HIS A 34 2.45 -5.60 9.69
N ASN A 35 1.82 -4.42 9.77
CA ASN A 35 1.72 -3.42 10.84
C ASN A 35 2.85 -2.39 10.81
N ASN A 36 3.79 -2.46 9.86
CA ASN A 36 4.91 -1.53 9.75
C ASN A 36 4.42 -0.12 9.41
N ILE A 37 4.52 0.82 10.35
CA ILE A 37 4.07 2.21 10.17
C ILE A 37 4.87 2.97 9.11
N GLU A 38 6.19 2.77 9.04
CA GLU A 38 7.05 3.47 8.10
C GLU A 38 6.76 3.02 6.66
N MET A 39 6.50 1.73 6.49
CA MET A 39 6.17 1.13 5.21
C MET A 39 4.77 1.64 4.83
N ALA A 40 3.81 1.56 5.77
CA ALA A 40 2.44 2.01 5.57
C ALA A 40 2.40 3.50 5.20
N LYS A 41 3.26 4.34 5.81
CA LYS A 41 3.33 5.76 5.50
C LYS A 41 3.64 5.94 4.04
N ASN A 42 4.60 5.19 3.50
CA ASN A 42 4.98 5.27 2.09
C ASN A 42 3.83 4.87 1.19
N ILE A 43 2.97 3.92 1.58
CA ILE A 43 1.81 3.51 0.78
C ILE A 43 0.98 4.78 0.59
N LEU A 44 0.66 5.42 1.72
CA LEU A 44 -0.11 6.66 1.83
C LEU A 44 0.73 7.88 1.38
N ARG A 45 1.69 7.70 0.47
CA ARG A 45 2.57 8.76 -0.03
C ARG A 45 2.74 8.71 -1.56
N GLU A 46 2.47 7.55 -2.17
CA GLU A 46 2.56 7.36 -3.62
C GLU A 46 1.22 6.90 -4.21
N PHE A 47 0.24 6.61 -3.36
CA PHE A 47 -1.08 6.17 -3.75
C PHE A 47 -2.09 7.19 -3.23
N SER A 48 -2.59 6.95 -2.02
CA SER A 48 -3.54 7.79 -1.32
C SER A 48 -2.84 9.12 -1.02
N GLY A 49 -3.40 10.21 -1.53
CA GLY A 49 -2.88 11.56 -1.36
C GLY A 49 -3.09 12.35 -2.66
N PRO A 50 -2.62 13.60 -2.75
CA PRO A 50 -2.76 14.45 -3.93
C PRO A 50 -1.72 14.04 -5.00
N SER A 51 -1.58 12.75 -5.26
CA SER A 51 -0.67 12.14 -6.21
C SER A 51 -0.97 12.55 -7.66
N SER A 52 -0.09 12.21 -8.59
CA SER A 52 -0.22 12.52 -10.00
C SER A 52 0.64 11.57 -10.84
N GLY A 53 0.54 11.63 -12.17
CA GLY A 53 1.31 10.80 -13.09
C GLY A 53 0.40 9.85 -13.83
N GLY B 1 -3.94 -14.90 -3.48
CA GLY B 1 -4.89 -14.76 -4.59
C GLY B 1 -5.31 -16.13 -5.08
N SER B 2 -5.47 -16.31 -6.38
CA SER B 2 -5.84 -17.60 -6.96
C SER B 2 -4.63 -18.56 -6.86
N SER B 3 -4.71 -19.73 -7.48
CA SER B 3 -3.65 -20.72 -7.48
C SER B 3 -3.43 -21.17 -8.93
N GLY B 4 -2.19 -21.08 -9.41
CA GLY B 4 -1.78 -21.45 -10.76
C GLY B 4 -1.52 -20.20 -11.59
N SER B 5 -1.16 -20.37 -12.86
CA SER B 5 -0.87 -19.29 -13.80
C SER B 5 0.24 -18.33 -13.34
N SER B 6 0.96 -18.64 -12.26
CA SER B 6 2.03 -17.81 -11.73
C SER B 6 3.16 -17.79 -12.74
N GLY B 7 3.90 -16.69 -12.75
CA GLY B 7 5.02 -16.47 -13.64
C GLY B 7 6.12 -15.73 -12.91
N GLN B 8 7.07 -15.22 -13.69
CA GLN B 8 8.16 -14.42 -13.16
C GLN B 8 7.51 -13.10 -12.73
N LEU B 9 8.11 -12.32 -11.83
CA LEU B 9 7.55 -11.04 -11.37
C LEU B 9 7.15 -10.14 -12.55
N SER B 10 7.90 -10.22 -13.65
CA SER B 10 7.68 -9.48 -14.88
C SER B 10 6.29 -9.78 -15.45
N SER B 11 5.88 -11.06 -15.45
CA SER B 11 4.58 -11.50 -15.94
C SER B 11 3.50 -11.03 -14.98
N GLU B 12 3.74 -11.11 -13.66
CA GLU B 12 2.80 -10.72 -12.62
C GLU B 12 2.44 -9.23 -12.77
N ILE B 13 3.39 -8.37 -13.13
CA ILE B 13 3.16 -6.93 -13.34
C ILE B 13 2.10 -6.77 -14.43
N GLU B 14 2.15 -7.57 -15.49
CA GLU B 14 1.16 -7.48 -16.56
C GLU B 14 -0.18 -8.03 -16.10
N ARG B 15 -0.20 -9.03 -15.21
CA ARG B 15 -1.49 -9.56 -14.76
C ARG B 15 -2.26 -8.48 -14.00
N LEU B 16 -1.54 -7.49 -13.45
CA LEU B 16 -2.11 -6.37 -12.73
C LEU B 16 -2.57 -5.29 -13.70
N MET B 17 -1.90 -5.08 -14.86
CA MET B 17 -2.29 -4.07 -15.84
C MET B 17 -3.77 -4.19 -16.21
N SER B 18 -4.25 -5.43 -16.39
CA SER B 18 -5.62 -5.75 -16.75
C SER B 18 -6.69 -5.20 -15.79
N GLN B 19 -6.34 -4.71 -14.60
CA GLN B 19 -7.32 -4.13 -13.69
C GLN B 19 -7.55 -2.64 -14.00
N GLY B 20 -6.89 -2.10 -15.03
CA GLY B 20 -6.95 -0.70 -15.46
C GLY B 20 -5.76 0.09 -14.91
N TYR B 21 -4.87 -0.60 -14.21
CA TYR B 21 -3.68 -0.08 -13.58
C TYR B 21 -2.60 0.30 -14.58
N SER B 22 -1.84 1.33 -14.22
CA SER B 22 -0.73 1.83 -15.01
C SER B 22 0.56 1.26 -14.42
N TYR B 23 1.58 1.11 -15.26
CA TYR B 23 2.86 0.54 -14.84
C TYR B 23 3.48 1.21 -13.62
N GLN B 24 3.40 2.54 -13.49
CA GLN B 24 3.99 3.21 -12.32
C GLN B 24 3.29 2.80 -11.04
N ASP B 25 1.97 2.71 -11.06
CA ASP B 25 1.16 2.33 -9.90
C ASP B 25 1.65 0.98 -9.38
N ILE B 26 1.81 0.03 -10.29
CA ILE B 26 2.29 -1.32 -9.97
C ILE B 26 3.71 -1.22 -9.39
N GLN B 27 4.60 -0.47 -10.05
CA GLN B 27 5.97 -0.28 -9.59
C GLN B 27 6.01 0.35 -8.19
N LYS B 28 5.20 1.36 -7.90
CA LYS B 28 5.13 2.01 -6.60
C LYS B 28 4.76 0.97 -5.55
N ALA B 29 3.71 0.16 -5.78
CA ALA B 29 3.32 -0.86 -4.81
C ALA B 29 4.47 -1.83 -4.59
N LEU B 30 5.17 -2.23 -5.65
CA LEU B 30 6.28 -3.16 -5.57
C LEU B 30 7.40 -2.59 -4.73
N VAL B 31 7.92 -1.40 -5.06
CA VAL B 31 9.02 -0.82 -4.30
C VAL B 31 8.64 -0.61 -2.83
N ILE B 32 7.44 -0.10 -2.55
CA ILE B 32 6.98 0.14 -1.19
C ILE B 32 6.83 -1.20 -0.47
N ALA B 33 6.51 -2.29 -1.18
CA ALA B 33 6.37 -3.63 -0.61
C ALA B 33 7.72 -4.34 -0.50
N HIS B 34 8.84 -3.62 -0.69
CA HIS B 34 10.20 -4.15 -0.64
C HIS B 34 10.43 -5.18 -1.77
N ASN B 35 9.68 -5.05 -2.87
CA ASN B 35 9.64 -5.85 -4.11
C ASN B 35 8.75 -7.10 -3.97
N ASN B 36 8.06 -7.27 -2.84
CA ASN B 36 7.20 -8.42 -2.59
C ASN B 36 5.93 -8.30 -3.45
N ILE B 37 5.81 -9.12 -4.50
CA ILE B 37 4.66 -9.12 -5.41
C ILE B 37 3.34 -9.43 -4.70
N GLU B 38 3.29 -10.37 -3.75
CA GLU B 38 2.06 -10.73 -3.05
C GLU B 38 1.59 -9.56 -2.18
N MET B 39 2.53 -8.97 -1.44
CA MET B 39 2.28 -7.85 -0.57
C MET B 39 1.82 -6.67 -1.43
N ALA B 40 2.48 -6.43 -2.57
CA ALA B 40 2.12 -5.37 -3.49
C ALA B 40 0.72 -5.62 -4.03
N LYS B 41 0.40 -6.86 -4.44
CA LYS B 41 -0.91 -7.23 -4.96
C LYS B 41 -2.00 -6.84 -3.95
N ASN B 42 -1.75 -6.98 -2.64
CA ASN B 42 -2.73 -6.60 -1.61
C ASN B 42 -2.97 -5.09 -1.68
N ILE B 43 -1.91 -4.28 -1.79
CA ILE B 43 -2.04 -2.81 -1.88
C ILE B 43 -2.95 -2.52 -3.08
N LEU B 44 -2.63 -3.14 -4.22
CA LEU B 44 -3.34 -3.04 -5.49
C LEU B 44 -4.67 -3.80 -5.49
N ARG B 45 -5.30 -3.96 -4.33
CA ARG B 45 -6.58 -4.64 -4.13
C ARG B 45 -7.41 -3.89 -3.08
N GLU B 46 -6.79 -3.34 -2.05
CA GLU B 46 -7.52 -2.62 -0.99
C GLU B 46 -7.44 -1.09 -1.18
N PHE B 47 -6.52 -0.62 -2.03
CA PHE B 47 -6.32 0.79 -2.35
C PHE B 47 -6.60 1.03 -3.82
N SER B 48 -5.69 0.62 -4.72
CA SER B 48 -5.87 0.82 -6.15
C SER B 48 -7.10 0.00 -6.60
N GLY B 49 -7.82 0.52 -7.60
CA GLY B 49 -9.02 -0.09 -8.15
C GLY B 49 -10.28 0.63 -7.67
N PRO B 50 -11.47 0.12 -8.01
CA PRO B 50 -12.77 0.69 -7.65
C PRO B 50 -13.12 0.46 -6.18
N SER B 51 -12.21 0.80 -5.27
CA SER B 51 -12.33 0.68 -3.84
C SER B 51 -13.49 1.55 -3.37
N SER B 52 -14.12 1.20 -2.25
CA SER B 52 -15.24 1.95 -1.69
C SER B 52 -15.05 2.05 -0.17
N GLY B 53 -15.71 3.03 0.43
CA GLY B 53 -15.67 3.31 1.85
C GLY B 53 -16.31 4.65 2.11
N GLY A 1 21.69 3.67 13.87
CA GLY A 1 21.24 2.94 15.05
C GLY A 1 21.34 3.78 16.30
N SER A 2 20.29 4.54 16.62
CA SER A 2 20.21 5.39 17.80
C SER A 2 18.74 5.73 18.04
N SER A 3 18.17 6.65 17.26
CA SER A 3 16.79 7.09 17.35
C SER A 3 15.95 6.26 16.37
N GLY A 4 15.50 5.06 16.76
CA GLY A 4 14.70 4.23 15.87
C GLY A 4 14.00 3.07 16.58
N SER A 5 13.19 3.40 17.60
CA SER A 5 12.40 2.48 18.44
C SER A 5 11.27 1.82 17.65
N SER A 6 10.48 0.94 18.26
CA SER A 6 9.36 0.28 17.59
C SER A 6 8.26 -0.13 18.58
N GLY A 7 7.21 -0.76 18.06
CA GLY A 7 6.06 -1.27 18.79
C GLY A 7 5.04 -0.21 19.17
N GLN A 8 5.44 1.04 19.38
CA GLN A 8 4.52 2.12 19.72
C GLN A 8 3.96 2.69 18.43
N LEU A 9 3.24 1.84 17.69
CA LEU A 9 2.62 2.18 16.42
C LEU A 9 1.43 3.08 16.67
N SER A 10 0.69 2.93 17.77
CA SER A 10 -0.47 3.77 18.06
C SER A 10 -0.08 5.25 18.08
N SER A 11 1.06 5.59 18.67
CA SER A 11 1.52 6.96 18.72
C SER A 11 1.89 7.46 17.31
N GLU A 12 2.26 6.57 16.38
CA GLU A 12 2.60 6.95 15.00
C GLU A 12 1.29 7.15 14.22
N ILE A 13 0.21 6.44 14.56
CA ILE A 13 -1.09 6.60 13.90
C ILE A 13 -1.50 8.05 14.18
N GLU A 14 -1.29 8.53 15.42
CA GLU A 14 -1.62 9.89 15.82
C GLU A 14 -0.78 10.89 15.02
N ARG A 15 0.50 10.57 14.75
CA ARG A 15 1.39 11.45 13.99
C ARG A 15 0.90 11.51 12.54
N LEU A 16 0.37 10.40 12.01
CA LEU A 16 -0.17 10.32 10.66
C LEU A 16 -1.45 11.14 10.59
N MET A 17 -2.36 11.03 11.58
CA MET A 17 -3.61 11.79 11.60
C MET A 17 -3.32 13.29 11.50
N SER A 18 -2.20 13.74 12.06
CA SER A 18 -1.76 15.12 12.05
C SER A 18 -1.66 15.67 10.63
N GLN A 19 -1.23 14.87 9.65
CA GLN A 19 -1.09 15.28 8.25
C GLN A 19 -2.44 15.36 7.53
N GLY A 20 -3.50 14.86 8.14
CA GLY A 20 -4.86 14.84 7.61
C GLY A 20 -5.27 13.43 7.20
N TYR A 21 -4.32 12.48 7.16
CA TYR A 21 -4.57 11.10 6.78
C TYR A 21 -5.74 10.55 7.61
N SER A 22 -6.73 10.00 6.93
CA SER A 22 -7.91 9.45 7.58
C SER A 22 -7.56 8.15 8.29
N TYR A 23 -8.21 7.90 9.42
CA TYR A 23 -8.03 6.73 10.26
C TYR A 23 -8.25 5.46 9.47
N GLN A 24 -9.32 5.39 8.66
CA GLN A 24 -9.62 4.20 7.85
C GLN A 24 -8.39 3.83 7.00
N ASP A 25 -7.78 4.82 6.36
CA ASP A 25 -6.61 4.63 5.51
C ASP A 25 -5.42 4.18 6.34
N ILE A 26 -5.14 4.82 7.46
CA ILE A 26 -4.01 4.47 8.32
C ILE A 26 -4.12 2.99 8.73
N GLN A 27 -5.31 2.58 9.17
CA GLN A 27 -5.58 1.21 9.58
C GLN A 27 -5.41 0.23 8.40
N LYS A 28 -5.96 0.56 7.23
CA LYS A 28 -5.85 -0.30 6.03
C LYS A 28 -4.37 -0.45 5.66
N ALA A 29 -3.63 0.66 5.65
CA ALA A 29 -2.22 0.65 5.30
C ALA A 29 -1.47 -0.28 6.24
N LEU A 30 -1.74 -0.26 7.55
CA LEU A 30 -1.06 -1.09 8.52
C LEU A 30 -1.30 -2.58 8.30
N VAL A 31 -2.56 -3.00 8.18
CA VAL A 31 -2.88 -4.42 7.99
C VAL A 31 -2.25 -4.96 6.70
N ILE A 32 -2.33 -4.20 5.59
CA ILE A 32 -1.76 -4.62 4.31
C ILE A 32 -0.24 -4.56 4.37
N ALA A 33 0.35 -3.62 5.11
CA ALA A 33 1.79 -3.50 5.24
C ALA A 33 2.34 -4.59 6.18
N HIS A 34 1.52 -5.58 6.56
CA HIS A 34 1.88 -6.68 7.46
C HIS A 34 2.36 -6.07 8.79
N ASN A 35 1.55 -5.16 9.36
CA ASN A 35 1.78 -4.47 10.61
C ASN A 35 3.15 -3.77 10.69
N ASN A 36 3.52 -3.05 9.62
CA ASN A 36 4.77 -2.30 9.51
C ASN A 36 4.43 -0.85 9.26
N ILE A 37 4.76 0.02 10.22
CA ILE A 37 4.49 1.46 10.15
C ILE A 37 5.27 2.16 9.03
N GLU A 38 6.55 1.83 8.79
CA GLU A 38 7.36 2.45 7.74
C GLU A 38 6.83 2.09 6.35
N MET A 39 6.50 0.81 6.18
CA MET A 39 5.96 0.31 4.92
C MET A 39 4.60 0.97 4.70
N ALA A 40 3.77 1.07 5.75
CA ALA A 40 2.45 1.70 5.67
C ALA A 40 2.58 3.21 5.38
N LYS A 41 3.55 3.90 5.99
CA LYS A 41 3.79 5.34 5.77
C LYS A 41 3.97 5.58 4.28
N ASN A 42 4.74 4.73 3.60
CA ASN A 42 4.98 4.85 2.17
C ASN A 42 3.67 4.73 1.39
N ILE A 43 2.77 3.81 1.76
CA ILE A 43 1.49 3.64 1.08
C ILE A 43 0.73 4.96 1.14
N LEU A 44 0.61 5.52 2.35
CA LEU A 44 -0.10 6.77 2.57
C LEU A 44 0.60 7.95 1.87
N ARG A 45 1.89 7.86 1.57
CA ARG A 45 2.65 8.92 0.90
C ARG A 45 2.39 8.93 -0.60
N GLU A 46 1.89 7.84 -1.17
CA GLU A 46 1.62 7.72 -2.60
C GLU A 46 0.14 7.57 -2.96
N PHE A 47 -0.59 6.66 -2.31
CA PHE A 47 -2.02 6.44 -2.60
C PHE A 47 -2.94 7.41 -1.87
N SER A 48 -2.42 8.14 -0.88
CA SER A 48 -3.17 9.11 -0.12
C SER A 48 -2.32 10.39 -0.08
N GLY A 49 -2.84 11.43 0.56
CA GLY A 49 -2.20 12.71 0.69
C GLY A 49 -3.05 13.62 1.56
N PRO A 50 -2.73 14.91 1.62
CA PRO A 50 -3.49 15.86 2.41
C PRO A 50 -4.88 16.03 1.83
N SER A 51 -5.83 16.45 2.67
CA SER A 51 -7.22 16.64 2.29
C SER A 51 -7.68 17.98 2.88
N SER A 52 -7.70 19.02 2.04
CA SER A 52 -8.09 20.38 2.39
C SER A 52 -9.52 20.53 2.91
N GLY A 53 -10.42 19.56 2.71
CA GLY A 53 -11.80 19.62 3.17
C GLY A 53 -11.95 18.99 4.53
N GLY B 1 -0.08 -25.73 -0.72
CA GLY B 1 0.97 -25.38 -1.68
C GLY B 1 0.96 -26.34 -2.86
N SER B 2 0.53 -25.86 -4.03
CA SER B 2 0.48 -26.66 -5.25
C SER B 2 0.23 -25.81 -6.51
N SER B 3 -0.04 -24.51 -6.37
CA SER B 3 -0.30 -23.59 -7.46
C SER B 3 0.24 -22.24 -6.99
N GLY B 4 1.09 -21.59 -7.79
CA GLY B 4 1.70 -20.30 -7.49
C GLY B 4 3.15 -20.28 -7.92
N SER B 5 3.63 -19.17 -8.47
CA SER B 5 4.99 -18.99 -8.94
C SER B 5 5.48 -17.59 -8.54
N SER B 6 6.79 -17.41 -8.38
CA SER B 6 7.37 -16.14 -7.98
C SER B 6 8.63 -15.88 -8.82
N GLY B 7 8.50 -15.04 -9.84
CA GLY B 7 9.60 -14.68 -10.73
C GLY B 7 9.09 -13.83 -11.88
N GLN B 8 8.20 -14.39 -12.70
CA GLN B 8 7.60 -13.72 -13.85
C GLN B 8 6.53 -12.69 -13.45
N LEU B 9 6.86 -11.78 -12.53
CA LEU B 9 5.94 -10.76 -12.03
C LEU B 9 5.51 -9.79 -13.14
N SER B 10 6.22 -9.71 -14.26
CA SER B 10 5.81 -8.81 -15.35
C SER B 10 4.44 -9.26 -15.86
N SER B 11 4.19 -10.57 -15.91
CA SER B 11 2.93 -11.15 -16.35
C SER B 11 1.83 -10.77 -15.34
N GLU B 12 2.15 -10.72 -14.05
CA GLU B 12 1.17 -10.37 -13.02
C GLU B 12 0.71 -8.92 -13.15
N ILE B 13 1.56 -8.02 -13.66
CA ILE B 13 1.21 -6.61 -13.84
C ILE B 13 0.07 -6.57 -14.87
N GLU B 14 0.15 -7.37 -15.92
CA GLU B 14 -0.84 -7.45 -16.98
C GLU B 14 -2.17 -7.97 -16.42
N ARG B 15 -2.12 -8.99 -15.55
CA ARG B 15 -3.36 -9.51 -14.97
C ARG B 15 -4.03 -8.42 -14.14
N LEU B 16 -3.26 -7.50 -13.54
CA LEU B 16 -3.81 -6.40 -12.75
C LEU B 16 -4.34 -5.34 -13.70
N MET B 17 -3.65 -5.03 -14.81
CA MET B 17 -4.11 -4.04 -15.79
C MET B 17 -5.53 -4.39 -16.24
N SER B 18 -5.79 -5.67 -16.49
CA SER B 18 -7.09 -6.18 -16.92
C SER B 18 -8.22 -5.82 -15.93
N GLN B 19 -7.92 -5.42 -14.68
CA GLN B 19 -8.92 -5.05 -13.68
C GLN B 19 -9.20 -3.54 -13.63
N GLY B 20 -8.55 -2.77 -14.50
CA GLY B 20 -8.70 -1.31 -14.61
C GLY B 20 -7.61 -0.55 -13.87
N TYR B 21 -6.81 -1.23 -13.04
CA TYR B 21 -5.73 -0.60 -12.30
C TYR B 21 -4.74 -0.02 -13.31
N SER B 22 -4.46 1.26 -13.19
CA SER B 22 -3.55 1.98 -14.07
C SER B 22 -2.13 1.42 -13.93
N TYR B 23 -1.31 1.51 -14.98
CA TYR B 23 0.07 1.03 -14.92
C TYR B 23 0.80 1.67 -13.73
N GLN B 24 0.57 2.97 -13.52
CA GLN B 24 1.20 3.69 -12.42
C GLN B 24 0.76 3.11 -11.08
N ASP B 25 -0.53 2.83 -10.89
CA ASP B 25 -1.10 2.28 -9.66
C ASP B 25 -0.37 0.98 -9.33
N ILE B 26 -0.25 0.10 -10.33
CA ILE B 26 0.38 -1.20 -10.20
C ILE B 26 1.86 -1.03 -9.78
N GLN B 27 2.62 -0.20 -10.50
CA GLN B 27 4.04 0.03 -10.21
C GLN B 27 4.23 0.69 -8.84
N LYS B 28 3.39 1.66 -8.46
CA LYS B 28 3.47 2.33 -7.17
C LYS B 28 3.22 1.32 -6.06
N ALA B 29 2.26 0.42 -6.22
CA ALA B 29 1.99 -0.58 -5.21
C ALA B 29 3.18 -1.55 -5.08
N LEU B 30 3.80 -1.96 -6.19
CA LEU B 30 4.94 -2.88 -6.19
C LEU B 30 6.16 -2.31 -5.45
N VAL B 31 6.58 -1.07 -5.78
CA VAL B 31 7.76 -0.48 -5.15
C VAL B 31 7.58 -0.37 -3.62
N ILE B 32 6.35 -0.11 -3.15
CA ILE B 32 6.07 0.00 -1.72
C ILE B 32 5.92 -1.40 -1.08
N ALA B 33 5.61 -2.43 -1.86
CA ALA B 33 5.45 -3.79 -1.40
C ALA B 33 6.75 -4.58 -1.52
N HIS B 34 7.91 -3.93 -1.71
CA HIS B 34 9.21 -4.60 -1.86
C HIS B 34 9.11 -5.65 -2.98
N ASN B 35 8.48 -5.25 -4.09
CA ASN B 35 8.25 -6.02 -5.31
C ASN B 35 7.29 -7.22 -5.09
N ASN B 36 6.72 -7.40 -3.91
CA ASN B 36 5.80 -8.51 -3.60
C ASN B 36 4.45 -8.25 -4.26
N ILE B 37 4.13 -9.03 -5.30
CA ILE B 37 2.88 -8.92 -6.04
C ILE B 37 1.63 -9.10 -5.16
N GLU B 38 1.60 -10.13 -4.30
CA GLU B 38 0.46 -10.40 -3.44
C GLU B 38 0.20 -9.23 -2.50
N MET B 39 1.25 -8.75 -1.84
CA MET B 39 1.16 -7.63 -0.93
C MET B 39 0.65 -6.41 -1.71
N ALA B 40 1.22 -6.13 -2.89
CA ALA B 40 0.82 -5.01 -3.73
C ALA B 40 -0.66 -5.10 -4.13
N LYS B 41 -1.15 -6.29 -4.51
CA LYS B 41 -2.54 -6.52 -4.89
C LYS B 41 -3.47 -6.09 -3.75
N ASN B 42 -3.10 -6.41 -2.50
CA ASN B 42 -3.89 -6.05 -1.35
C ASN B 42 -4.03 -4.53 -1.24
N ILE B 43 -2.95 -3.77 -1.52
CA ILE B 43 -2.98 -2.30 -1.47
C ILE B 43 -4.01 -1.83 -2.48
N LEU B 44 -3.91 -2.33 -3.71
CA LEU B 44 -4.81 -1.99 -4.80
C LEU B 44 -6.26 -2.38 -4.51
N ARG B 45 -6.52 -3.29 -3.57
CA ARG B 45 -7.87 -3.73 -3.21
C ARG B 45 -8.54 -2.85 -2.14
N GLU B 46 -7.77 -2.04 -1.41
CA GLU B 46 -8.31 -1.17 -0.35
C GLU B 46 -8.05 0.32 -0.58
N PHE B 47 -7.11 0.67 -1.45
CA PHE B 47 -6.77 2.06 -1.76
C PHE B 47 -7.22 2.35 -3.19
N SER B 48 -6.72 1.57 -4.15
CA SER B 48 -7.10 1.74 -5.55
C SER B 48 -8.48 1.10 -5.76
N GLY B 49 -9.00 1.08 -7.00
CA GLY B 49 -10.30 0.49 -7.30
C GLY B 49 -10.48 0.23 -8.80
N PRO B 50 -11.64 -0.32 -9.20
CA PRO B 50 -11.95 -0.62 -10.59
C PRO B 50 -12.37 0.65 -11.32
N SER B 51 -11.41 1.44 -11.80
CA SER B 51 -11.63 2.68 -12.54
C SER B 51 -12.42 2.35 -13.82
N SER B 52 -13.65 2.86 -13.98
CA SER B 52 -14.51 2.60 -15.14
C SER B 52 -14.62 3.76 -16.13
N GLY B 53 -14.02 4.90 -15.83
CA GLY B 53 -14.04 6.08 -16.69
C GLY B 53 -13.03 7.03 -16.13
N GLY A 1 8.79 14.27 11.88
CA GLY A 1 9.98 15.05 11.51
C GLY A 1 10.31 16.05 12.59
N SER A 2 11.35 15.79 13.40
CA SER A 2 11.81 16.63 14.51
C SER A 2 10.89 16.42 15.72
N SER A 3 11.43 15.91 16.84
CA SER A 3 10.69 15.66 18.06
C SER A 3 11.64 15.71 19.25
N GLY A 4 11.14 16.08 20.43
CA GLY A 4 11.93 16.14 21.65
C GLY A 4 11.98 14.73 22.24
N SER A 5 10.82 14.12 22.45
CA SER A 5 10.66 12.78 22.98
C SER A 5 10.19 11.83 21.88
N SER A 6 10.09 10.54 22.19
CA SER A 6 9.67 9.47 21.29
C SER A 6 8.51 8.69 21.92
N GLY A 7 7.97 7.69 21.23
CA GLY A 7 6.87 6.90 21.75
C GLY A 7 6.54 5.71 20.87
N GLN A 8 5.46 5.01 21.22
CA GLN A 8 4.95 3.85 20.52
C GLN A 8 4.36 4.28 19.17
N LEU A 9 4.04 3.32 18.31
CA LEU A 9 3.45 3.62 17.00
C LEU A 9 2.10 4.31 17.21
N SER A 10 1.47 4.13 18.38
CA SER A 10 0.20 4.72 18.76
C SER A 10 0.30 6.26 18.68
N SER A 11 1.47 6.79 19.04
CA SER A 11 1.77 8.21 19.05
C SER A 11 1.97 8.75 17.62
N GLU A 12 2.29 7.89 16.65
CA GLU A 12 2.50 8.28 15.26
C GLU A 12 1.13 8.39 14.56
N ILE A 13 0.15 7.57 14.95
CA ILE A 13 -1.21 7.58 14.39
C ILE A 13 -1.77 9.00 14.61
N GLU A 14 -1.51 9.56 15.79
CA GLU A 14 -1.93 10.90 16.18
C GLU A 14 -1.32 11.94 15.23
N ARG A 15 -0.03 11.78 14.87
CA ARG A 15 0.62 12.74 13.98
C ARG A 15 0.10 12.59 12.56
N LEU A 16 -0.34 11.40 12.15
CA LEU A 16 -0.88 11.19 10.81
C LEU A 16 -2.21 11.92 10.66
N MET A 17 -3.02 12.02 11.72
CA MET A 17 -4.29 12.73 11.66
C MET A 17 -4.06 14.20 11.30
N SER A 18 -2.92 14.76 11.73
CA SER A 18 -2.52 16.13 11.48
C SER A 18 -2.23 16.38 9.99
N GLN A 19 -2.02 15.32 9.20
CA GLN A 19 -1.74 15.39 7.77
C GLN A 19 -3.03 15.25 6.95
N GLY A 20 -4.19 15.07 7.59
CA GLY A 20 -5.47 14.96 6.92
C GLY A 20 -5.94 13.54 6.60
N TYR A 21 -5.15 12.50 6.83
CA TYR A 21 -5.59 11.13 6.54
C TYR A 21 -6.65 10.68 7.55
N SER A 22 -7.57 9.81 7.14
CA SER A 22 -8.60 9.31 8.05
C SER A 22 -7.99 8.22 8.93
N TYR A 23 -8.63 7.92 10.07
CA TYR A 23 -8.15 6.90 10.98
C TYR A 23 -8.11 5.55 10.26
N GLN A 24 -9.12 5.28 9.43
CA GLN A 24 -9.21 4.03 8.67
C GLN A 24 -8.01 3.87 7.76
N ASP A 25 -7.62 4.92 7.03
CA ASP A 25 -6.46 4.88 6.12
C ASP A 25 -5.22 4.49 6.92
N ILE A 26 -5.03 5.14 8.07
CA ILE A 26 -3.90 4.90 8.93
C ILE A 26 -3.85 3.43 9.34
N GLN A 27 -4.94 2.89 9.89
CA GLN A 27 -4.98 1.50 10.29
C GLN A 27 -4.76 0.58 9.10
N LYS A 28 -5.56 0.70 8.04
CA LYS A 28 -5.46 -0.14 6.84
C LYS A 28 -4.03 -0.21 6.32
N ALA A 29 -3.31 0.91 6.29
CA ALA A 29 -1.95 0.92 5.79
C ALA A 29 -1.02 0.17 6.74
N LEU A 30 -1.19 0.35 8.06
CA LEU A 30 -0.37 -0.33 9.07
C LEU A 30 -0.52 -1.84 8.96
N VAL A 31 -1.75 -2.35 8.84
CA VAL A 31 -1.99 -3.79 8.75
C VAL A 31 -1.26 -4.35 7.52
N ILE A 32 -1.50 -3.77 6.34
CA ILE A 32 -0.88 -4.23 5.11
C ILE A 32 0.64 -4.07 5.17
N ALA A 33 1.18 -3.14 5.96
CA ALA A 33 2.61 -2.91 6.10
C ALA A 33 3.23 -3.84 7.15
N HIS A 34 2.48 -4.83 7.64
CA HIS A 34 2.90 -5.80 8.65
C HIS A 34 3.29 -5.07 9.95
N ASN A 35 2.56 -4.00 10.30
CA ASN A 35 2.69 -3.12 11.46
C ASN A 35 3.71 -1.98 11.26
N ASN A 36 4.43 -1.92 10.12
CA ASN A 36 5.44 -0.90 9.85
C ASN A 36 4.85 0.49 9.54
N ILE A 37 4.98 1.47 10.45
CA ILE A 37 4.47 2.85 10.29
C ILE A 37 5.15 3.61 9.15
N GLU A 38 6.45 3.46 8.97
CA GLU A 38 7.25 4.15 7.95
C GLU A 38 6.85 3.71 6.55
N MET A 39 6.64 2.41 6.41
CA MET A 39 6.22 1.77 5.17
C MET A 39 4.80 2.24 4.89
N ALA A 40 3.92 2.17 5.90
CA ALA A 40 2.55 2.60 5.79
C ALA A 40 2.49 4.07 5.38
N LYS A 41 3.40 4.91 5.89
CA LYS A 41 3.47 6.33 5.56
C LYS A 41 3.69 6.48 4.06
N ASN A 42 4.63 5.72 3.50
CA ASN A 42 4.93 5.76 2.07
C ASN A 42 3.66 5.42 1.27
N ILE A 43 2.86 4.43 1.72
CA ILE A 43 1.62 4.05 1.04
C ILE A 43 0.71 5.28 1.00
N LEU A 44 0.44 5.86 2.17
CA LEU A 44 -0.41 7.04 2.31
C LEU A 44 0.11 8.25 1.54
N ARG A 45 1.39 8.25 1.14
CA ARG A 45 1.99 9.37 0.41
C ARG A 45 1.80 9.25 -1.10
N GLU A 46 1.90 8.05 -1.67
CA GLU A 46 1.78 7.84 -3.12
C GLU A 46 0.38 7.41 -3.58
N PHE A 47 -0.50 7.01 -2.65
CA PHE A 47 -1.85 6.59 -2.95
C PHE A 47 -2.81 7.64 -2.42
N SER A 48 -3.00 7.64 -1.10
CA SER A 48 -3.87 8.56 -0.37
C SER A 48 -3.25 9.97 -0.35
N GLY A 49 -3.84 10.90 0.39
CA GLY A 49 -3.35 12.26 0.51
C GLY A 49 -4.13 13.04 1.56
N PRO A 50 -3.81 14.33 1.74
CA PRO A 50 -4.48 15.20 2.70
C PRO A 50 -5.88 15.56 2.19
N SER A 51 -6.69 16.17 3.05
CA SER A 51 -8.06 16.62 2.78
C SER A 51 -8.29 17.94 3.55
N SER A 52 -9.49 18.54 3.54
CA SER A 52 -9.70 19.81 4.24
C SER A 52 -11.11 19.95 4.82
N GLY A 53 -11.24 19.71 6.12
CA GLY A 53 -12.47 19.79 6.88
C GLY A 53 -12.14 19.87 8.36
N GLY B 1 -4.41 -17.25 -7.79
CA GLY B 1 -4.80 -17.32 -9.20
C GLY B 1 -4.36 -18.63 -9.80
N SER B 2 -5.28 -19.59 -9.98
CA SER B 2 -5.00 -20.92 -10.52
C SER B 2 -4.17 -20.81 -11.79
N SER B 3 -3.09 -21.59 -11.86
CA SER B 3 -2.18 -21.62 -12.98
C SER B 3 -1.51 -22.98 -13.09
N GLY B 4 -0.94 -23.25 -14.26
CA GLY B 4 -0.21 -24.45 -14.64
C GLY B 4 1.28 -24.12 -14.77
N SER B 5 1.63 -22.84 -14.83
CA SER B 5 2.99 -22.34 -14.93
C SER B 5 3.16 -21.14 -14.02
N SER B 6 4.27 -21.14 -13.30
CA SER B 6 4.70 -20.10 -12.38
C SER B 6 5.78 -19.27 -13.08
N GLY B 7 6.31 -18.21 -12.48
CA GLY B 7 7.33 -17.40 -13.13
C GLY B 7 7.72 -16.15 -12.34
N GLN B 8 8.26 -15.17 -13.05
CA GLN B 8 8.69 -13.88 -12.50
C GLN B 8 7.48 -13.04 -12.10
N LEU B 9 7.76 -11.89 -11.48
CA LEU B 9 6.74 -10.96 -11.04
C LEU B 9 6.10 -10.23 -12.23
N SER B 10 6.72 -10.28 -13.41
CA SER B 10 6.21 -9.64 -14.61
C SER B 10 4.81 -10.12 -14.93
N SER B 11 4.61 -11.44 -14.93
CA SER B 11 3.34 -12.07 -15.20
C SER B 11 2.27 -11.63 -14.19
N GLU B 12 2.65 -11.35 -12.95
CA GLU B 12 1.70 -10.95 -11.93
C GLU B 12 1.20 -9.53 -12.21
N ILE B 13 2.08 -8.64 -12.70
CA ILE B 13 1.72 -7.26 -13.05
C ILE B 13 0.71 -7.35 -14.19
N GLU B 14 1.02 -8.16 -15.21
CA GLU B 14 0.14 -8.35 -16.35
C GLU B 14 -1.20 -8.91 -15.88
N ARG B 15 -1.21 -9.79 -14.87
CA ARG B 15 -2.48 -10.35 -14.40
C ARG B 15 -3.25 -9.29 -13.63
N LEU B 16 -2.58 -8.37 -12.93
CA LEU B 16 -3.24 -7.32 -12.17
C LEU B 16 -3.88 -6.27 -13.07
N MET B 17 -3.38 -6.05 -14.29
CA MET B 17 -3.98 -5.06 -15.19
C MET B 17 -5.44 -5.44 -15.45
N SER B 18 -5.73 -6.74 -15.56
CA SER B 18 -7.06 -7.28 -15.79
C SER B 18 -8.01 -6.90 -14.65
N GLN B 19 -7.53 -6.75 -13.42
CA GLN B 19 -8.34 -6.39 -12.26
C GLN B 19 -8.77 -4.90 -12.26
N GLY B 20 -8.25 -4.08 -13.18
CA GLY B 20 -8.58 -2.66 -13.33
C GLY B 20 -7.53 -1.73 -12.72
N TYR B 21 -6.48 -2.29 -12.13
CA TYR B 21 -5.41 -1.51 -11.52
C TYR B 21 -4.48 -1.00 -12.63
N SER B 22 -4.33 0.31 -12.72
CA SER B 22 -3.46 0.93 -13.71
C SER B 22 -2.00 0.52 -13.44
N TYR B 23 -1.17 0.51 -14.48
CA TYR B 23 0.24 0.13 -14.36
C TYR B 23 0.97 0.95 -13.28
N GLN B 24 0.66 2.25 -13.19
CA GLN B 24 1.27 3.15 -12.22
C GLN B 24 1.05 2.65 -10.81
N ASP B 25 -0.20 2.33 -10.45
CA ASP B 25 -0.59 1.85 -9.13
C ASP B 25 0.14 0.56 -8.80
N ILE B 26 0.17 -0.38 -9.73
CA ILE B 26 0.85 -1.67 -9.54
C ILE B 26 2.34 -1.41 -9.23
N GLN B 27 2.99 -0.56 -10.04
CA GLN B 27 4.40 -0.20 -9.86
C GLN B 27 4.61 0.49 -8.50
N LYS B 28 3.88 1.57 -8.22
CA LYS B 28 3.99 2.34 -6.97
C LYS B 28 3.84 1.42 -5.76
N ALA B 29 2.92 0.45 -5.80
CA ALA B 29 2.74 -0.46 -4.68
C ALA B 29 4.01 -1.30 -4.47
N LEU B 30 4.75 -1.69 -5.52
CA LEU B 30 5.97 -2.50 -5.40
C LEU B 30 7.09 -1.70 -4.72
N VAL B 31 7.29 -0.44 -5.10
CA VAL B 31 8.34 0.42 -4.52
C VAL B 31 8.19 0.46 -2.99
N ILE B 32 6.95 0.54 -2.54
CA ILE B 32 6.59 0.64 -1.13
C ILE B 32 6.50 -0.74 -0.46
N ALA B 33 6.02 -1.79 -1.13
CA ALA B 33 5.91 -3.14 -0.57
C ALA B 33 7.25 -3.86 -0.57
N HIS B 34 8.31 -3.21 -1.04
CA HIS B 34 9.67 -3.74 -1.15
C HIS B 34 9.62 -4.95 -2.09
N ASN B 35 9.05 -4.69 -3.28
CA ASN B 35 8.84 -5.59 -4.41
C ASN B 35 8.01 -6.83 -4.05
N ASN B 36 7.33 -6.84 -2.90
CA ASN B 36 6.49 -7.96 -2.48
C ASN B 36 5.19 -7.88 -3.25
N ILE B 37 4.98 -8.75 -4.24
CA ILE B 37 3.77 -8.78 -5.06
C ILE B 37 2.52 -8.99 -4.19
N GLU B 38 2.54 -9.92 -3.24
CA GLU B 38 1.37 -10.17 -2.40
C GLU B 38 0.98 -8.95 -1.58
N MET B 39 1.96 -8.38 -0.87
CA MET B 39 1.79 -7.20 -0.03
C MET B 39 1.26 -6.07 -0.90
N ALA B 40 1.85 -5.87 -2.08
CA ALA B 40 1.42 -4.84 -3.00
C ALA B 40 -0.03 -5.08 -3.43
N LYS B 41 -0.42 -6.32 -3.71
CA LYS B 41 -1.79 -6.66 -4.12
C LYS B 41 -2.77 -6.30 -3.02
N ASN B 42 -2.38 -6.52 -1.76
CA ASN B 42 -3.21 -6.21 -0.60
C ASN B 42 -3.49 -4.71 -0.56
N ILE B 43 -2.51 -3.86 -0.91
CA ILE B 43 -2.67 -2.40 -0.93
C ILE B 43 -3.78 -2.12 -1.95
N LEU B 44 -3.67 -2.73 -3.14
CA LEU B 44 -4.64 -2.61 -4.23
C LEU B 44 -5.94 -3.35 -3.92
N ARG B 45 -6.20 -3.76 -2.67
CA ARG B 45 -7.42 -4.47 -2.28
C ARG B 45 -8.07 -3.86 -1.05
N GLU B 46 -7.60 -2.69 -0.64
CA GLU B 46 -8.08 -1.92 0.50
C GLU B 46 -8.13 -0.45 0.10
N PHE B 47 -7.08 0.09 -0.53
CA PHE B 47 -7.06 1.47 -0.95
C PHE B 47 -7.66 1.54 -2.35
N SER B 48 -6.88 1.20 -3.37
CA SER B 48 -7.30 1.19 -4.76
C SER B 48 -8.32 0.07 -5.01
N GLY B 49 -9.15 0.23 -6.05
CA GLY B 49 -10.20 -0.70 -6.46
C GLY B 49 -10.20 -0.94 -7.98
N PRO B 50 -11.16 -1.73 -8.48
CA PRO B 50 -11.29 -2.05 -9.92
C PRO B 50 -11.78 -0.85 -10.74
N SER B 51 -11.80 -1.01 -12.07
CA SER B 51 -12.24 -0.01 -13.01
C SER B 51 -12.80 -0.72 -14.24
N SER B 52 -13.57 -0.02 -15.09
CA SER B 52 -14.14 -0.57 -16.31
C SER B 52 -14.23 0.55 -17.33
N GLY B 53 -14.01 0.26 -18.60
CA GLY B 53 -14.04 1.20 -19.71
C GLY B 53 -13.23 0.58 -20.80
N GLY A 1 14.11 6.59 11.02
CA GLY A 1 13.20 7.21 11.99
C GLY A 1 13.97 7.90 13.09
N SER A 2 13.69 7.56 14.35
CA SER A 2 14.33 8.12 15.53
C SER A 2 15.20 7.04 16.20
N SER A 3 15.94 7.41 17.23
CA SER A 3 16.80 6.51 17.98
C SER A 3 16.70 6.81 19.47
N GLY A 4 15.87 6.03 20.13
CA GLY A 4 15.57 6.07 21.55
C GLY A 4 14.59 4.95 21.86
N SER A 5 14.26 4.81 23.13
CA SER A 5 13.35 3.83 23.69
C SER A 5 12.05 3.82 22.88
N SER A 6 11.90 2.82 22.00
CA SER A 6 10.78 2.61 21.11
C SER A 6 9.44 2.66 21.84
N GLY A 7 8.66 3.72 21.63
CA GLY A 7 7.35 3.87 22.23
C GLY A 7 6.35 3.04 21.44
N GLN A 8 5.11 2.99 21.92
CA GLN A 8 4.03 2.24 21.29
C GLN A 8 3.91 2.71 19.83
N LEU A 9 3.78 1.81 18.85
CA LEU A 9 3.68 2.20 17.44
C LEU A 9 2.44 3.05 17.17
N SER A 10 1.35 2.82 17.92
CA SER A 10 0.13 3.60 17.74
C SER A 10 0.32 5.09 18.05
N SER A 11 1.46 5.48 18.62
CA SER A 11 1.77 6.88 18.90
C SER A 11 1.93 7.61 17.57
N GLU A 12 2.40 6.92 16.53
CA GLU A 12 2.60 7.48 15.20
C GLU A 12 1.27 7.62 14.46
N ILE A 13 0.24 6.84 14.82
CA ILE A 13 -1.07 6.94 14.18
C ILE A 13 -1.60 8.34 14.46
N GLU A 14 -1.44 8.81 15.70
CA GLU A 14 -1.88 10.13 16.12
C GLU A 14 -1.13 11.21 15.33
N ARG A 15 0.11 10.95 14.91
CA ARG A 15 0.88 11.93 14.13
C ARG A 15 0.41 11.89 12.68
N LEU A 16 0.03 10.70 12.17
CA LEU A 16 -0.45 10.56 10.80
C LEU A 16 -1.83 11.19 10.65
N MET A 17 -2.65 11.25 11.72
CA MET A 17 -3.97 11.88 11.66
C MET A 17 -3.76 13.33 11.24
N SER A 18 -2.79 14.01 11.86
CA SER A 18 -2.44 15.40 11.59
C SER A 18 -1.99 15.59 10.14
N GLN A 19 -1.50 14.55 9.44
CA GLN A 19 -1.09 14.71 8.05
C GLN A 19 -2.31 14.77 7.12
N GLY A 20 -3.52 14.63 7.65
CA GLY A 20 -4.77 14.68 6.90
C GLY A 20 -5.29 13.31 6.49
N TYR A 21 -4.59 12.23 6.86
CA TYR A 21 -5.00 10.88 6.53
C TYR A 21 -6.06 10.45 7.55
N SER A 22 -7.18 9.91 7.10
CA SER A 22 -8.23 9.44 8.00
C SER A 22 -7.72 8.19 8.72
N TYR A 23 -8.24 7.93 9.90
CA TYR A 23 -7.88 6.78 10.72
C TYR A 23 -8.03 5.47 9.94
N GLN A 24 -9.03 5.38 9.06
CA GLN A 24 -9.30 4.22 8.23
C GLN A 24 -8.09 3.93 7.35
N ASP A 25 -7.63 4.92 6.59
CA ASP A 25 -6.49 4.82 5.69
C ASP A 25 -5.25 4.40 6.49
N ILE A 26 -4.97 5.11 7.59
CA ILE A 26 -3.81 4.81 8.44
C ILE A 26 -3.85 3.35 8.91
N GLN A 27 -4.99 2.88 9.41
CA GLN A 27 -5.14 1.49 9.86
C GLN A 27 -4.90 0.54 8.70
N LYS A 28 -5.63 0.68 7.57
CA LYS A 28 -5.48 -0.19 6.40
C LYS A 28 -4.03 -0.33 5.99
N ALA A 29 -3.29 0.79 5.95
CA ALA A 29 -1.88 0.77 5.57
C ALA A 29 -1.08 -0.10 6.54
N LEU A 30 -1.36 -0.01 7.85
CA LEU A 30 -0.65 -0.81 8.85
C LEU A 30 -0.92 -2.28 8.63
N VAL A 31 -2.19 -2.70 8.54
CA VAL A 31 -2.54 -4.10 8.35
C VAL A 31 -1.87 -4.69 7.10
N ILE A 32 -1.90 -3.95 5.99
CA ILE A 32 -1.31 -4.42 4.75
C ILE A 32 0.22 -4.37 4.81
N ALA A 33 0.83 -3.51 5.62
CA ALA A 33 2.27 -3.40 5.76
C ALA A 33 2.78 -4.30 6.91
N HIS A 34 1.97 -5.22 7.42
CA HIS A 34 2.33 -6.11 8.53
C HIS A 34 2.83 -5.28 9.71
N ASN A 35 2.03 -4.27 10.03
CA ASN A 35 2.17 -3.26 11.07
C ASN A 35 3.43 -2.40 10.94
N ASN A 36 4.17 -2.50 9.83
CA ASN A 36 5.38 -1.72 9.60
C ASN A 36 4.98 -0.27 9.34
N ILE A 37 5.08 0.62 10.33
CA ILE A 37 4.72 2.02 10.19
C ILE A 37 5.54 2.72 9.08
N GLU A 38 6.82 2.37 8.89
CA GLU A 38 7.68 2.98 7.88
C GLU A 38 7.18 2.70 6.45
N MET A 39 6.72 1.48 6.22
CA MET A 39 6.17 0.97 4.97
C MET A 39 4.76 1.51 4.80
N ALA A 40 3.96 1.49 5.87
CA ALA A 40 2.59 1.97 5.85
C ALA A 40 2.56 3.45 5.45
N LYS A 41 3.49 4.26 5.98
CA LYS A 41 3.57 5.69 5.65
C LYS A 41 3.81 5.89 4.16
N ASN A 42 4.56 4.98 3.51
CA ASN A 42 4.84 5.06 2.08
C ASN A 42 3.52 4.88 1.32
N ILE A 43 2.68 3.91 1.73
CA ILE A 43 1.38 3.64 1.11
C ILE A 43 0.58 4.94 1.11
N LEU A 44 0.44 5.55 2.29
CA LEU A 44 -0.28 6.79 2.51
C LEU A 44 0.28 8.00 1.74
N ARG A 45 1.51 7.94 1.22
CA ARG A 45 2.14 9.06 0.51
C ARG A 45 2.25 8.86 -0.99
N GLU A 46 1.97 7.66 -1.49
CA GLU A 46 2.02 7.33 -2.91
C GLU A 46 0.59 7.29 -3.47
N PHE A 47 -0.38 6.83 -2.67
CA PHE A 47 -1.77 6.73 -3.08
C PHE A 47 -2.58 7.87 -2.46
N SER A 48 -2.90 7.75 -1.16
CA SER A 48 -3.67 8.70 -0.36
C SER A 48 -2.99 10.08 -0.27
N GLY A 49 -3.64 11.06 0.34
CA GLY A 49 -3.11 12.41 0.49
C GLY A 49 -3.69 13.16 1.69
N PRO A 50 -3.23 14.40 1.92
CA PRO A 50 -3.69 15.25 3.03
C PRO A 50 -5.11 15.77 2.81
N SER A 51 -5.66 16.54 3.76
CA SER A 51 -7.01 17.09 3.70
C SER A 51 -7.02 18.49 4.31
N SER A 52 -8.21 19.06 4.53
CA SER A 52 -8.50 20.35 5.12
C SER A 52 -9.87 20.22 5.78
N GLY A 53 -10.21 21.10 6.73
CA GLY A 53 -11.50 21.04 7.42
C GLY A 53 -11.50 19.93 8.45
N GLY B 1 -1.64 -16.88 -3.78
CA GLY B 1 -0.59 -17.64 -4.50
C GLY B 1 -1.16 -18.68 -5.44
N SER B 2 -0.31 -19.28 -6.29
CA SER B 2 -0.66 -20.31 -7.25
C SER B 2 0.58 -21.16 -7.51
N SER B 3 0.75 -22.24 -6.74
CA SER B 3 1.88 -23.16 -6.84
C SER B 3 1.96 -23.80 -8.23
N GLY B 4 3.16 -23.87 -8.79
CA GLY B 4 3.50 -24.43 -10.10
C GLY B 4 4.91 -23.96 -10.47
N SER B 5 5.39 -24.25 -11.67
CA SER B 5 6.72 -23.82 -12.11
C SER B 5 6.70 -22.29 -12.15
N SER B 6 7.31 -21.65 -11.15
CA SER B 6 7.36 -20.21 -11.01
C SER B 6 8.04 -19.51 -12.20
N GLY B 7 7.72 -18.22 -12.37
CA GLY B 7 8.24 -17.38 -13.44
C GLY B 7 8.27 -15.91 -13.02
N GLN B 8 8.56 -15.04 -13.99
CA GLN B 8 8.65 -13.59 -13.82
C GLN B 8 7.36 -13.03 -13.21
N LEU B 9 7.54 -12.20 -12.18
CA LEU B 9 6.46 -11.56 -11.44
C LEU B 9 5.74 -10.48 -12.27
N SER B 10 6.26 -10.10 -13.43
CA SER B 10 5.67 -9.10 -14.30
C SER B 10 4.39 -9.63 -14.95
N SER B 11 4.22 -10.95 -15.10
CA SER B 11 3.04 -11.52 -15.71
C SER B 11 1.76 -11.21 -14.91
N GLU B 12 1.89 -10.85 -13.62
CA GLU B 12 0.78 -10.53 -12.73
C GLU B 12 0.38 -9.05 -12.86
N ILE B 13 1.28 -8.17 -13.33
CA ILE B 13 1.01 -6.74 -13.52
C ILE B 13 -0.11 -6.62 -14.54
N GLU B 14 0.02 -7.37 -15.64
CA GLU B 14 -0.94 -7.41 -16.73
C GLU B 14 -2.30 -7.90 -16.27
N ARG B 15 -2.36 -8.75 -15.24
CA ARG B 15 -3.63 -9.26 -14.73
C ARG B 15 -4.37 -8.11 -14.06
N LEU B 16 -3.65 -7.32 -13.27
CA LEU B 16 -4.20 -6.17 -12.56
C LEU B 16 -4.65 -5.08 -13.53
N MET B 17 -4.04 -4.98 -14.72
CA MET B 17 -4.45 -3.97 -15.70
C MET B 17 -5.90 -4.25 -16.08
N SER B 18 -6.26 -5.53 -16.30
CA SER B 18 -7.63 -5.89 -16.64
C SER B 18 -8.56 -5.75 -15.43
N GLN B 19 -8.03 -5.76 -14.20
CA GLN B 19 -8.82 -5.60 -12.99
C GLN B 19 -9.27 -4.14 -12.80
N GLY B 20 -8.85 -3.23 -13.69
CA GLY B 20 -9.20 -1.83 -13.68
C GLY B 20 -8.15 -0.93 -13.03
N TYR B 21 -7.05 -1.48 -12.54
CA TYR B 21 -6.00 -0.71 -11.89
C TYR B 21 -5.08 -0.10 -12.94
N SER B 22 -4.75 1.18 -12.78
CA SER B 22 -3.87 1.87 -13.71
C SER B 22 -2.42 1.42 -13.46
N TYR B 23 -1.58 1.46 -14.49
CA TYR B 23 -0.19 1.06 -14.39
C TYR B 23 0.55 1.69 -13.20
N GLN B 24 0.32 2.99 -12.97
CA GLN B 24 0.96 3.73 -11.88
C GLN B 24 0.62 3.08 -10.55
N ASP B 25 -0.67 2.90 -10.27
CA ASP B 25 -1.19 2.30 -9.04
C ASP B 25 -0.55 0.92 -8.85
N ILE B 26 -0.52 0.10 -9.90
CA ILE B 26 0.06 -1.23 -9.85
C ILE B 26 1.53 -1.15 -9.43
N GLN B 27 2.33 -0.32 -10.10
CA GLN B 27 3.75 -0.17 -9.80
C GLN B 27 3.96 0.38 -8.38
N LYS B 28 3.16 1.36 -7.95
CA LYS B 28 3.26 1.95 -6.62
C LYS B 28 3.06 0.88 -5.57
N ALA B 29 2.02 0.05 -5.72
CA ALA B 29 1.76 -0.99 -4.75
C ALA B 29 2.94 -1.96 -4.70
N LEU B 30 3.52 -2.30 -5.86
CA LEU B 30 4.65 -3.21 -5.95
C LEU B 30 5.88 -2.67 -5.24
N VAL B 31 6.32 -1.46 -5.58
CA VAL B 31 7.51 -0.88 -4.98
C VAL B 31 7.39 -0.76 -3.46
N ILE B 32 6.26 -0.24 -2.96
CA ILE B 32 6.04 -0.09 -1.53
C ILE B 32 6.01 -1.45 -0.84
N ALA B 33 5.52 -2.50 -1.51
CA ALA B 33 5.45 -3.84 -0.95
C ALA B 33 6.80 -4.58 -1.12
N HIS B 34 7.85 -3.90 -1.56
CA HIS B 34 9.18 -4.43 -1.80
C HIS B 34 9.05 -5.59 -2.79
N ASN B 35 8.40 -5.32 -3.94
CA ASN B 35 8.10 -6.22 -5.05
C ASN B 35 7.09 -7.32 -4.68
N ASN B 36 6.61 -7.42 -3.44
CA ASN B 36 5.68 -8.49 -3.05
C ASN B 36 4.33 -8.32 -3.75
N ILE B 37 4.06 -9.12 -4.78
CA ILE B 37 2.84 -9.10 -5.57
C ILE B 37 1.55 -9.26 -4.75
N GLU B 38 1.53 -10.18 -3.78
CA GLU B 38 0.37 -10.48 -2.92
C GLU B 38 0.07 -9.31 -2.01
N MET B 39 1.12 -8.81 -1.34
CA MET B 39 1.06 -7.68 -0.42
C MET B 39 0.60 -6.45 -1.21
N ALA B 40 1.14 -6.25 -2.41
CA ALA B 40 0.79 -5.15 -3.29
C ALA B 40 -0.68 -5.24 -3.70
N LYS B 41 -1.18 -6.45 -4.04
CA LYS B 41 -2.59 -6.63 -4.41
C LYS B 41 -3.47 -6.19 -3.25
N ASN B 42 -3.08 -6.47 -2.00
CA ASN B 42 -3.86 -6.05 -0.84
C ASN B 42 -3.98 -4.52 -0.81
N ILE B 43 -2.90 -3.79 -1.14
CA ILE B 43 -2.90 -2.33 -1.17
C ILE B 43 -3.95 -1.89 -2.19
N LEU B 44 -3.89 -2.43 -3.40
CA LEU B 44 -4.83 -2.12 -4.47
C LEU B 44 -6.26 -2.52 -4.10
N ARG B 45 -6.48 -3.46 -3.17
CA ARG B 45 -7.80 -3.91 -2.77
C ARG B 45 -8.45 -2.96 -1.76
N GLU B 46 -7.70 -2.46 -0.76
CA GLU B 46 -8.26 -1.59 0.27
C GLU B 46 -8.11 -0.09 -0.02
N PHE B 47 -7.24 0.31 -0.96
CA PHE B 47 -7.02 1.72 -1.30
C PHE B 47 -7.50 2.03 -2.72
N SER B 48 -6.80 1.51 -3.73
CA SER B 48 -7.11 1.73 -5.13
C SER B 48 -8.44 1.06 -5.52
N GLY B 49 -8.87 1.24 -6.77
CA GLY B 49 -10.10 0.67 -7.30
C GLY B 49 -10.15 0.75 -8.83
N PRO B 50 -11.10 0.05 -9.45
CA PRO B 50 -11.29 0.04 -10.90
C PRO B 50 -11.80 1.40 -11.40
N SER B 51 -11.88 1.55 -12.72
CA SER B 51 -12.32 2.76 -13.40
C SER B 51 -13.39 2.40 -14.45
N SER B 52 -13.81 3.34 -15.31
CA SER B 52 -14.80 3.09 -16.35
C SER B 52 -14.36 3.82 -17.60
N GLY B 53 -14.69 3.30 -18.78
CA GLY B 53 -14.30 3.88 -20.04
C GLY B 53 -13.04 3.14 -20.40
N GLY A 1 14.63 -11.39 20.22
CA GLY A 1 13.21 -11.13 20.00
C GLY A 1 13.00 -10.45 18.66
N SER A 2 12.10 -10.97 17.82
CA SER A 2 11.77 -10.45 16.50
C SER A 2 10.95 -9.16 16.66
N SER A 3 9.64 -9.28 16.88
CA SER A 3 8.74 -8.13 17.06
C SER A 3 9.04 -7.40 18.37
N GLY A 4 9.69 -8.06 19.34
CA GLY A 4 10.01 -7.45 20.61
C GLY A 4 8.78 -7.40 21.49
N SER A 5 8.85 -6.59 22.55
CA SER A 5 7.78 -6.41 23.51
C SER A 5 6.79 -5.31 23.09
N SER A 6 7.28 -4.22 22.47
CA SER A 6 6.41 -3.14 22.05
C SER A 6 5.60 -3.50 20.80
N GLY A 7 4.50 -2.79 20.58
CA GLY A 7 3.59 -2.97 19.46
C GLY A 7 2.30 -2.23 19.76
N GLN A 8 2.36 -0.90 19.74
CA GLN A 8 1.24 0.00 19.99
C GLN A 8 1.06 0.85 18.74
N LEU A 9 0.49 0.26 17.69
CA LEU A 9 0.28 0.93 16.41
C LEU A 9 -0.72 2.08 16.50
N SER A 10 -1.59 2.11 17.51
CA SER A 10 -2.57 3.18 17.67
C SER A 10 -1.89 4.56 17.69
N SER A 11 -0.75 4.65 18.40
CA SER A 11 0.04 5.85 18.51
C SER A 11 0.59 6.30 17.15
N GLU A 12 0.79 5.37 16.21
CA GLU A 12 1.29 5.65 14.87
C GLU A 12 0.15 6.13 13.97
N ILE A 13 -1.10 5.72 14.23
CA ILE A 13 -2.24 6.17 13.43
C ILE A 13 -2.29 7.69 13.64
N GLU A 14 -2.15 8.16 14.88
CA GLU A 14 -2.15 9.59 15.21
C GLU A 14 -0.99 10.31 14.51
N ARG A 15 0.18 9.66 14.36
CA ARG A 15 1.31 10.27 13.69
C ARG A 15 0.94 10.51 12.22
N LEU A 16 0.33 9.52 11.57
CA LEU A 16 -0.12 9.58 10.18
C LEU A 16 -1.24 10.60 9.99
N MET A 17 -2.15 10.74 10.95
CA MET A 17 -3.25 11.71 10.84
C MET A 17 -2.69 13.13 10.66
N SER A 18 -1.51 13.39 11.23
CA SER A 18 -0.78 14.64 11.18
C SER A 18 -0.16 14.94 9.79
N GLN A 19 -0.44 14.12 8.78
CA GLN A 19 0.03 14.26 7.42
C GLN A 19 -1.11 14.51 6.43
N GLY A 20 -2.37 14.51 6.92
CA GLY A 20 -3.57 14.75 6.13
C GLY A 20 -4.32 13.45 5.83
N TYR A 21 -3.70 12.29 6.00
CA TYR A 21 -4.34 11.00 5.72
C TYR A 21 -5.52 10.79 6.68
N SER A 22 -6.74 10.65 6.15
CA SER A 22 -7.91 10.43 6.99
C SER A 22 -7.84 9.01 7.58
N TYR A 23 -8.56 8.76 8.67
CA TYR A 23 -8.58 7.46 9.35
C TYR A 23 -8.88 6.32 8.38
N GLN A 24 -9.82 6.55 7.46
CA GLN A 24 -10.25 5.59 6.45
C GLN A 24 -9.03 4.99 5.74
N ASP A 25 -8.25 5.86 5.13
CA ASP A 25 -7.04 5.56 4.39
C ASP A 25 -6.01 4.92 5.30
N ILE A 26 -5.76 5.47 6.49
CA ILE A 26 -4.77 4.89 7.41
C ILE A 26 -5.11 3.43 7.71
N GLN A 27 -6.38 3.14 8.04
CA GLN A 27 -6.78 1.76 8.32
C GLN A 27 -6.61 0.92 7.06
N LYS A 28 -7.16 1.33 5.90
CA LYS A 28 -7.04 0.55 4.65
C LYS A 28 -5.57 0.19 4.39
N ALA A 29 -4.66 1.13 4.61
CA ALA A 29 -3.24 0.93 4.39
C ALA A 29 -2.71 -0.12 5.37
N LEU A 30 -2.99 0.01 6.67
CA LEU A 30 -2.53 -0.95 7.69
C LEU A 30 -3.09 -2.34 7.42
N VAL A 31 -4.38 -2.44 7.12
CA VAL A 31 -5.12 -3.66 6.83
C VAL A 31 -4.44 -4.40 5.67
N ILE A 32 -4.27 -3.70 4.55
CA ILE A 32 -3.67 -4.29 3.38
C ILE A 32 -2.18 -4.60 3.64
N ALA A 33 -1.52 -3.94 4.61
CA ALA A 33 -0.11 -4.12 4.96
C ALA A 33 0.11 -5.19 6.03
N HIS A 34 -0.93 -5.95 6.39
CA HIS A 34 -0.85 -6.99 7.43
C HIS A 34 -0.34 -6.36 8.75
N ASN A 35 -0.81 -5.15 9.06
CA ASN A 35 -0.48 -4.34 10.25
C ASN A 35 0.98 -3.85 10.30
N ASN A 36 1.64 -3.72 9.15
CA ASN A 36 3.01 -3.23 9.03
C ASN A 36 2.91 -1.71 8.82
N ILE A 37 3.30 -0.91 9.81
CA ILE A 37 3.23 0.55 9.75
C ILE A 37 4.23 1.12 8.73
N GLU A 38 5.45 0.59 8.66
CA GLU A 38 6.49 1.07 7.73
C GLU A 38 5.96 1.00 6.28
N MET A 39 5.31 -0.12 5.97
CA MET A 39 4.71 -0.45 4.69
C MET A 39 3.55 0.52 4.43
N ALA A 40 2.59 0.59 5.35
CA ALA A 40 1.44 1.47 5.23
C ALA A 40 1.86 2.93 5.00
N LYS A 41 2.91 3.40 5.69
CA LYS A 41 3.42 4.75 5.55
C LYS A 41 3.85 5.03 4.12
N ASN A 42 4.54 4.09 3.46
CA ASN A 42 4.97 4.27 2.07
C ASN A 42 3.76 4.36 1.16
N ILE A 43 2.76 3.50 1.34
CA ILE A 43 1.55 3.48 0.52
C ILE A 43 0.87 4.83 0.59
N LEU A 44 0.64 5.33 1.81
CA LEU A 44 -0.01 6.61 2.02
C LEU A 44 0.84 7.72 1.41
N ARG A 45 2.16 7.70 1.59
CA ARG A 45 3.03 8.72 1.03
C ARG A 45 2.99 8.73 -0.50
N GLU A 46 2.86 7.57 -1.16
CA GLU A 46 2.84 7.48 -2.62
C GLU A 46 1.44 7.69 -3.20
N PHE A 47 0.53 6.75 -2.98
CA PHE A 47 -0.84 6.77 -3.50
C PHE A 47 -1.71 7.90 -2.95
N SER A 48 -1.77 8.04 -1.63
CA SER A 48 -2.56 9.04 -0.91
C SER A 48 -1.79 10.35 -0.72
N GLY A 49 -0.67 10.56 -1.42
CA GLY A 49 0.15 11.75 -1.29
C GLY A 49 0.02 12.74 -2.46
N PRO A 50 0.91 13.74 -2.50
CA PRO A 50 0.90 14.76 -3.55
C PRO A 50 1.35 14.28 -4.92
N SER A 51 2.15 13.22 -5.02
CA SER A 51 2.69 12.65 -6.25
C SER A 51 1.58 12.00 -7.07
N SER A 52 1.39 12.49 -8.30
CA SER A 52 0.40 11.99 -9.23
C SER A 52 0.92 10.71 -9.93
N GLY A 53 1.02 10.70 -11.26
CA GLY A 53 1.50 9.59 -12.05
C GLY A 53 1.55 10.05 -13.48
N GLY B 1 10.18 -26.57 -0.75
CA GLY B 1 9.88 -25.42 -1.62
C GLY B 1 9.13 -24.34 -0.87
N SER B 2 9.45 -23.06 -1.13
CA SER B 2 8.81 -21.89 -0.51
C SER B 2 8.28 -20.89 -1.55
N SER B 3 8.76 -20.95 -2.80
CA SER B 3 8.37 -20.08 -3.91
C SER B 3 8.24 -20.92 -5.21
N GLY B 4 8.35 -22.24 -5.11
CA GLY B 4 8.28 -23.19 -6.20
C GLY B 4 9.38 -22.91 -7.22
N SER B 5 9.08 -23.15 -8.49
CA SER B 5 10.00 -22.93 -9.61
C SER B 5 9.43 -21.74 -10.38
N SER B 6 8.25 -21.86 -10.98
CA SER B 6 7.63 -20.75 -11.70
C SER B 6 7.29 -19.64 -10.70
N GLY B 7 7.30 -18.40 -11.16
CA GLY B 7 7.00 -17.24 -10.33
C GLY B 7 7.40 -15.98 -11.06
N GLN B 8 6.79 -15.75 -12.21
CA GLN B 8 7.02 -14.57 -13.05
C GLN B 8 6.01 -13.51 -12.63
N LEU B 9 6.34 -12.22 -12.77
CA LEU B 9 5.42 -11.15 -12.39
C LEU B 9 4.94 -10.31 -13.57
N SER B 10 5.62 -10.35 -14.72
CA SER B 10 5.21 -9.56 -15.89
C SER B 10 3.79 -9.91 -16.34
N SER B 11 3.45 -11.20 -16.37
CA SER B 11 2.13 -11.66 -16.78
C SER B 11 1.04 -11.16 -15.83
N GLU B 12 1.41 -10.77 -14.61
CA GLU B 12 0.49 -10.26 -13.61
C GLU B 12 0.35 -8.75 -13.80
N ILE B 13 1.37 -8.05 -14.30
CA ILE B 13 1.29 -6.60 -14.55
C ILE B 13 0.25 -6.48 -15.67
N GLU B 14 0.33 -7.35 -16.69
CA GLU B 14 -0.59 -7.39 -17.82
C GLU B 14 -2.02 -7.58 -17.29
N ARG B 15 -2.21 -8.50 -16.33
CA ARG B 15 -3.53 -8.75 -15.74
C ARG B 15 -4.02 -7.49 -15.04
N LEU B 16 -3.13 -6.83 -14.28
CA LEU B 16 -3.47 -5.60 -13.58
C LEU B 16 -3.78 -4.48 -14.58
N MET B 17 -3.19 -4.46 -15.78
CA MET B 17 -3.51 -3.41 -16.75
C MET B 17 -4.99 -3.53 -17.12
N SER B 18 -5.48 -4.75 -17.33
CA SER B 18 -6.87 -5.01 -17.67
C SER B 18 -7.82 -4.45 -16.61
N GLN B 19 -7.40 -4.31 -15.33
CA GLN B 19 -8.27 -3.74 -14.28
C GLN B 19 -8.52 -2.24 -14.55
N GLY B 20 -7.75 -1.62 -15.45
CA GLY B 20 -7.84 -0.22 -15.84
C GLY B 20 -6.81 0.68 -15.18
N TYR B 21 -5.98 0.16 -14.28
CA TYR B 21 -4.97 0.97 -13.60
C TYR B 21 -3.85 1.42 -14.53
N SER B 22 -3.05 2.39 -14.09
CA SER B 22 -1.91 2.95 -14.80
C SER B 22 -0.69 2.03 -14.60
N TYR B 23 0.26 1.98 -15.55
CA TYR B 23 1.45 1.12 -15.42
C TYR B 23 2.24 1.48 -14.16
N GLN B 24 2.41 2.78 -13.94
CA GLN B 24 3.14 3.34 -12.82
C GLN B 24 2.57 2.84 -11.50
N ASP B 25 1.26 2.95 -11.30
CA ASP B 25 0.57 2.52 -10.09
C ASP B 25 0.82 1.04 -9.82
N ILE B 26 0.88 0.21 -10.86
CA ILE B 26 1.13 -1.22 -10.70
C ILE B 26 2.52 -1.39 -10.09
N GLN B 27 3.52 -0.71 -10.66
CA GLN B 27 4.89 -0.80 -10.16
C GLN B 27 4.97 -0.26 -8.73
N LYS B 28 4.35 0.89 -8.44
CA LYS B 28 4.36 1.50 -7.11
C LYS B 28 3.76 0.53 -6.09
N ALA B 29 2.60 -0.07 -6.37
CA ALA B 29 2.02 -1.01 -5.42
C ALA B 29 2.91 -2.24 -5.27
N LEU B 30 3.52 -2.73 -6.35
CA LEU B 30 4.37 -3.91 -6.30
C LEU B 30 5.57 -3.67 -5.40
N VAL B 31 6.31 -2.59 -5.60
CA VAL B 31 7.49 -2.30 -4.78
C VAL B 31 7.11 -2.14 -3.31
N ILE B 32 6.09 -1.34 -3.00
CA ILE B 32 5.68 -1.15 -1.60
C ILE B 32 5.21 -2.49 -1.01
N ALA B 33 4.62 -3.39 -1.81
CA ALA B 33 4.15 -4.69 -1.39
C ALA B 33 5.30 -5.72 -1.31
N HIS B 34 6.57 -5.28 -1.48
CA HIS B 34 7.75 -6.14 -1.49
C HIS B 34 7.54 -7.23 -2.55
N ASN B 35 7.03 -6.83 -3.72
CA ASN B 35 6.70 -7.62 -4.91
C ASN B 35 5.53 -8.59 -4.69
N ASN B 36 4.78 -8.54 -3.57
CA ASN B 36 3.65 -9.46 -3.40
C ASN B 36 2.53 -8.97 -4.30
N ILE B 37 2.29 -9.66 -5.41
CA ILE B 37 1.28 -9.32 -6.39
C ILE B 37 -0.14 -9.29 -5.80
N GLU B 38 -0.49 -10.23 -4.91
CA GLU B 38 -1.82 -10.29 -4.30
C GLU B 38 -2.00 -9.11 -3.37
N MET B 39 -0.97 -8.83 -2.56
CA MET B 39 -0.97 -7.72 -1.64
C MET B 39 -1.12 -6.44 -2.46
N ALA B 40 -0.37 -6.31 -3.56
CA ALA B 40 -0.45 -5.16 -4.44
C ALA B 40 -1.87 -5.08 -5.00
N LYS B 41 -2.46 -6.19 -5.44
CA LYS B 41 -3.83 -6.22 -5.97
C LYS B 41 -4.78 -5.64 -4.93
N ASN B 42 -4.57 -5.89 -3.62
CA ASN B 42 -5.42 -5.34 -2.57
C ASN B 42 -5.24 -3.81 -2.54
N ILE B 43 -3.98 -3.33 -2.48
CA ILE B 43 -3.67 -1.88 -2.45
C ILE B 43 -4.43 -1.19 -3.57
N LEU B 44 -4.26 -1.72 -4.77
CA LEU B 44 -4.84 -1.21 -5.99
C LEU B 44 -6.37 -1.32 -6.05
N ARG B 45 -6.99 -2.36 -5.48
CA ARG B 45 -8.45 -2.48 -5.54
C ARG B 45 -9.15 -1.47 -4.65
N GLU B 46 -8.49 -1.02 -3.59
CA GLU B 46 -9.08 -0.05 -2.68
C GLU B 46 -8.67 1.35 -3.15
N PHE B 47 -7.44 1.76 -2.85
CA PHE B 47 -6.88 3.06 -3.18
C PHE B 47 -6.88 3.40 -4.66
N SER B 48 -6.20 2.62 -5.51
CA SER B 48 -6.13 2.87 -6.95
C SER B 48 -7.46 2.43 -7.63
N GLY B 49 -8.44 1.99 -6.86
CA GLY B 49 -9.72 1.53 -7.35
C GLY B 49 -10.75 2.65 -7.38
N PRO B 50 -12.01 2.30 -7.69
CA PRO B 50 -13.14 3.22 -7.76
C PRO B 50 -13.63 3.66 -6.36
N SER B 51 -12.87 3.41 -5.29
CA SER B 51 -13.22 3.80 -3.95
C SER B 51 -13.13 5.33 -3.83
N SER B 52 -13.59 5.88 -2.72
CA SER B 52 -13.59 7.32 -2.44
C SER B 52 -13.06 7.69 -1.06
N GLY B 53 -13.02 6.78 -0.09
CA GLY B 53 -12.56 7.12 1.25
C GLY B 53 -13.56 8.08 1.83
N GLY A 1 19.75 -0.55 13.87
CA GLY A 1 19.32 0.28 15.01
C GLY A 1 17.82 0.40 15.00
N SER A 2 17.28 1.35 15.76
CA SER A 2 15.85 1.57 15.86
C SER A 2 15.30 1.89 14.47
N SER A 3 14.33 1.09 14.02
CA SER A 3 13.68 1.23 12.72
C SER A 3 12.16 1.10 12.82
N GLY A 4 11.60 0.82 14.00
CA GLY A 4 10.16 0.67 14.14
C GLY A 4 9.71 0.70 15.59
N SER A 5 8.58 1.34 15.84
CA SER A 5 7.98 1.47 17.16
C SER A 5 7.25 0.18 17.55
N SER A 6 6.88 0.04 18.81
CA SER A 6 6.16 -1.12 19.35
C SER A 6 5.24 -0.67 20.48
N GLY A 7 4.47 -1.60 21.04
CA GLY A 7 3.52 -1.33 22.10
C GLY A 7 2.34 -0.64 21.42
N GLN A 8 2.20 0.67 21.61
CA GLN A 8 1.12 1.44 21.01
C GLN A 8 1.55 1.90 19.63
N LEU A 9 0.85 1.42 18.59
CA LEU A 9 1.10 1.78 17.18
C LEU A 9 0.19 2.96 16.80
N SER A 10 -0.88 3.21 17.58
CA SER A 10 -1.83 4.30 17.36
C SER A 10 -1.10 5.65 17.35
N SER A 11 0.02 5.74 18.07
CA SER A 11 0.85 6.92 18.19
C SER A 11 1.45 7.38 16.86
N GLU A 12 1.30 6.58 15.79
CA GLU A 12 1.78 6.87 14.45
C GLU A 12 0.56 7.10 13.53
N ILE A 13 -0.61 6.53 13.86
CA ILE A 13 -1.86 6.70 13.10
C ILE A 13 -2.26 8.16 13.30
N GLU A 14 -2.18 8.66 14.54
CA GLU A 14 -2.51 10.05 14.87
C GLU A 14 -1.62 11.03 14.10
N ARG A 15 -0.40 10.64 13.75
CA ARG A 15 0.55 11.48 13.02
C ARG A 15 0.17 11.55 11.56
N LEU A 16 -0.30 10.45 10.98
CA LEU A 16 -0.72 10.41 9.59
C LEU A 16 -1.88 11.38 9.39
N MET A 17 -2.81 11.46 10.35
CA MET A 17 -3.94 12.38 10.25
C MET A 17 -3.48 13.84 10.13
N SER A 18 -2.31 14.17 10.70
CA SER A 18 -1.74 15.52 10.69
C SER A 18 -1.44 15.97 9.27
N GLN A 19 -0.86 15.12 8.42
CA GLN A 19 -0.54 15.51 7.05
C GLN A 19 -1.79 15.75 6.20
N GLY A 20 -2.94 15.17 6.58
CA GLY A 20 -4.20 15.30 5.87
C GLY A 20 -4.83 13.95 5.49
N TYR A 21 -4.35 12.83 6.05
CA TYR A 21 -4.87 11.50 5.77
C TYR A 21 -6.10 11.21 6.64
N SER A 22 -6.73 10.05 6.47
CA SER A 22 -7.93 9.67 7.21
C SER A 22 -7.75 8.30 7.86
N TYR A 23 -8.46 8.08 8.96
CA TYR A 23 -8.40 6.82 9.69
C TYR A 23 -8.70 5.63 8.77
N GLN A 24 -9.63 5.77 7.81
CA GLN A 24 -9.99 4.71 6.88
C GLN A 24 -8.77 4.30 6.03
N ASP A 25 -8.22 5.24 5.25
CA ASP A 25 -7.06 4.99 4.38
C ASP A 25 -5.89 4.48 5.24
N ILE A 26 -5.57 5.10 6.38
CA ILE A 26 -4.47 4.65 7.24
C ILE A 26 -4.65 3.16 7.60
N GLN A 27 -5.86 2.79 8.04
CA GLN A 27 -6.17 1.41 8.42
C GLN A 27 -6.08 0.45 7.23
N LYS A 28 -6.54 0.85 6.04
CA LYS A 28 -6.45 -0.03 4.85
C LYS A 28 -4.96 -0.33 4.60
N ALA A 29 -4.09 0.67 4.70
CA ALA A 29 -2.67 0.45 4.48
C ALA A 29 -2.12 -0.46 5.57
N LEU A 30 -2.48 -0.24 6.85
CA LEU A 30 -1.98 -1.06 7.95
C LEU A 30 -2.39 -2.52 7.86
N VAL A 31 -3.56 -2.85 7.30
CA VAL A 31 -3.95 -4.25 7.20
C VAL A 31 -3.20 -4.92 6.05
N ILE A 32 -3.15 -4.28 4.89
CA ILE A 32 -2.46 -4.81 3.71
C ILE A 32 -0.95 -4.90 4.01
N ALA A 33 -0.40 -3.98 4.81
CA ALA A 33 1.02 -3.95 5.17
C ALA A 33 1.33 -4.98 6.27
N HIS A 34 0.38 -5.83 6.66
CA HIS A 34 0.52 -6.85 7.71
C HIS A 34 0.99 -6.19 9.01
N ASN A 35 0.28 -5.13 9.44
CA ASN A 35 0.51 -4.33 10.64
C ASN A 35 1.85 -3.58 10.62
N ASN A 36 2.53 -3.45 9.48
CA ASN A 36 3.79 -2.74 9.39
C ASN A 36 3.52 -1.26 9.18
N ILE A 37 3.68 -0.45 10.23
CA ILE A 37 3.45 1.00 10.18
C ILE A 37 4.39 1.70 9.18
N GLU A 38 5.66 1.28 9.07
CA GLU A 38 6.62 1.90 8.15
C GLU A 38 6.17 1.64 6.71
N MET A 39 5.90 0.37 6.39
CA MET A 39 5.45 -0.07 5.07
C MET A 39 4.16 0.68 4.75
N ALA A 40 3.22 0.73 5.71
CA ALA A 40 1.96 1.43 5.53
C ALA A 40 2.21 2.90 5.23
N LYS A 41 3.10 3.59 5.95
CA LYS A 41 3.40 5.01 5.72
C LYS A 41 3.86 5.20 4.27
N ASN A 42 4.64 4.26 3.73
CA ASN A 42 5.11 4.35 2.35
C ASN A 42 3.91 4.26 1.41
N ILE A 43 2.96 3.35 1.66
CA ILE A 43 1.75 3.19 0.83
C ILE A 43 0.98 4.53 0.85
N LEU A 44 0.70 5.03 2.04
CA LEU A 44 -0.03 6.27 2.25
C LEU A 44 0.68 7.44 1.55
N ARG A 45 2.01 7.39 1.39
CA ARG A 45 2.79 8.43 0.72
C ARG A 45 2.66 8.32 -0.79
N GLU A 46 3.15 7.21 -1.37
CA GLU A 46 3.15 6.99 -2.79
C GLU A 46 1.78 6.88 -3.45
N PHE A 47 0.74 6.45 -2.72
CA PHE A 47 -0.60 6.31 -3.27
C PHE A 47 -1.57 7.36 -2.76
N SER A 48 -1.69 7.48 -1.45
CA SER A 48 -2.60 8.45 -0.87
C SER A 48 -2.04 9.88 -0.96
N GLY A 49 -0.77 10.06 -1.32
CA GLY A 49 -0.12 11.36 -1.46
C GLY A 49 0.02 11.71 -2.95
N PRO A 50 0.68 12.83 -3.24
CA PRO A 50 0.92 13.31 -4.61
C PRO A 50 2.07 12.52 -5.26
N SER A 51 2.63 13.04 -6.36
CA SER A 51 3.75 12.45 -7.09
C SER A 51 4.92 13.46 -7.14
N SER A 52 4.79 14.61 -6.49
CA SER A 52 5.78 15.69 -6.40
C SER A 52 5.60 16.36 -5.02
N GLY A 53 5.65 15.55 -3.95
CA GLY A 53 5.50 16.00 -2.58
C GLY A 53 6.09 14.93 -1.69
N GLY B 1 -1.34 -24.79 -0.14
CA GLY B 1 -1.00 -25.10 -1.53
C GLY B 1 -0.23 -23.98 -2.18
N SER B 2 -0.69 -23.49 -3.34
CA SER B 2 -0.02 -22.40 -4.05
C SER B 2 -0.18 -21.08 -3.29
N SER B 3 0.85 -20.26 -3.29
CA SER B 3 0.90 -18.95 -2.63
C SER B 3 1.22 -17.81 -3.61
N GLY B 4 1.36 -18.08 -4.92
CA GLY B 4 1.64 -17.10 -5.96
C GLY B 4 2.52 -17.69 -7.06
N SER B 5 2.61 -17.02 -8.20
CA SER B 5 3.42 -17.42 -9.35
C SER B 5 4.89 -17.03 -9.11
N SER B 6 5.81 -17.30 -10.04
CA SER B 6 7.22 -16.96 -9.91
C SER B 6 7.88 -17.06 -11.28
N GLY B 7 9.06 -16.45 -11.41
CA GLY B 7 9.87 -16.44 -12.62
C GLY B 7 9.60 -15.26 -13.52
N GLN B 8 8.35 -14.79 -13.65
CA GLN B 8 8.04 -13.66 -14.51
C GLN B 8 6.91 -12.86 -13.88
N LEU B 9 7.21 -12.07 -12.86
CA LEU B 9 6.19 -11.26 -12.19
C LEU B 9 5.57 -10.24 -13.14
N SER B 10 6.25 -9.87 -14.23
CA SER B 10 5.70 -8.93 -15.20
C SER B 10 4.39 -9.47 -15.81
N SER B 11 4.18 -10.79 -15.83
CA SER B 11 2.96 -11.38 -16.36
C SER B 11 1.74 -10.92 -15.57
N GLU B 12 1.88 -10.70 -14.26
CA GLU B 12 0.78 -10.25 -13.42
C GLU B 12 0.60 -8.72 -13.56
N ILE B 13 1.65 -7.98 -13.93
CA ILE B 13 1.59 -6.54 -14.11
C ILE B 13 0.60 -6.32 -15.26
N GLU B 14 0.68 -7.11 -16.33
CA GLU B 14 -0.23 -6.99 -17.47
C GLU B 14 -1.66 -7.36 -17.07
N ARG B 15 -1.84 -8.28 -16.13
CA ARG B 15 -3.17 -8.68 -15.70
C ARG B 15 -3.81 -7.52 -14.94
N LEU B 16 -3.00 -6.80 -14.17
CA LEU B 16 -3.43 -5.65 -13.41
C LEU B 16 -3.76 -4.53 -14.40
N MET B 17 -2.92 -4.29 -15.42
CA MET B 17 -3.14 -3.27 -16.44
C MET B 17 -4.55 -3.37 -17.05
N SER B 18 -5.06 -4.58 -17.21
CA SER B 18 -6.38 -4.90 -17.76
C SER B 18 -7.52 -4.19 -17.00
N GLN B 19 -7.35 -3.88 -15.71
CA GLN B 19 -8.35 -3.20 -14.88
C GLN B 19 -8.38 -1.69 -15.13
N GLY B 20 -7.42 -1.17 -15.90
CA GLY B 20 -7.26 0.24 -16.22
C GLY B 20 -6.09 0.83 -15.43
N TYR B 21 -5.26 -0.01 -14.78
CA TYR B 21 -4.12 0.43 -14.00
C TYR B 21 -2.95 0.74 -14.95
N SER B 22 -1.95 1.48 -14.47
CA SER B 22 -0.78 1.86 -15.26
C SER B 22 0.47 1.27 -14.62
N TYR B 23 1.49 1.10 -15.45
CA TYR B 23 2.79 0.57 -15.04
C TYR B 23 3.35 1.38 -13.87
N GLN B 24 3.12 2.71 -13.87
CA GLN B 24 3.60 3.58 -12.81
C GLN B 24 3.07 3.14 -11.45
N ASP B 25 1.75 3.06 -11.32
CA ASP B 25 1.06 2.68 -10.09
C ASP B 25 1.38 1.23 -9.73
N ILE B 26 1.34 0.29 -10.66
CA ILE B 26 1.63 -1.13 -10.41
C ILE B 26 3.02 -1.25 -9.76
N GLN B 27 4.03 -0.59 -10.34
CA GLN B 27 5.38 -0.64 -9.82
C GLN B 27 5.49 0.01 -8.45
N LYS B 28 4.91 1.21 -8.23
CA LYS B 28 5.01 1.87 -6.91
C LYS B 28 4.52 0.96 -5.80
N ALA B 29 3.50 0.13 -6.05
CA ALA B 29 2.96 -0.78 -5.05
C ALA B 29 3.95 -1.92 -4.83
N LEU B 30 4.44 -2.53 -5.91
CA LEU B 30 5.40 -3.63 -5.84
C LEU B 30 6.61 -3.24 -5.01
N VAL B 31 7.17 -2.04 -5.20
CA VAL B 31 8.33 -1.55 -4.46
C VAL B 31 8.07 -1.61 -2.95
N ILE B 32 6.94 -1.06 -2.51
CA ILE B 32 6.55 -1.01 -1.10
C ILE B 32 6.24 -2.41 -0.59
N ALA B 33 5.73 -3.30 -1.45
CA ALA B 33 5.39 -4.66 -1.12
C ALA B 33 6.61 -5.58 -1.16
N HIS B 34 7.85 -5.07 -1.20
CA HIS B 34 9.06 -5.91 -1.29
C HIS B 34 8.95 -6.85 -2.49
N ASN B 35 8.41 -6.33 -3.60
CA ASN B 35 8.17 -7.00 -4.88
C ASN B 35 7.14 -8.14 -4.76
N ASN B 36 6.43 -8.25 -3.63
CA ASN B 36 5.40 -9.27 -3.38
C ASN B 36 4.18 -8.89 -4.23
N ILE B 37 3.94 -9.60 -5.34
CA ILE B 37 2.82 -9.31 -6.24
C ILE B 37 1.47 -9.52 -5.56
N GLU B 38 1.31 -10.54 -4.71
CA GLU B 38 0.06 -10.80 -4.01
C GLU B 38 -0.28 -9.61 -3.11
N MET B 39 0.70 -9.19 -2.31
CA MET B 39 0.56 -8.07 -1.40
C MET B 39 0.28 -6.82 -2.23
N ALA B 40 1.05 -6.56 -3.28
CA ALA B 40 0.86 -5.40 -4.14
C ALA B 40 -0.56 -5.38 -4.73
N LYS B 41 -1.07 -6.52 -5.20
CA LYS B 41 -2.41 -6.63 -5.77
C LYS B 41 -3.44 -6.15 -4.74
N ASN B 42 -3.22 -6.40 -3.45
CA ASN B 42 -4.12 -5.97 -2.40
C ASN B 42 -4.06 -4.44 -2.31
N ILE B 43 -2.86 -3.84 -2.29
CA ILE B 43 -2.66 -2.38 -2.21
C ILE B 43 -3.44 -1.73 -3.36
N LEU B 44 -3.12 -2.13 -4.59
CA LEU B 44 -3.70 -1.64 -5.84
C LEU B 44 -5.22 -1.77 -5.81
N ARG B 45 -5.78 -2.87 -5.30
CA ARG B 45 -7.22 -3.04 -5.25
C ARG B 45 -7.90 -1.99 -4.38
N GLU B 46 -7.32 -1.64 -3.23
CA GLU B 46 -7.90 -0.66 -2.33
C GLU B 46 -7.49 0.78 -2.64
N PHE B 47 -6.19 1.07 -2.63
CA PHE B 47 -5.67 2.42 -2.86
C PHE B 47 -5.75 2.93 -4.29
N SER B 48 -5.84 2.04 -5.28
CA SER B 48 -5.89 2.41 -6.69
C SER B 48 -7.19 1.92 -7.36
N GLY B 49 -8.01 1.13 -6.65
CA GLY B 49 -9.26 0.59 -7.13
C GLY B 49 -10.44 1.22 -6.39
N PRO B 50 -11.68 0.79 -6.69
CA PRO B 50 -12.87 1.33 -6.07
C PRO B 50 -13.06 0.90 -4.61
N SER B 51 -13.53 1.82 -3.76
CA SER B 51 -13.79 1.56 -2.34
C SER B 51 -15.05 0.72 -2.13
N SER B 52 -15.92 0.60 -3.14
CA SER B 52 -17.17 -0.15 -3.07
C SER B 52 -17.31 -1.20 -4.19
N GLY B 53 -16.32 -1.35 -5.07
CA GLY B 53 -16.36 -2.31 -6.17
C GLY B 53 -16.01 -3.67 -5.64
N GLY A 1 12.51 3.09 12.88
CA GLY A 1 11.95 3.81 14.05
C GLY A 1 12.70 5.10 14.34
N SER A 2 12.40 5.76 15.47
CA SER A 2 13.02 7.00 15.89
C SER A 2 13.11 7.05 17.43
N SER A 3 14.08 7.79 17.95
CA SER A 3 14.31 7.93 19.37
C SER A 3 13.15 8.69 20.05
N GLY A 4 12.92 8.42 21.32
CA GLY A 4 11.86 9.04 22.11
C GLY A 4 10.46 8.51 21.75
N SER A 5 10.32 7.63 20.77
CA SER A 5 9.06 7.06 20.36
C SER A 5 8.62 6.00 21.37
N SER A 6 7.33 5.76 21.48
CA SER A 6 6.73 4.79 22.40
C SER A 6 6.94 3.35 21.91
N GLY A 7 6.62 3.12 20.63
CA GLY A 7 6.71 1.84 19.95
C GLY A 7 5.32 1.50 19.41
N GLN A 8 4.26 1.76 20.21
CA GLN A 8 2.88 1.48 19.83
C GLN A 8 2.50 2.29 18.59
N LEU A 9 1.83 1.63 17.65
CA LEU A 9 1.37 2.26 16.41
C LEU A 9 0.21 3.23 16.67
N SER A 10 -0.48 3.11 17.80
CA SER A 10 -1.61 3.94 18.19
C SER A 10 -1.29 5.44 18.10
N SER A 11 -0.17 5.87 18.68
CA SER A 11 0.23 7.27 18.68
C SER A 11 0.68 7.75 17.30
N GLU A 12 1.01 6.83 16.38
CA GLU A 12 1.45 7.20 15.04
C GLU A 12 0.26 7.50 14.15
N ILE A 13 -0.90 6.86 14.39
CA ILE A 13 -2.12 7.10 13.63
C ILE A 13 -2.48 8.58 13.87
N GLU A 14 -2.32 9.04 15.12
CA GLU A 14 -2.57 10.41 15.51
C GLU A 14 -1.68 11.34 14.70
N ARG A 15 -0.37 11.03 14.62
CA ARG A 15 0.58 11.83 13.85
C ARG A 15 0.28 11.79 12.36
N LEU A 16 -0.42 10.76 11.85
CA LEU A 16 -0.76 10.71 10.43
C LEU A 16 -1.91 11.67 10.18
N MET A 17 -2.84 11.84 11.13
CA MET A 17 -3.94 12.77 10.95
C MET A 17 -3.35 14.18 10.80
N SER A 18 -2.24 14.47 11.49
CA SER A 18 -1.54 15.73 11.44
C SER A 18 -1.07 16.02 10.00
N GLN A 19 -0.59 15.00 9.27
CA GLN A 19 -0.15 15.11 7.88
C GLN A 19 -1.32 15.37 6.91
N GLY A 20 -2.56 15.27 7.39
CA GLY A 20 -3.78 15.50 6.64
C GLY A 20 -4.54 14.23 6.26
N TYR A 21 -3.95 13.05 6.51
CA TYR A 21 -4.55 11.78 6.16
C TYR A 21 -5.87 11.50 6.86
N SER A 22 -6.77 10.86 6.12
CA SER A 22 -8.10 10.46 6.56
C SER A 22 -7.94 9.15 7.33
N TYR A 23 -8.76 8.93 8.36
CA TYR A 23 -8.74 7.75 9.20
C TYR A 23 -8.85 6.48 8.36
N GLN A 24 -9.77 6.46 7.38
CA GLN A 24 -9.98 5.32 6.50
C GLN A 24 -8.67 5.01 5.77
N ASP A 25 -8.08 5.98 5.09
CA ASP A 25 -6.84 5.81 4.35
C ASP A 25 -5.73 5.27 5.28
N ILE A 26 -5.58 5.81 6.49
CA ILE A 26 -4.57 5.35 7.43
C ILE A 26 -4.79 3.86 7.75
N GLN A 27 -5.98 3.51 8.22
CA GLN A 27 -6.33 2.13 8.56
C GLN A 27 -6.13 1.18 7.36
N LYS A 28 -6.58 1.55 6.16
CA LYS A 28 -6.45 0.74 4.95
C LYS A 28 -4.98 0.52 4.64
N ALA A 29 -4.12 1.53 4.77
CA ALA A 29 -2.70 1.35 4.51
C ALA A 29 -2.08 0.40 5.52
N LEU A 30 -2.38 0.57 6.81
CA LEU A 30 -1.85 -0.25 7.89
C LEU A 30 -2.20 -1.73 7.80
N VAL A 31 -3.47 -2.06 7.54
CA VAL A 31 -3.89 -3.44 7.45
C VAL A 31 -3.15 -4.15 6.30
N ILE A 32 -3.08 -3.51 5.13
CA ILE A 32 -2.40 -4.08 3.98
C ILE A 32 -0.89 -4.15 4.23
N ALA A 33 -0.32 -3.15 4.91
CA ALA A 33 1.10 -3.14 5.22
C ALA A 33 1.46 -4.17 6.31
N HIS A 34 0.49 -4.98 6.78
CA HIS A 34 0.63 -5.99 7.80
C HIS A 34 1.14 -5.31 9.08
N ASN A 35 0.36 -4.34 9.59
CA ASN A 35 0.62 -3.57 10.81
C ASN A 35 1.99 -2.93 10.83
N ASN A 36 2.43 -2.41 9.68
CA ASN A 36 3.72 -1.76 9.53
C ASN A 36 3.48 -0.30 9.19
N ILE A 37 3.56 0.59 10.18
CA ILE A 37 3.36 2.03 10.05
C ILE A 37 4.35 2.65 9.07
N GLU A 38 5.59 2.18 9.05
CA GLU A 38 6.65 2.69 8.18
C GLU A 38 6.31 2.35 6.72
N MET A 39 6.00 1.08 6.46
CA MET A 39 5.63 0.58 5.14
C MET A 39 4.35 1.31 4.72
N ALA A 40 3.37 1.42 5.60
CA ALA A 40 2.12 2.10 5.32
C ALA A 40 2.36 3.60 5.02
N LYS A 41 3.31 4.25 5.69
CA LYS A 41 3.63 5.67 5.45
C LYS A 41 4.12 5.84 4.02
N ASN A 42 4.81 4.84 3.47
CA ASN A 42 5.30 4.87 2.10
C ASN A 42 4.07 4.87 1.20
N ILE A 43 3.12 3.94 1.41
CA ILE A 43 1.88 3.83 0.63
C ILE A 43 1.15 5.17 0.65
N LEU A 44 0.87 5.67 1.86
CA LEU A 44 0.17 6.91 2.07
C LEU A 44 0.84 8.10 1.38
N ARG A 45 2.13 8.07 1.09
CA ARG A 45 2.77 9.20 0.41
C ARG A 45 2.74 8.99 -1.09
N GLU A 46 3.16 7.83 -1.57
CA GLU A 46 3.19 7.56 -3.01
C GLU A 46 1.79 7.49 -3.64
N PHE A 47 0.74 7.08 -2.90
CA PHE A 47 -0.64 6.94 -3.39
C PHE A 47 -1.64 7.93 -2.80
N SER A 48 -1.37 8.52 -1.62
CA SER A 48 -2.27 9.46 -0.96
C SER A 48 -1.57 10.79 -0.60
N GLY A 49 -0.41 11.05 -1.20
CA GLY A 49 0.38 12.25 -1.01
C GLY A 49 0.86 12.74 -2.38
N PRO A 50 1.39 13.96 -2.45
CA PRO A 50 1.88 14.52 -3.71
C PRO A 50 3.21 13.88 -4.10
N SER A 51 3.37 13.57 -5.38
CA SER A 51 4.58 12.99 -5.92
C SER A 51 5.57 14.15 -6.14
N SER A 52 6.03 14.77 -5.05
CA SER A 52 6.97 15.88 -5.07
C SER A 52 8.35 15.47 -5.63
N GLY A 53 8.61 14.18 -5.84
CA GLY A 53 9.85 13.65 -6.37
C GLY A 53 9.76 12.15 -6.27
N GLY B 1 -0.29 -19.18 -3.90
CA GLY B 1 0.19 -19.85 -5.13
C GLY B 1 -0.97 -20.24 -6.03
N SER B 2 -0.69 -20.65 -7.26
CA SER B 2 -1.67 -21.05 -8.26
C SER B 2 -0.97 -21.97 -9.26
N SER B 3 -1.74 -22.69 -10.07
CA SER B 3 -1.20 -23.57 -11.08
C SER B 3 -0.62 -22.71 -12.20
N GLY B 4 0.44 -23.19 -12.87
CA GLY B 4 1.09 -22.44 -13.94
C GLY B 4 1.59 -21.07 -13.49
N SER B 5 1.95 -20.93 -12.21
CA SER B 5 2.46 -19.71 -11.60
C SER B 5 3.97 -19.91 -11.53
N SER B 6 4.72 -19.22 -12.39
CA SER B 6 6.18 -19.29 -12.51
C SER B 6 6.95 -18.75 -11.29
N GLY B 7 6.27 -18.16 -10.30
CA GLY B 7 6.89 -17.60 -9.12
C GLY B 7 7.29 -16.15 -9.32
N GLN B 8 7.82 -15.78 -10.49
CA GLN B 8 8.25 -14.42 -10.81
C GLN B 8 7.08 -13.43 -10.74
N LEU B 9 7.40 -12.14 -10.66
CA LEU B 9 6.41 -11.07 -10.56
C LEU B 9 6.27 -10.24 -11.84
N SER B 10 7.19 -10.35 -12.79
CA SER B 10 7.17 -9.62 -14.05
C SER B 10 5.87 -9.89 -14.80
N SER B 11 5.60 -11.16 -15.12
CA SER B 11 4.38 -11.55 -15.83
C SER B 11 3.12 -11.19 -15.02
N GLU B 12 3.23 -11.01 -13.70
CA GLU B 12 2.09 -10.67 -12.86
C GLU B 12 1.70 -9.21 -13.04
N ILE B 13 2.66 -8.34 -13.42
CA ILE B 13 2.42 -6.92 -13.68
C ILE B 13 1.52 -6.91 -14.92
N GLU B 14 1.85 -7.72 -15.93
CA GLU B 14 1.10 -7.83 -17.16
C GLU B 14 -0.31 -8.35 -16.84
N ARG B 15 -0.46 -9.30 -15.90
CA ARG B 15 -1.80 -9.78 -15.53
C ARG B 15 -2.60 -8.66 -14.87
N LEU B 16 -1.95 -7.74 -14.13
CA LEU B 16 -2.62 -6.61 -13.49
C LEU B 16 -3.07 -5.62 -14.57
N MET B 17 -2.29 -5.44 -15.64
CA MET B 17 -2.64 -4.53 -16.73
C MET B 17 -4.01 -4.88 -17.33
N SER B 18 -4.38 -6.16 -17.32
CA SER B 18 -5.67 -6.63 -17.83
C SER B 18 -6.85 -6.01 -17.06
N GLN B 19 -6.67 -5.65 -15.79
CA GLN B 19 -7.73 -5.03 -14.98
C GLN B 19 -7.84 -3.53 -15.27
N GLY B 20 -6.88 -2.96 -16.02
CA GLY B 20 -6.84 -1.57 -16.39
C GLY B 20 -5.83 -0.77 -15.55
N TYR B 21 -5.06 -1.41 -14.66
CA TYR B 21 -4.07 -0.69 -13.86
C TYR B 21 -2.97 -0.11 -14.75
N SER B 22 -2.33 0.95 -14.28
CA SER B 22 -1.25 1.65 -14.95
C SER B 22 0.08 1.04 -14.48
N TYR B 23 1.05 0.93 -15.39
CA TYR B 23 2.36 0.40 -15.11
C TYR B 23 3.01 1.16 -13.96
N GLN B 24 2.83 2.49 -13.90
CA GLN B 24 3.40 3.32 -12.84
C GLN B 24 2.86 2.91 -11.48
N ASP B 25 1.55 2.80 -11.32
CA ASP B 25 0.94 2.42 -10.05
C ASP B 25 1.38 1.02 -9.65
N ILE B 26 1.44 0.07 -10.59
CA ILE B 26 1.85 -1.29 -10.27
C ILE B 26 3.30 -1.27 -9.73
N GLN B 27 4.22 -0.57 -10.41
CA GLN B 27 5.61 -0.46 -9.99
C GLN B 27 5.67 0.17 -8.59
N LYS B 28 5.07 1.35 -8.41
CA LYS B 28 5.07 2.05 -7.12
C LYS B 28 4.54 1.15 -6.00
N ALA B 29 3.57 0.28 -6.30
CA ALA B 29 2.99 -0.64 -5.34
C ALA B 29 4.01 -1.72 -4.97
N LEU B 30 4.60 -2.38 -5.98
CA LEU B 30 5.59 -3.44 -5.80
C LEU B 30 6.75 -2.97 -4.92
N VAL B 31 7.29 -1.78 -5.19
CA VAL B 31 8.41 -1.20 -4.43
C VAL B 31 8.04 -1.16 -2.95
N ILE B 32 6.93 -0.49 -2.62
CA ILE B 32 6.46 -0.34 -1.25
C ILE B 32 6.07 -1.68 -0.63
N ALA B 33 5.69 -2.66 -1.45
CA ALA B 33 5.33 -3.99 -1.02
C ALA B 33 6.56 -4.90 -0.90
N HIS B 34 7.78 -4.37 -1.04
CA HIS B 34 9.03 -5.12 -0.96
C HIS B 34 9.01 -6.28 -1.97
N ASN B 35 8.66 -5.94 -3.21
CA ASN B 35 8.56 -6.85 -4.35
C ASN B 35 7.61 -8.01 -4.03
N ASN B 36 6.40 -7.71 -3.58
CA ASN B 36 5.36 -8.68 -3.25
C ASN B 36 4.11 -8.35 -4.08
N ILE B 37 3.77 -9.19 -5.05
CA ILE B 37 2.62 -9.06 -5.94
C ILE B 37 1.29 -9.12 -5.18
N GLU B 38 1.16 -10.05 -4.23
CA GLU B 38 -0.04 -10.26 -3.45
C GLU B 38 -0.31 -9.09 -2.51
N MET B 39 0.76 -8.56 -1.91
CA MET B 39 0.67 -7.43 -1.01
C MET B 39 0.33 -6.22 -1.87
N ALA B 40 1.01 -6.03 -3.00
CA ALA B 40 0.77 -4.92 -3.91
C ALA B 40 -0.67 -4.95 -4.43
N LYS B 41 -1.21 -6.15 -4.73
CA LYS B 41 -2.58 -6.34 -5.22
C LYS B 41 -3.54 -5.72 -4.20
N ASN B 42 -3.34 -5.99 -2.91
CA ASN B 42 -4.19 -5.45 -1.85
C ASN B 42 -4.17 -3.91 -1.92
N ILE B 43 -2.99 -3.29 -2.03
CA ILE B 43 -2.87 -1.83 -2.11
C ILE B 43 -3.69 -1.34 -3.29
N LEU B 44 -3.43 -1.90 -4.47
CA LEU B 44 -4.10 -1.56 -5.72
C LEU B 44 -5.62 -1.83 -5.66
N ARG B 45 -6.13 -2.59 -4.68
CA ARG B 45 -7.56 -2.87 -4.56
C ARG B 45 -8.21 -1.87 -3.59
N GLU B 46 -7.51 -1.42 -2.55
CA GLU B 46 -8.05 -0.49 -1.58
C GLU B 46 -7.84 0.98 -1.94
N PHE B 47 -6.67 1.33 -2.47
CA PHE B 47 -6.31 2.70 -2.83
C PHE B 47 -6.65 2.93 -4.31
N SER B 48 -5.86 2.39 -5.24
CA SER B 48 -6.09 2.52 -6.69
C SER B 48 -7.24 1.63 -7.19
N GLY B 49 -8.06 1.07 -6.30
CA GLY B 49 -9.19 0.21 -6.63
C GLY B 49 -10.46 0.80 -6.02
N PRO B 50 -11.63 0.33 -6.47
CA PRO B 50 -12.91 0.82 -5.97
C PRO B 50 -13.23 0.21 -4.60
N SER B 51 -14.40 0.58 -4.06
CA SER B 51 -14.90 0.14 -2.77
C SER B 51 -16.29 -0.45 -3.00
N SER B 52 -16.37 -1.77 -2.97
CA SER B 52 -17.58 -2.56 -3.16
C SER B 52 -17.89 -3.36 -1.89
N GLY B 53 -16.91 -3.62 -1.03
CA GLY B 53 -17.05 -4.35 0.22
C GLY B 53 -15.69 -4.92 0.50
N GLY A 1 23.24 10.33 17.21
CA GLY A 1 22.36 9.57 18.11
C GLY A 1 21.02 9.37 17.44
N SER A 2 20.69 8.14 17.07
CA SER A 2 19.46 7.78 16.38
C SER A 2 18.21 7.85 17.26
N SER A 3 17.04 7.60 16.64
CA SER A 3 15.73 7.61 17.26
C SER A 3 14.85 6.52 16.61
N GLY A 4 13.66 6.28 17.15
CA GLY A 4 12.70 5.29 16.69
C GLY A 4 12.77 4.06 17.57
N SER A 5 11.72 3.81 18.36
CA SER A 5 11.60 2.69 19.26
C SER A 5 10.11 2.33 19.25
N SER A 6 9.74 1.27 18.55
CA SER A 6 8.35 0.83 18.42
C SER A 6 7.64 0.60 19.75
N GLY A 7 6.33 0.88 19.80
CA GLY A 7 5.57 0.68 21.02
C GLY A 7 4.08 1.01 20.90
N GLN A 8 3.65 1.92 20.01
CA GLN A 8 2.22 2.24 19.93
C GLN A 8 1.77 2.67 18.54
N LEU A 9 1.50 1.68 17.67
CA LEU A 9 1.03 1.95 16.32
C LEU A 9 -0.25 2.79 16.31
N SER A 10 -1.03 2.76 17.40
CA SER A 10 -2.25 3.53 17.52
C SER A 10 -1.96 5.03 17.46
N SER A 11 -0.90 5.47 18.14
CA SER A 11 -0.50 6.88 18.13
C SER A 11 0.17 7.23 16.81
N GLU A 12 0.80 6.27 16.11
CA GLU A 12 1.45 6.54 14.83
C GLU A 12 0.36 6.96 13.82
N ILE A 13 -0.83 6.34 13.91
CA ILE A 13 -1.97 6.65 13.04
C ILE A 13 -2.34 8.12 13.29
N GLU A 14 -2.32 8.57 14.54
CA GLU A 14 -2.64 9.95 14.86
C GLU A 14 -1.60 10.87 14.23
N ARG A 15 -0.32 10.46 14.12
CA ARG A 15 0.70 11.29 13.48
C ARG A 15 0.36 11.43 11.99
N LEU A 16 -0.19 10.38 11.38
CA LEU A 16 -0.58 10.41 9.98
C LEU A 16 -1.78 11.35 9.80
N MET A 17 -2.68 11.45 10.80
CA MET A 17 -3.83 12.37 10.73
C MET A 17 -3.29 13.79 10.59
N SER A 18 -2.16 14.09 11.25
CA SER A 18 -1.48 15.37 11.24
C SER A 18 -0.90 15.73 9.87
N GLN A 19 -1.15 14.94 8.83
CA GLN A 19 -0.71 15.15 7.44
C GLN A 19 -1.93 15.20 6.50
N GLY A 20 -3.14 15.08 7.05
CA GLY A 20 -4.42 15.13 6.35
C GLY A 20 -5.03 13.79 5.96
N TYR A 21 -4.34 12.66 6.16
CA TYR A 21 -4.86 11.34 5.80
C TYR A 21 -6.00 10.94 6.75
N SER A 22 -7.14 10.57 6.18
CA SER A 22 -8.30 10.13 6.95
C SER A 22 -8.00 8.78 7.60
N TYR A 23 -8.54 8.55 8.80
CA TYR A 23 -8.32 7.30 9.56
C TYR A 23 -8.70 6.05 8.78
N GLN A 24 -9.81 6.10 8.03
CA GLN A 24 -10.32 5.00 7.22
C GLN A 24 -9.23 4.50 6.26
N ASP A 25 -8.57 5.45 5.59
CA ASP A 25 -7.50 5.23 4.63
C ASP A 25 -6.24 4.76 5.34
N ILE A 26 -5.85 5.42 6.44
CA ILE A 26 -4.65 5.03 7.18
C ILE A 26 -4.76 3.54 7.55
N GLN A 27 -5.92 3.12 8.06
CA GLN A 27 -6.16 1.73 8.44
C GLN A 27 -5.93 0.81 7.23
N LYS A 28 -6.51 1.08 6.05
CA LYS A 28 -6.30 0.24 4.86
C LYS A 28 -4.81 0.02 4.59
N ALA A 29 -3.99 1.05 4.76
CA ALA A 29 -2.55 0.99 4.53
C ALA A 29 -1.91 0.06 5.55
N LEU A 30 -2.21 0.20 6.85
CA LEU A 30 -1.63 -0.66 7.87
C LEU A 30 -1.97 -2.12 7.61
N VAL A 31 -3.22 -2.42 7.27
CA VAL A 31 -3.71 -3.76 6.97
C VAL A 31 -2.86 -4.39 5.86
N ILE A 32 -2.77 -3.71 4.72
CA ILE A 32 -2.02 -4.17 3.57
C ILE A 32 -0.51 -4.18 3.85
N ALA A 33 0.00 -3.33 4.74
CA ALA A 33 1.41 -3.28 5.10
C ALA A 33 1.74 -4.36 6.15
N HIS A 34 0.75 -5.16 6.57
CA HIS A 34 0.88 -6.21 7.57
C HIS A 34 1.35 -5.57 8.90
N ASN A 35 0.63 -4.51 9.30
CA ASN A 35 0.84 -3.70 10.50
C ASN A 35 2.25 -3.08 10.56
N ASN A 36 2.88 -2.84 9.41
CA ASN A 36 4.20 -2.22 9.29
C ASN A 36 3.98 -0.73 9.04
N ILE A 37 4.17 0.13 10.04
CA ILE A 37 3.96 1.57 9.91
C ILE A 37 4.95 2.22 8.93
N GLU A 38 6.21 1.78 8.92
CA GLU A 38 7.26 2.33 8.04
C GLU A 38 6.86 2.17 6.56
N MET A 39 6.22 1.05 6.26
CA MET A 39 5.74 0.63 4.95
C MET A 39 4.41 1.34 4.66
N ALA A 40 3.47 1.37 5.61
CA ALA A 40 2.18 2.03 5.45
C ALA A 40 2.36 3.51 5.11
N LYS A 41 3.36 4.15 5.71
CA LYS A 41 3.68 5.56 5.46
C LYS A 41 3.96 5.75 3.96
N ASN A 42 4.77 4.88 3.37
CA ASN A 42 5.11 4.93 1.95
C ASN A 42 3.84 4.79 1.12
N ILE A 43 2.95 3.84 1.45
CA ILE A 43 1.70 3.60 0.71
C ILE A 43 0.92 4.91 0.62
N LEU A 44 0.61 5.50 1.77
CA LEU A 44 -0.14 6.74 1.89
C LEU A 44 0.54 7.88 1.16
N ARG A 45 1.81 8.16 1.47
CA ARG A 45 2.56 9.26 0.86
C ARG A 45 2.66 9.17 -0.65
N GLU A 46 2.80 7.99 -1.23
CA GLU A 46 2.90 7.86 -2.67
C GLU A 46 1.51 8.01 -3.29
N PHE A 47 0.66 7.00 -3.14
CA PHE A 47 -0.68 6.96 -3.73
C PHE A 47 -1.63 8.05 -3.26
N SER A 48 -1.82 8.18 -1.95
CA SER A 48 -2.72 9.16 -1.38
C SER A 48 -2.11 10.57 -1.30
N GLY A 49 -0.81 10.73 -1.51
CA GLY A 49 -0.15 12.03 -1.46
C GLY A 49 -0.05 12.64 -2.86
N PRO A 50 0.48 13.87 -2.98
CA PRO A 50 0.62 14.54 -4.25
C PRO A 50 1.63 13.76 -5.11
N SER A 51 1.19 13.30 -6.29
CA SER A 51 1.98 12.55 -7.26
C SER A 51 2.79 13.58 -8.07
N SER A 52 3.63 14.32 -7.37
CA SER A 52 4.48 15.38 -7.90
C SER A 52 5.86 15.22 -7.27
N GLY A 53 6.88 15.78 -7.91
CA GLY A 53 8.28 15.73 -7.48
C GLY A 53 9.10 15.92 -8.72
N GLY B 1 -6.28 -28.61 -6.02
CA GLY B 1 -5.34 -27.99 -6.97
C GLY B 1 -4.86 -26.68 -6.38
N SER B 2 -3.54 -26.53 -6.19
CA SER B 2 -2.96 -25.32 -5.61
C SER B 2 -2.00 -24.63 -6.57
N SER B 3 -2.50 -23.97 -7.62
CA SER B 3 -1.63 -23.25 -8.54
C SER B 3 -1.25 -21.93 -7.86
N GLY B 4 -0.18 -21.28 -8.29
CA GLY B 4 0.28 -20.03 -7.68
C GLY B 4 1.79 -19.92 -7.60
N SER B 5 2.53 -20.65 -8.42
CA SER B 5 3.98 -20.59 -8.42
C SER B 5 4.38 -19.17 -8.84
N SER B 6 5.55 -18.71 -8.42
CA SER B 6 6.04 -17.39 -8.74
C SER B 6 7.48 -17.48 -9.26
N GLY B 7 7.87 -16.53 -10.10
CA GLY B 7 9.19 -16.50 -10.70
C GLY B 7 9.45 -15.27 -11.55
N GLN B 8 8.45 -14.75 -12.27
CA GLN B 8 8.63 -13.58 -13.13
C GLN B 8 7.52 -12.56 -12.90
N LEU B 9 7.83 -11.57 -12.06
CA LEU B 9 6.93 -10.47 -11.68
C LEU B 9 6.58 -9.66 -12.93
N SER B 10 7.48 -9.61 -13.92
CA SER B 10 7.30 -8.89 -15.17
C SER B 10 6.00 -9.35 -15.87
N SER B 11 5.67 -10.64 -15.75
CA SER B 11 4.47 -11.22 -16.34
C SER B 11 3.24 -11.00 -15.44
N GLU B 12 3.40 -10.58 -14.18
CA GLU B 12 2.31 -10.32 -13.24
C GLU B 12 1.88 -8.86 -13.39
N ILE B 13 2.83 -7.97 -13.70
CA ILE B 13 2.59 -6.55 -13.90
C ILE B 13 1.60 -6.42 -15.06
N GLU B 14 1.73 -7.25 -16.09
CA GLU B 14 0.82 -7.25 -17.24
C GLU B 14 -0.59 -7.67 -16.81
N ARG B 15 -0.73 -8.60 -15.85
CA ARG B 15 -2.04 -9.04 -15.37
C ARG B 15 -2.78 -7.84 -14.77
N LEU B 16 -2.06 -6.98 -14.05
CA LEU B 16 -2.65 -5.79 -13.45
C LEU B 16 -3.05 -4.83 -14.57
N MET B 17 -2.30 -4.77 -15.69
CA MET B 17 -2.66 -3.90 -16.81
C MET B 17 -4.02 -4.34 -17.35
N SER B 18 -4.30 -5.65 -17.37
CA SER B 18 -5.58 -6.18 -17.86
C SER B 18 -6.75 -5.57 -17.07
N GLN B 19 -6.59 -5.28 -15.77
CA GLN B 19 -7.64 -4.69 -14.96
C GLN B 19 -7.87 -3.21 -15.31
N GLY B 20 -7.02 -2.59 -16.13
CA GLY B 20 -7.12 -1.21 -16.59
C GLY B 20 -6.16 -0.24 -15.91
N TYR B 21 -5.38 -0.67 -14.92
CA TYR B 21 -4.46 0.21 -14.20
C TYR B 21 -3.25 0.64 -15.06
N SER B 22 -2.57 1.70 -14.62
CA SER B 22 -1.40 2.26 -15.28
C SER B 22 -0.14 1.56 -14.75
N TYR B 23 0.92 1.53 -15.56
CA TYR B 23 2.19 0.91 -15.22
C TYR B 23 2.84 1.57 -14.00
N GLN B 24 2.87 2.91 -13.96
CA GLN B 24 3.48 3.68 -12.87
C GLN B 24 2.91 3.24 -11.53
N ASP B 25 1.58 3.21 -11.42
CA ASP B 25 0.86 2.82 -10.22
C ASP B 25 1.29 1.43 -9.79
N ILE B 26 1.33 0.47 -10.74
CA ILE B 26 1.76 -0.89 -10.45
C ILE B 26 3.17 -0.85 -9.83
N GLN B 27 4.12 -0.15 -10.45
CA GLN B 27 5.49 -0.06 -9.94
C GLN B 27 5.53 0.52 -8.53
N LYS B 28 4.77 1.58 -8.24
CA LYS B 28 4.74 2.18 -6.90
C LYS B 28 4.33 1.10 -5.90
N ALA B 29 3.25 0.37 -6.15
CA ALA B 29 2.82 -0.66 -5.22
C ALA B 29 3.88 -1.76 -5.09
N LEU B 30 4.52 -2.22 -6.19
CA LEU B 30 5.54 -3.25 -6.11
C LEU B 30 6.70 -2.83 -5.22
N VAL B 31 7.28 -1.65 -5.46
CA VAL B 31 8.40 -1.18 -4.66
C VAL B 31 7.99 -1.02 -3.19
N ILE B 32 6.87 -0.36 -2.92
CA ILE B 32 6.41 -0.14 -1.55
C ILE B 32 6.16 -1.49 -0.86
N ALA B 33 5.69 -2.50 -1.59
CA ALA B 33 5.42 -3.83 -1.07
C ALA B 33 6.70 -4.65 -0.89
N HIS B 34 7.88 -4.06 -1.09
CA HIS B 34 9.19 -4.69 -0.99
C HIS B 34 9.31 -5.79 -2.05
N ASN B 35 8.87 -5.48 -3.27
CA ASN B 35 8.82 -6.32 -4.47
C ASN B 35 8.04 -7.59 -4.21
N ASN B 36 6.82 -7.43 -3.67
CA ASN B 36 5.89 -8.51 -3.35
C ASN B 36 4.59 -8.28 -4.11
N ILE B 37 4.37 -9.03 -5.19
CA ILE B 37 3.19 -8.92 -6.04
C ILE B 37 1.88 -9.14 -5.27
N GLU B 38 1.81 -10.11 -4.35
CA GLU B 38 0.61 -10.42 -3.58
C GLU B 38 0.16 -9.20 -2.78
N MET B 39 1.08 -8.65 -2.02
CA MET B 39 0.91 -7.50 -1.16
C MET B 39 0.61 -6.27 -2.02
N ALA B 40 1.37 -6.06 -3.11
CA ALA B 40 1.18 -4.94 -4.01
C ALA B 40 -0.22 -4.96 -4.62
N LYS B 41 -0.70 -6.12 -5.06
CA LYS B 41 -2.04 -6.27 -5.65
C LYS B 41 -3.10 -5.74 -4.71
N ASN B 42 -2.93 -5.93 -3.40
CA ASN B 42 -3.88 -5.47 -2.40
C ASN B 42 -3.83 -3.94 -2.35
N ILE B 43 -2.65 -3.31 -2.37
CA ILE B 43 -2.51 -1.85 -2.34
C ILE B 43 -3.31 -1.28 -3.52
N LEU B 44 -3.05 -1.85 -4.69
CA LEU B 44 -3.68 -1.49 -5.95
C LEU B 44 -5.19 -1.76 -5.98
N ARG B 45 -5.75 -2.40 -4.94
CA ARG B 45 -7.16 -2.72 -4.89
C ARG B 45 -7.94 -1.89 -3.88
N GLU B 46 -7.34 -1.53 -2.74
CA GLU B 46 -8.05 -0.74 -1.72
C GLU B 46 -7.72 0.76 -1.81
N PHE B 47 -6.76 1.15 -2.65
CA PHE B 47 -6.36 2.54 -2.86
C PHE B 47 -6.47 2.89 -4.34
N SER B 48 -5.75 2.16 -5.20
CA SER B 48 -5.78 2.40 -6.64
C SER B 48 -7.11 1.88 -7.23
N GLY B 49 -7.80 0.96 -6.55
CA GLY B 49 -9.07 0.39 -6.96
C GLY B 49 -10.23 1.12 -6.27
N PRO B 50 -11.48 0.74 -6.53
CA PRO B 50 -12.64 1.39 -5.92
C PRO B 50 -12.70 1.10 -4.42
N SER B 51 -13.54 1.84 -3.68
CA SER B 51 -13.70 1.69 -2.24
C SER B 51 -15.20 1.64 -1.91
N SER B 52 -15.85 0.58 -2.38
CA SER B 52 -17.27 0.36 -2.17
C SER B 52 -17.49 -1.15 -2.14
N GLY B 53 -17.74 -1.69 -0.95
CA GLY B 53 -17.98 -3.11 -0.78
C GLY B 53 -18.56 -3.35 0.59
N GLY A 1 16.50 17.05 13.14
CA GLY A 1 16.88 15.67 12.77
C GLY A 1 15.78 14.69 13.17
N SER A 2 15.72 13.54 12.50
CA SER A 2 14.76 12.47 12.74
C SER A 2 15.53 11.15 12.75
N SER A 3 14.94 10.06 13.23
CA SER A 3 15.62 8.77 13.29
C SER A 3 14.65 7.61 13.04
N GLY A 4 13.77 7.32 14.00
CA GLY A 4 12.76 6.27 13.93
C GLY A 4 11.60 6.58 14.88
N SER A 5 10.68 5.62 15.03
CA SER A 5 9.52 5.75 15.88
C SER A 5 9.96 5.89 17.35
N SER A 6 9.15 6.52 18.19
CA SER A 6 9.50 6.73 19.59
C SER A 6 9.42 5.50 20.53
N GLY A 7 8.89 4.36 20.09
CA GLY A 7 8.80 3.16 20.92
C GLY A 7 7.52 2.36 20.77
N GLN A 8 6.38 3.01 20.53
CA GLN A 8 5.08 2.39 20.35
C GLN A 8 4.41 3.01 19.13
N LEU A 9 4.10 2.18 18.13
CA LEU A 9 3.49 2.58 16.87
C LEU A 9 2.17 3.34 17.03
N SER A 10 1.49 3.20 18.17
CA SER A 10 0.23 3.87 18.46
C SER A 10 0.42 5.39 18.33
N SER A 11 1.58 5.90 18.75
CA SER A 11 1.88 7.33 18.67
C SER A 11 2.07 7.75 17.22
N GLU A 12 2.68 6.89 16.40
CA GLU A 12 2.91 7.17 14.99
C GLU A 12 1.57 7.24 14.24
N ILE A 13 0.54 6.52 14.72
CA ILE A 13 -0.81 6.54 14.14
C ILE A 13 -1.36 7.94 14.41
N GLU A 14 -1.28 8.42 15.65
CA GLU A 14 -1.77 9.75 16.00
C GLU A 14 -1.00 10.84 15.25
N ARG A 15 0.27 10.59 14.90
CA ARG A 15 1.04 11.58 14.16
C ARG A 15 0.40 11.68 12.76
N LEU A 16 0.07 10.55 12.13
CA LEU A 16 -0.56 10.56 10.81
C LEU A 16 -1.95 11.19 10.89
N MET A 17 -2.68 11.03 12.01
CA MET A 17 -3.98 11.66 12.15
C MET A 17 -3.76 13.17 11.99
N SER A 18 -2.73 13.71 12.67
CA SER A 18 -2.40 15.11 12.62
C SER A 18 -1.99 15.54 11.20
N GLN A 19 -1.48 14.62 10.35
CA GLN A 19 -1.12 14.97 8.97
C GLN A 19 -2.40 15.22 8.15
N GLY A 20 -3.59 14.91 8.68
CA GLY A 20 -4.89 15.12 8.03
C GLY A 20 -5.61 13.86 7.55
N TYR A 21 -5.15 12.66 7.93
CA TYR A 21 -5.75 11.38 7.51
C TYR A 21 -6.75 10.85 8.54
N SER A 22 -7.53 9.85 8.14
CA SER A 22 -8.52 9.20 9.00
C SER A 22 -7.88 7.95 9.61
N TYR A 23 -8.34 7.57 10.80
CA TYR A 23 -7.84 6.40 11.51
C TYR A 23 -7.96 5.11 10.69
N GLN A 24 -9.05 4.95 9.95
CA GLN A 24 -9.36 3.80 9.11
C GLN A 24 -8.27 3.56 8.06
N ASP A 25 -7.92 4.60 7.30
CA ASP A 25 -6.90 4.53 6.25
C ASP A 25 -5.58 4.10 6.87
N ILE A 26 -5.26 4.65 8.03
CA ILE A 26 -4.02 4.31 8.72
C ILE A 26 -4.07 2.82 9.10
N GLN A 27 -5.13 2.32 9.74
CA GLN A 27 -5.22 0.91 10.13
C GLN A 27 -5.12 0.00 8.90
N LYS A 28 -5.78 0.33 7.78
CA LYS A 28 -5.72 -0.46 6.56
C LYS A 28 -4.30 -0.49 6.02
N ALA A 29 -3.59 0.65 6.05
CA ALA A 29 -2.22 0.68 5.57
C ALA A 29 -1.30 -0.14 6.47
N LEU A 30 -1.56 -0.11 7.79
CA LEU A 30 -0.78 -0.83 8.79
C LEU A 30 -0.80 -2.33 8.53
N VAL A 31 -2.00 -2.92 8.47
CA VAL A 31 -2.17 -4.35 8.25
C VAL A 31 -1.51 -4.82 6.95
N ILE A 32 -1.70 -4.10 5.85
CA ILE A 32 -1.12 -4.47 4.56
C ILE A 32 0.41 -4.29 4.57
N ALA A 33 0.96 -3.42 5.41
CA ALA A 33 2.38 -3.18 5.51
C ALA A 33 3.03 -4.09 6.55
N HIS A 34 2.37 -5.16 7.02
CA HIS A 34 2.90 -6.07 8.04
C HIS A 34 3.33 -5.27 9.29
N ASN A 35 2.54 -4.24 9.65
CA ASN A 35 2.77 -3.34 10.78
C ASN A 35 4.07 -2.51 10.62
N ASN A 36 4.69 -2.49 9.43
CA ASN A 36 5.89 -1.70 9.17
C ASN A 36 5.37 -0.28 8.98
N ILE A 37 5.48 0.56 10.00
CA ILE A 37 5.01 1.94 10.01
C ILE A 37 5.53 2.79 8.84
N GLU A 38 6.80 2.66 8.49
CA GLU A 38 7.43 3.44 7.42
C GLU A 38 6.90 3.02 6.06
N MET A 39 6.67 1.73 5.90
CA MET A 39 6.15 1.16 4.68
C MET A 39 4.73 1.70 4.51
N ALA A 40 3.91 1.65 5.57
CA ALA A 40 2.54 2.15 5.54
C ALA A 40 2.54 3.64 5.18
N LYS A 41 3.45 4.43 5.79
CA LYS A 41 3.58 5.86 5.53
C LYS A 41 3.83 6.10 4.04
N ASN A 42 4.70 5.30 3.42
CA ASN A 42 5.01 5.44 2.00
C ASN A 42 3.72 5.27 1.17
N ILE A 43 2.87 4.29 1.49
CA ILE A 43 1.62 4.06 0.77
C ILE A 43 0.74 5.31 0.96
N LEU A 44 0.57 5.74 2.21
CA LEU A 44 -0.24 6.89 2.60
C LEU A 44 0.37 8.25 2.19
N ARG A 45 1.30 8.25 1.23
CA ARG A 45 1.98 9.42 0.68
C ARG A 45 2.16 9.27 -0.84
N GLU A 46 1.71 8.15 -1.41
CA GLU A 46 1.80 7.83 -2.84
C GLU A 46 0.45 7.35 -3.40
N PHE A 47 -0.51 7.00 -2.55
CA PHE A 47 -1.86 6.55 -2.91
C PHE A 47 -2.84 7.50 -2.22
N SER A 48 -2.90 7.43 -0.89
CA SER A 48 -3.79 8.30 -0.12
C SER A 48 -3.10 9.67 -0.09
N GLY A 49 -3.89 10.74 0.00
CA GLY A 49 -3.44 12.12 0.04
C GLY A 49 -4.34 12.94 0.96
N PRO A 50 -4.02 14.22 1.20
CA PRO A 50 -4.81 15.08 2.08
C PRO A 50 -6.17 15.41 1.48
N SER A 51 -7.06 15.90 2.35
CA SER A 51 -8.43 16.30 2.06
C SER A 51 -8.89 17.36 3.05
N SER A 52 -9.76 18.25 2.58
CA SER A 52 -10.37 19.36 3.32
C SER A 52 -11.81 19.51 2.81
N GLY A 53 -12.64 20.33 3.45
CA GLY A 53 -14.02 20.53 3.04
C GLY A 53 -14.88 20.73 4.26
N GLY B 1 -6.38 -24.05 -9.56
CA GLY B 1 -5.71 -24.27 -8.28
C GLY B 1 -4.46 -23.43 -8.19
N SER B 2 -4.55 -22.21 -7.66
CA SER B 2 -3.38 -21.34 -7.53
C SER B 2 -2.36 -21.99 -6.60
N SER B 3 -1.09 -21.62 -6.71
CA SER B 3 -0.04 -22.19 -5.87
C SER B 3 1.12 -21.25 -5.57
N GLY B 4 1.09 -19.99 -6.06
CA GLY B 4 2.15 -19.02 -5.83
C GLY B 4 2.58 -18.33 -7.13
N SER B 5 3.73 -17.67 -7.06
CA SER B 5 4.35 -16.91 -8.14
C SER B 5 4.55 -17.70 -9.42
N SER B 6 4.20 -17.08 -10.56
CA SER B 6 4.37 -17.68 -11.88
C SER B 6 5.84 -17.86 -12.26
N GLY B 7 6.74 -17.05 -11.70
CA GLY B 7 8.16 -17.09 -11.99
C GLY B 7 8.74 -15.72 -11.73
N GLN B 8 8.24 -14.70 -12.44
CA GLN B 8 8.67 -13.31 -12.31
C GLN B 8 7.42 -12.42 -12.24
N LEU B 9 7.51 -11.40 -11.40
CA LEU B 9 6.46 -10.42 -11.13
C LEU B 9 5.96 -9.73 -12.39
N SER B 10 6.79 -9.60 -13.43
CA SER B 10 6.41 -8.96 -14.68
C SER B 10 5.14 -9.60 -15.25
N SER B 11 5.05 -10.93 -15.24
CA SER B 11 3.88 -11.61 -15.76
C SER B 11 2.63 -11.29 -14.92
N GLU B 12 2.77 -11.16 -13.59
CA GLU B 12 1.66 -10.87 -12.70
C GLU B 12 1.09 -9.46 -12.94
N ILE B 13 1.93 -8.49 -13.34
CA ILE B 13 1.50 -7.12 -13.62
C ILE B 13 0.49 -7.15 -14.76
N GLU B 14 0.78 -7.89 -15.83
CA GLU B 14 -0.09 -8.00 -17.00
C GLU B 14 -1.45 -8.58 -16.62
N ARG B 15 -1.49 -9.49 -15.65
CA ARG B 15 -2.76 -10.09 -15.20
C ARG B 15 -3.56 -8.98 -14.49
N LEU B 16 -2.90 -8.13 -13.70
CA LEU B 16 -3.60 -7.03 -13.02
C LEU B 16 -4.14 -6.04 -14.05
N MET B 17 -3.46 -5.85 -15.18
CA MET B 17 -3.94 -4.95 -16.22
C MET B 17 -5.30 -5.44 -16.72
N SER B 18 -5.51 -6.76 -16.72
CA SER B 18 -6.74 -7.42 -17.14
C SER B 18 -7.91 -6.95 -16.29
N GLN B 19 -7.75 -6.97 -14.96
CA GLN B 19 -8.79 -6.53 -14.02
C GLN B 19 -9.17 -5.08 -14.31
N GLY B 20 -8.19 -4.28 -14.75
CA GLY B 20 -8.33 -2.88 -15.11
C GLY B 20 -7.35 -1.96 -14.39
N TYR B 21 -6.50 -2.47 -13.50
CA TYR B 21 -5.53 -1.65 -12.79
C TYR B 21 -4.53 -1.03 -13.77
N SER B 22 -4.24 0.25 -13.60
CA SER B 22 -3.30 0.98 -14.42
C SER B 22 -1.88 0.55 -14.04
N TYR B 23 -0.98 0.54 -15.01
CA TYR B 23 0.42 0.18 -14.81
C TYR B 23 1.04 1.08 -13.73
N GLN B 24 0.62 2.35 -13.69
CA GLN B 24 1.10 3.33 -12.71
C GLN B 24 0.86 2.80 -11.29
N ASP B 25 -0.40 2.45 -10.99
CA ASP B 25 -0.83 1.93 -9.70
C ASP B 25 -0.03 0.69 -9.34
N ILE B 26 0.06 -0.26 -10.27
CA ILE B 26 0.78 -1.51 -10.04
C ILE B 26 2.25 -1.22 -9.68
N GLN B 27 2.95 -0.39 -10.44
CA GLN B 27 4.35 -0.06 -10.16
C GLN B 27 4.51 0.67 -8.83
N LYS B 28 3.66 1.64 -8.52
CA LYS B 28 3.75 2.39 -7.26
C LYS B 28 3.51 1.42 -6.10
N ALA B 29 2.53 0.52 -6.24
CA ALA B 29 2.24 -0.45 -5.21
C ALA B 29 3.46 -1.37 -5.01
N LEU B 30 4.05 -1.85 -6.10
CA LEU B 30 5.20 -2.75 -6.08
C LEU B 30 6.46 -2.18 -5.45
N VAL B 31 6.84 -0.94 -5.78
CA VAL B 31 8.05 -0.34 -5.22
C VAL B 31 7.91 -0.18 -3.69
N ILE B 32 6.77 0.32 -3.22
CA ILE B 32 6.50 0.51 -1.80
C ILE B 32 6.38 -0.85 -1.11
N ALA B 33 5.80 -1.85 -1.79
CA ALA B 33 5.63 -3.20 -1.26
C ALA B 33 6.96 -4.00 -1.23
N HIS B 34 8.11 -3.33 -1.42
CA HIS B 34 9.44 -3.94 -1.43
C HIS B 34 9.48 -5.09 -2.44
N ASN B 35 9.01 -4.81 -3.66
CA ASN B 35 8.91 -5.70 -4.80
C ASN B 35 8.12 -6.99 -4.48
N ASN B 36 6.96 -6.85 -3.84
CA ASN B 36 6.09 -7.97 -3.48
C ASN B 36 4.74 -7.75 -4.17
N ILE B 37 4.46 -8.55 -5.19
CA ILE B 37 3.23 -8.48 -5.96
C ILE B 37 1.99 -8.80 -5.12
N GLU B 38 2.07 -9.75 -4.19
CA GLU B 38 0.94 -10.13 -3.35
C GLU B 38 0.58 -8.98 -2.43
N MET B 39 1.58 -8.45 -1.74
CA MET B 39 1.46 -7.32 -0.83
C MET B 39 0.89 -6.14 -1.62
N ALA B 40 1.43 -5.89 -2.83
CA ALA B 40 0.96 -4.82 -3.68
C ALA B 40 -0.52 -5.05 -4.05
N LYS B 41 -0.91 -6.28 -4.40
CA LYS B 41 -2.28 -6.61 -4.75
C LYS B 41 -3.22 -6.26 -3.60
N ASN B 42 -2.79 -6.43 -2.35
CA ASN B 42 -3.60 -6.11 -1.18
C ASN B 42 -3.89 -4.61 -1.16
N ILE B 43 -2.90 -3.77 -1.48
CA ILE B 43 -3.07 -2.31 -1.53
C ILE B 43 -4.11 -2.03 -2.63
N LEU B 44 -3.98 -2.70 -3.78
CA LEU B 44 -4.85 -2.61 -4.96
C LEU B 44 -6.17 -3.38 -4.74
N ARG B 45 -6.61 -3.55 -3.50
CA ARG B 45 -7.83 -4.25 -3.11
C ARG B 45 -8.48 -3.59 -1.89
N GLU B 46 -7.86 -2.52 -1.39
CA GLU B 46 -8.32 -1.76 -0.23
C GLU B 46 -8.27 -0.28 -0.63
N PHE B 47 -7.09 0.23 -0.98
CA PHE B 47 -6.88 1.62 -1.38
C PHE B 47 -7.33 1.78 -2.82
N SER B 48 -6.55 1.26 -3.78
CA SER B 48 -6.92 1.36 -5.17
C SER B 48 -8.03 0.34 -5.43
N GLY B 49 -8.84 0.59 -6.46
CA GLY B 49 -9.95 -0.25 -6.86
C GLY B 49 -10.13 -0.18 -8.37
N PRO B 50 -11.12 -0.91 -8.90
CA PRO B 50 -11.39 -0.93 -10.32
C PRO B 50 -12.09 0.35 -10.77
N SER B 51 -12.05 0.59 -12.07
CA SER B 51 -12.67 1.72 -12.73
C SER B 51 -13.02 1.35 -14.16
N SER B 52 -13.90 2.13 -14.76
CA SER B 52 -14.40 2.01 -16.12
C SER B 52 -14.88 3.39 -16.57
N GLY B 53 -15.37 3.51 -17.80
CA GLY B 53 -15.85 4.76 -18.35
C GLY B 53 -16.02 4.58 -19.83
N GLY A 1 7.28 9.55 25.85
CA GLY A 1 7.62 9.02 27.18
C GLY A 1 8.47 10.03 27.94
N SER A 2 8.23 10.16 29.24
CA SER A 2 8.92 11.07 30.17
C SER A 2 10.41 11.27 29.85
N SER A 3 11.20 10.20 29.94
CA SER A 3 12.64 10.21 29.67
C SER A 3 12.98 9.69 28.26
N GLY A 4 12.10 8.88 27.68
CA GLY A 4 12.26 8.26 26.37
C GLY A 4 11.81 6.83 26.49
N SER A 5 10.69 6.47 25.86
CA SER A 5 10.17 5.10 25.91
C SER A 5 9.46 4.83 24.59
N SER A 6 10.24 4.84 23.50
CA SER A 6 9.77 4.61 22.15
C SER A 6 9.27 3.16 22.02
N GLY A 7 8.60 2.86 20.91
CA GLY A 7 8.07 1.54 20.60
C GLY A 7 6.56 1.52 20.39
N GLN A 8 5.85 2.55 20.85
CA GLN A 8 4.41 2.62 20.66
C GLN A 8 4.13 3.14 19.26
N LEU A 9 3.14 2.57 18.59
CA LEU A 9 2.79 2.98 17.25
C LEU A 9 1.63 3.99 17.27
N SER A 10 0.91 4.09 18.39
CA SER A 10 -0.21 4.99 18.58
C SER A 10 0.23 6.44 18.37
N SER A 11 1.37 6.82 18.95
CA SER A 11 1.94 8.16 18.85
C SER A 11 2.22 8.55 17.40
N GLU A 12 2.58 7.59 16.57
CA GLU A 12 2.90 7.82 15.17
C GLU A 12 1.64 8.15 14.37
N ILE A 13 0.46 7.65 14.78
CA ILE A 13 -0.81 7.93 14.10
C ILE A 13 -1.06 9.43 14.24
N GLU A 14 -0.91 9.95 15.46
CA GLU A 14 -1.13 11.35 15.77
C GLU A 14 -0.15 12.23 15.00
N ARG A 15 1.10 11.78 14.78
CA ARG A 15 2.03 12.61 14.01
C ARG A 15 1.52 12.73 12.59
N LEU A 16 0.89 11.68 12.04
CA LEU A 16 0.35 11.73 10.69
C LEU A 16 -0.93 12.58 10.68
N MET A 17 -1.74 12.53 11.75
CA MET A 17 -2.97 13.33 11.84
C MET A 17 -2.60 14.81 11.67
N SER A 18 -1.51 15.24 12.32
CA SER A 18 -0.98 16.60 12.30
C SER A 18 -0.74 17.07 10.85
N GLN A 19 -0.32 16.18 9.95
CA GLN A 19 -0.06 16.50 8.55
C GLN A 19 -1.34 16.81 7.77
N GLY A 20 -2.49 16.32 8.24
CA GLY A 20 -3.79 16.49 7.62
C GLY A 20 -4.30 15.14 7.08
N TYR A 21 -3.68 14.02 7.45
CA TYR A 21 -4.11 12.69 7.00
C TYR A 21 -5.31 12.26 7.83
N SER A 22 -6.29 11.62 7.19
CA SER A 22 -7.49 11.13 7.86
C SER A 22 -7.15 9.88 8.69
N TYR A 23 -7.78 9.74 9.86
CA TYR A 23 -7.57 8.61 10.77
C TYR A 23 -7.77 7.27 10.06
N GLN A 24 -8.88 7.15 9.32
CA GLN A 24 -9.26 5.97 8.57
C GLN A 24 -8.16 5.52 7.62
N ASP A 25 -7.62 6.46 6.84
CA ASP A 25 -6.56 6.19 5.86
C ASP A 25 -5.36 5.62 6.58
N ILE A 26 -4.93 6.28 7.67
CA ILE A 26 -3.77 5.83 8.44
C ILE A 26 -4.02 4.38 8.92
N GLN A 27 -5.21 4.08 9.45
CA GLN A 27 -5.56 2.75 9.93
C GLN A 27 -5.44 1.72 8.80
N LYS A 28 -6.04 1.99 7.63
CA LYS A 28 -5.98 1.08 6.49
C LYS A 28 -4.53 0.81 6.08
N ALA A 29 -3.70 1.86 6.04
CA ALA A 29 -2.30 1.68 5.66
C ALA A 29 -1.57 0.80 6.68
N LEU A 30 -1.85 0.97 7.96
CA LEU A 30 -1.21 0.20 9.03
C LEU A 30 -1.52 -1.27 9.00
N VAL A 31 -2.80 -1.62 8.93
CA VAL A 31 -3.21 -3.02 8.91
C VAL A 31 -2.59 -3.73 7.71
N ILE A 32 -2.73 -3.15 6.50
CA ILE A 32 -2.21 -3.70 5.26
C ILE A 32 -0.67 -3.76 5.33
N ALA A 33 0.00 -2.80 5.96
CA ALA A 33 1.45 -2.78 6.08
C ALA A 33 1.96 -3.79 7.12
N HIS A 34 1.10 -4.60 7.71
CA HIS A 34 1.43 -5.60 8.71
C HIS A 34 1.94 -4.90 9.98
N ASN A 35 1.26 -3.83 10.43
CA ASN A 35 1.57 -3.04 11.62
C ASN A 35 2.95 -2.35 11.56
N ASN A 36 3.46 -2.11 10.35
CA ASN A 36 4.73 -1.47 10.08
C ASN A 36 4.45 0.00 9.75
N ILE A 37 4.78 0.92 10.67
CA ILE A 37 4.52 2.35 10.49
C ILE A 37 5.24 2.94 9.26
N GLU A 38 6.51 2.62 9.04
CA GLU A 38 7.30 3.13 7.93
C GLU A 38 6.64 2.74 6.62
N MET A 39 6.40 1.44 6.46
CA MET A 39 5.77 0.85 5.29
C MET A 39 4.41 1.50 5.07
N ALA A 40 3.63 1.72 6.13
CA ALA A 40 2.33 2.35 6.05
C ALA A 40 2.46 3.82 5.63
N LYS A 41 3.48 4.55 6.13
CA LYS A 41 3.71 5.95 5.79
C LYS A 41 3.94 6.09 4.29
N ASN A 42 4.66 5.15 3.69
CA ASN A 42 4.95 5.15 2.26
C ASN A 42 3.61 5.08 1.53
N ILE A 43 2.72 4.16 1.89
CA ILE A 43 1.39 4.01 1.26
C ILE A 43 0.67 5.37 1.30
N LEU A 44 0.61 5.99 2.47
CA LEU A 44 -0.05 7.27 2.66
C LEU A 44 0.55 8.42 1.87
N ARG A 45 1.82 8.37 1.47
CA ARG A 45 2.42 9.46 0.72
C ARG A 45 2.38 9.23 -0.77
N GLU A 46 2.65 8.01 -1.20
CA GLU A 46 2.67 7.67 -2.62
C GLU A 46 1.26 7.59 -3.21
N PHE A 47 0.26 7.06 -2.48
CA PHE A 47 -1.12 6.93 -2.98
C PHE A 47 -2.00 8.05 -2.44
N SER A 48 -2.25 8.03 -1.12
CA SER A 48 -3.07 9.00 -0.42
C SER A 48 -2.30 10.32 -0.32
N GLY A 49 -2.84 11.27 0.45
CA GLY A 49 -2.28 12.57 0.70
C GLY A 49 -3.10 13.22 1.81
N PRO A 50 -2.55 14.22 2.50
CA PRO A 50 -3.28 14.91 3.55
C PRO A 50 -4.35 15.79 2.89
N SER A 51 -5.57 15.76 3.39
CA SER A 51 -6.68 16.54 2.86
C SER A 51 -6.60 18.02 3.27
N SER A 52 -5.59 18.42 4.04
CA SER A 52 -5.36 19.76 4.54
C SER A 52 -3.86 19.90 4.85
N GLY A 53 -3.49 20.87 5.69
CA GLY A 53 -2.13 21.17 6.13
C GLY A 53 -2.22 22.14 7.29
N GLY B 1 3.19 -20.80 -17.78
CA GLY B 1 3.98 -21.99 -17.47
C GLY B 1 3.53 -23.17 -18.30
N SER B 2 4.37 -23.62 -19.23
CA SER B 2 4.08 -24.76 -20.11
C SER B 2 3.70 -25.98 -19.28
N SER B 3 4.54 -26.34 -18.30
CA SER B 3 4.33 -27.44 -17.39
C SER B 3 3.83 -26.84 -16.07
N GLY B 4 4.74 -26.27 -15.29
CA GLY B 4 4.47 -25.63 -14.02
C GLY B 4 5.60 -24.66 -13.71
N SER B 5 5.26 -23.41 -13.36
CA SER B 5 6.24 -22.38 -13.05
C SER B 5 5.59 -21.32 -12.16
N SER B 6 6.14 -21.11 -10.96
CA SER B 6 5.68 -20.12 -9.98
C SER B 6 6.92 -19.42 -9.43
N GLY B 7 6.74 -18.25 -8.81
CA GLY B 7 7.83 -17.45 -8.26
C GLY B 7 8.13 -16.26 -9.18
N GLN B 8 7.22 -15.90 -10.09
CA GLN B 8 7.34 -14.77 -10.99
C GLN B 8 6.22 -13.84 -10.62
N LEU B 9 6.52 -12.55 -10.60
CA LEU B 9 5.57 -11.51 -10.22
C LEU B 9 5.07 -10.72 -11.44
N SER B 10 5.83 -10.68 -12.53
CA SER B 10 5.48 -9.96 -13.74
C SER B 10 4.16 -10.46 -14.33
N SER B 11 3.97 -11.78 -14.38
CA SER B 11 2.76 -12.42 -14.90
C SER B 11 1.53 -12.04 -14.08
N GLU B 12 1.73 -11.64 -12.82
CA GLU B 12 0.69 -11.27 -11.89
C GLU B 12 0.23 -9.83 -12.14
N ILE B 13 1.08 -8.97 -12.71
CA ILE B 13 0.74 -7.57 -13.03
C ILE B 13 -0.38 -7.63 -14.07
N GLU B 14 -0.20 -8.50 -15.07
CA GLU B 14 -1.15 -8.72 -16.15
C GLU B 14 -2.50 -9.21 -15.62
N ARG B 15 -2.53 -9.89 -14.46
CA ARG B 15 -3.77 -10.36 -13.85
C ARG B 15 -4.47 -9.20 -13.17
N LEU B 16 -3.72 -8.32 -12.49
CA LEU B 16 -4.29 -7.16 -11.83
C LEU B 16 -4.91 -6.23 -12.89
N MET B 17 -4.29 -6.11 -14.06
CA MET B 17 -4.81 -5.27 -15.14
C MET B 17 -6.21 -5.70 -15.55
N SER B 18 -6.51 -7.00 -15.42
CA SER B 18 -7.80 -7.57 -15.76
C SER B 18 -8.93 -6.96 -14.90
N GLN B 19 -8.62 -6.33 -13.75
CA GLN B 19 -9.60 -5.68 -12.89
C GLN B 19 -9.79 -4.22 -13.26
N GLY B 20 -8.97 -3.64 -14.13
CA GLY B 20 -9.09 -2.23 -14.51
C GLY B 20 -8.24 -1.32 -13.62
N TYR B 21 -7.05 -1.79 -13.21
CA TYR B 21 -6.13 -1.03 -12.37
C TYR B 21 -5.02 -0.44 -13.22
N SER B 22 -4.64 0.82 -12.98
CA SER B 22 -3.57 1.47 -13.72
C SER B 22 -2.21 0.83 -13.40
N TYR B 23 -1.31 0.84 -14.39
CA TYR B 23 0.03 0.26 -14.26
C TYR B 23 0.80 0.97 -13.15
N GLN B 24 0.65 2.29 -13.04
CA GLN B 24 1.30 3.09 -12.03
C GLN B 24 0.94 2.56 -10.65
N ASP B 25 -0.35 2.52 -10.33
CA ASP B 25 -0.88 2.06 -9.05
C ASP B 25 -0.32 0.67 -8.74
N ILE B 26 -0.40 -0.26 -9.68
CA ILE B 26 0.12 -1.61 -9.47
C ILE B 26 1.61 -1.57 -9.08
N GLN B 27 2.46 -0.85 -9.83
CA GLN B 27 3.88 -0.73 -9.51
C GLN B 27 4.08 -0.09 -8.13
N LYS B 28 3.42 1.04 -7.85
CA LYS B 28 3.52 1.75 -6.58
C LYS B 28 3.19 0.82 -5.41
N ALA B 29 2.13 0.02 -5.51
CA ALA B 29 1.77 -0.88 -4.43
C ALA B 29 2.84 -1.96 -4.24
N LEU B 30 3.44 -2.45 -5.32
CA LEU B 30 4.47 -3.48 -5.25
C LEU B 30 5.71 -2.98 -4.53
N VAL B 31 6.29 -1.86 -4.95
CA VAL B 31 7.51 -1.33 -4.34
C VAL B 31 7.32 -1.07 -2.84
N ILE B 32 6.18 -0.51 -2.46
CA ILE B 32 5.88 -0.22 -1.06
C ILE B 32 5.61 -1.52 -0.28
N ALA B 33 5.13 -2.58 -0.94
CA ALA B 33 4.87 -3.87 -0.32
C ALA B 33 6.13 -4.76 -0.34
N HIS B 34 7.31 -4.22 -0.66
CA HIS B 34 8.56 -4.96 -0.75
C HIS B 34 8.36 -6.11 -1.77
N ASN B 35 7.67 -5.82 -2.87
CA ASN B 35 7.29 -6.67 -3.99
C ASN B 35 6.30 -7.79 -3.62
N ASN B 36 5.73 -7.78 -2.41
CA ASN B 36 4.76 -8.78 -1.96
C ASN B 36 3.46 -8.52 -2.74
N ILE B 37 3.09 -9.40 -3.68
CA ILE B 37 1.90 -9.26 -4.51
C ILE B 37 0.60 -9.28 -3.69
N GLU B 38 0.48 -10.18 -2.70
CA GLU B 38 -0.71 -10.31 -1.85
C GLU B 38 -0.98 -9.00 -1.10
N MET B 39 0.06 -8.48 -0.45
CA MET B 39 0.03 -7.24 0.31
C MET B 39 -0.32 -6.09 -0.63
N ALA B 40 0.37 -5.99 -1.77
CA ALA B 40 0.15 -4.95 -2.76
C ALA B 40 -1.32 -4.95 -3.22
N LYS B 41 -1.90 -6.13 -3.48
CA LYS B 41 -3.29 -6.25 -3.91
C LYS B 41 -4.24 -5.63 -2.89
N ASN B 42 -3.97 -5.80 -1.59
CA ASN B 42 -4.82 -5.22 -0.55
C ASN B 42 -4.74 -3.70 -0.64
N ILE B 43 -3.56 -3.12 -0.89
CA ILE B 43 -3.40 -1.67 -1.03
C ILE B 43 -4.32 -1.20 -2.15
N LEU B 44 -4.27 -1.88 -3.31
CA LEU B 44 -5.09 -1.58 -4.48
C LEU B 44 -6.58 -1.81 -4.28
N ARG B 45 -7.03 -2.40 -3.17
CA ARG B 45 -8.45 -2.66 -2.94
C ARG B 45 -9.00 -1.77 -1.84
N GLU B 46 -8.19 -1.44 -0.84
CA GLU B 46 -8.60 -0.63 0.28
C GLU B 46 -8.37 0.86 0.04
N PHE B 47 -7.49 1.25 -0.89
CA PHE B 47 -7.20 2.65 -1.19
C PHE B 47 -7.66 2.92 -2.63
N SER B 48 -6.87 2.46 -3.60
CA SER B 48 -7.20 2.64 -5.01
C SER B 48 -8.39 1.74 -5.35
N GLY B 49 -8.94 1.92 -6.55
CA GLY B 49 -10.08 1.14 -7.02
C GLY B 49 -9.95 0.88 -8.53
N PRO B 50 -10.75 -0.07 -9.03
CA PRO B 50 -10.78 -0.43 -10.44
C PRO B 50 -11.56 0.66 -11.19
N SER B 51 -10.96 1.28 -12.21
CA SER B 51 -11.60 2.33 -12.97
C SER B 51 -12.60 1.77 -14.00
N SER B 52 -12.70 0.46 -14.20
CA SER B 52 -13.61 -0.13 -15.16
C SER B 52 -14.23 -1.44 -14.65
N GLY B 53 -15.34 -1.85 -15.27
CA GLY B 53 -16.06 -3.08 -14.94
C GLY B 53 -15.66 -4.21 -15.87
N GLY A 1 16.72 4.49 4.36
CA GLY A 1 15.46 4.35 5.08
C GLY A 1 15.72 4.55 6.56
N SER A 2 15.05 5.53 7.17
CA SER A 2 15.21 5.86 8.58
C SER A 2 13.85 6.14 9.21
N SER A 3 13.86 6.35 10.52
CA SER A 3 12.71 6.66 11.36
C SER A 3 13.21 7.58 12.50
N GLY A 4 12.28 8.09 13.30
CA GLY A 4 12.54 8.95 14.44
C GLY A 4 12.07 8.30 15.73
N SER A 5 11.20 7.28 15.63
CA SER A 5 10.62 6.51 16.70
C SER A 5 9.85 5.35 16.04
N SER A 6 9.83 4.18 16.67
CA SER A 6 9.16 2.97 16.21
C SER A 6 8.74 2.15 17.45
N GLY A 7 8.04 1.03 17.27
CA GLY A 7 7.63 0.16 18.37
C GLY A 7 6.14 0.16 18.67
N GLN A 8 5.70 1.06 19.54
CA GLN A 8 4.29 1.16 19.91
C GLN A 8 3.63 1.89 18.75
N LEU A 9 3.26 1.11 17.75
CA LEU A 9 2.64 1.52 16.52
C LEU A 9 1.41 2.39 16.70
N SER A 10 0.66 2.21 17.79
CA SER A 10 -0.54 2.97 18.10
C SER A 10 -0.27 4.47 18.10
N SER A 11 0.89 4.89 18.64
CA SER A 11 1.28 6.30 18.68
C SER A 11 1.57 6.87 17.29
N GLU A 12 1.93 6.03 16.32
CA GLU A 12 2.22 6.47 14.97
C GLU A 12 0.94 6.69 14.17
N ILE A 13 -0.13 5.97 14.48
CA ILE A 13 -1.42 6.10 13.79
C ILE A 13 -1.88 7.54 13.90
N GLU A 14 -1.81 8.10 15.10
CA GLU A 14 -2.22 9.47 15.37
C GLU A 14 -1.37 10.48 14.59
N ARG A 15 -0.15 10.12 14.16
CA ARG A 15 0.69 11.03 13.40
C ARG A 15 0.23 11.04 11.95
N LEU A 16 -0.28 9.91 11.44
CA LEU A 16 -0.78 9.85 10.07
C LEU A 16 -2.03 10.74 10.04
N MET A 17 -2.85 10.71 11.10
CA MET A 17 -4.07 11.52 11.20
C MET A 17 -3.81 13.00 10.97
N SER A 18 -2.64 13.51 11.36
CA SER A 18 -2.27 14.90 11.17
C SER A 18 -2.24 15.27 9.67
N GLN A 19 -2.07 14.30 8.77
CA GLN A 19 -2.03 14.47 7.31
C GLN A 19 -3.41 14.23 6.67
N GLY A 20 -4.46 14.01 7.46
CA GLY A 20 -5.83 13.78 7.01
C GLY A 20 -6.23 12.32 6.82
N TYR A 21 -5.29 11.37 6.91
CA TYR A 21 -5.60 9.96 6.74
C TYR A 21 -6.54 9.51 7.87
N SER A 22 -7.64 8.86 7.54
CA SER A 22 -8.61 8.36 8.52
C SER A 22 -8.06 7.07 9.14
N TYR A 23 -8.64 6.62 10.25
CA TYR A 23 -8.21 5.39 10.92
C TYR A 23 -8.31 4.23 9.93
N GLN A 24 -9.42 4.19 9.17
CA GLN A 24 -9.67 3.16 8.18
C GLN A 24 -8.51 3.00 7.20
N ASP A 25 -8.00 4.11 6.66
CA ASP A 25 -6.89 4.16 5.70
C ASP A 25 -5.61 3.63 6.33
N ILE A 26 -5.27 4.18 7.49
CA ILE A 26 -4.06 3.84 8.23
C ILE A 26 -4.01 2.35 8.50
N GLN A 27 -5.11 1.80 9.02
CA GLN A 27 -5.21 0.39 9.33
C GLN A 27 -5.05 -0.43 8.05
N LYS A 28 -5.76 -0.14 6.95
CA LYS A 28 -5.62 -0.88 5.70
C LYS A 28 -4.17 -0.96 5.24
N ALA A 29 -3.45 0.17 5.32
CA ALA A 29 -2.06 0.24 4.90
C ALA A 29 -1.20 -0.65 5.79
N LEU A 30 -1.40 -0.59 7.12
CA LEU A 30 -0.67 -1.39 8.08
C LEU A 30 -0.89 -2.86 7.83
N VAL A 31 -2.13 -3.28 7.64
CA VAL A 31 -2.53 -4.66 7.37
C VAL A 31 -1.73 -5.20 6.18
N ILE A 32 -1.81 -4.51 5.05
CA ILE A 32 -1.13 -4.91 3.82
C ILE A 32 0.40 -4.85 3.99
N ALA A 33 0.93 -3.93 4.79
CA ALA A 33 2.35 -3.81 5.02
C ALA A 33 2.85 -4.85 6.03
N HIS A 34 2.01 -5.81 6.44
CA HIS A 34 2.32 -6.85 7.41
C HIS A 34 2.73 -6.17 8.74
N ASN A 35 2.01 -5.09 9.09
CA ASN A 35 2.17 -4.23 10.26
C ASN A 35 3.43 -3.37 10.24
N ASN A 36 4.16 -3.28 9.12
CA ASN A 36 5.37 -2.46 9.03
C ASN A 36 4.90 -1.00 8.89
N ILE A 37 5.07 -0.18 9.93
CA ILE A 37 4.65 1.22 9.92
C ILE A 37 5.34 2.08 8.86
N GLU A 38 6.64 1.92 8.65
CA GLU A 38 7.44 2.69 7.69
C GLU A 38 6.92 2.44 6.28
N MET A 39 6.66 1.17 5.99
CA MET A 39 6.14 0.68 4.73
C MET A 39 4.71 1.19 4.55
N ALA A 40 3.87 1.07 5.59
CA ALA A 40 2.50 1.52 5.55
C ALA A 40 2.43 3.03 5.31
N LYS A 41 3.30 3.81 5.96
CA LYS A 41 3.37 5.27 5.79
C LYS A 41 3.65 5.55 4.30
N ASN A 42 4.52 4.76 3.65
CA ASN A 42 4.82 4.94 2.23
C ASN A 42 3.58 4.68 1.37
N ILE A 43 2.76 3.65 1.67
CA ILE A 43 1.55 3.34 0.90
C ILE A 43 0.65 4.58 0.93
N LEU A 44 0.41 5.11 2.14
CA LEU A 44 -0.43 6.27 2.35
C LEU A 44 0.15 7.52 1.69
N ARG A 45 1.47 7.63 1.57
CA ARG A 45 2.14 8.78 0.96
C ARG A 45 1.96 8.81 -0.56
N GLU A 46 2.03 7.66 -1.23
CA GLU A 46 1.94 7.60 -2.68
C GLU A 46 0.56 7.32 -3.28
N PHE A 47 -0.32 6.58 -2.60
CA PHE A 47 -1.67 6.31 -3.14
C PHE A 47 -2.66 7.28 -2.53
N SER A 48 -2.74 7.30 -1.21
CA SER A 48 -3.64 8.17 -0.46
C SER A 48 -2.96 9.56 -0.35
N GLY A 49 -3.62 10.50 0.32
CA GLY A 49 -3.17 11.86 0.56
C GLY A 49 -4.30 12.83 0.22
N PRO A 50 -4.25 14.09 0.68
CA PRO A 50 -5.29 15.08 0.43
C PRO A 50 -5.37 15.40 -1.06
N SER A 51 -6.36 14.82 -1.75
CA SER A 51 -6.62 14.97 -3.17
C SER A 51 -8.14 14.95 -3.37
N SER A 52 -8.89 15.55 -2.45
CA SER A 52 -10.34 15.57 -2.51
C SER A 52 -10.91 16.90 -2.00
N GLY A 53 -10.11 17.96 -1.98
CA GLY A 53 -10.45 19.30 -1.52
C GLY A 53 -9.21 20.16 -1.62
N GLY B 1 -0.96 -16.33 3.32
CA GLY B 1 -1.87 -16.69 2.22
C GLY B 1 -1.27 -17.80 1.39
N SER B 2 -1.55 -17.79 0.08
CA SER B 2 -1.10 -18.74 -0.93
C SER B 2 -1.13 -18.03 -2.28
N SER B 3 -0.62 -18.64 -3.35
CA SER B 3 -0.60 -18.07 -4.69
C SER B 3 -0.62 -19.23 -5.70
N GLY B 4 -1.13 -18.97 -6.90
CA GLY B 4 -1.19 -19.96 -7.95
C GLY B 4 0.21 -20.25 -8.46
N SER B 5 0.97 -19.19 -8.71
CA SER B 5 2.34 -19.22 -9.18
C SER B 5 3.02 -17.93 -8.69
N SER B 6 4.34 -17.89 -8.79
CA SER B 6 5.20 -16.78 -8.41
C SER B 6 6.31 -16.73 -9.47
N GLY B 7 6.85 -15.56 -9.76
CA GLY B 7 7.89 -15.43 -10.77
C GLY B 7 8.05 -13.99 -11.23
N GLN B 8 8.53 -13.87 -12.47
CA GLN B 8 8.79 -12.63 -13.18
C GLN B 8 7.62 -11.66 -13.01
N LEU B 9 7.88 -10.51 -12.39
CA LEU B 9 6.88 -9.48 -12.16
C LEU B 9 6.24 -9.07 -13.49
N SER B 10 7.02 -9.01 -14.57
CA SER B 10 6.58 -8.65 -15.90
C SER B 10 5.43 -9.49 -16.44
N SER B 11 5.15 -10.67 -15.88
CA SER B 11 4.05 -11.52 -16.32
C SER B 11 2.81 -11.30 -15.44
N GLU B 12 3.00 -10.84 -14.20
CA GLU B 12 1.91 -10.57 -13.26
C GLU B 12 1.36 -9.16 -13.46
N ILE B 13 2.21 -8.21 -13.87
CA ILE B 13 1.82 -6.81 -14.13
C ILE B 13 0.73 -6.83 -15.21
N GLU B 14 0.83 -7.73 -16.19
CA GLU B 14 -0.15 -7.88 -17.26
C GLU B 14 -1.49 -8.34 -16.68
N ARG B 15 -1.46 -9.26 -15.70
CA ARG B 15 -2.66 -9.79 -15.05
C ARG B 15 -3.37 -8.67 -14.30
N LEU B 16 -2.64 -7.64 -13.88
CA LEU B 16 -3.17 -6.48 -13.18
C LEU B 16 -3.76 -5.51 -14.21
N MET B 17 -3.09 -5.24 -15.33
CA MET B 17 -3.62 -4.33 -16.35
C MET B 17 -5.02 -4.76 -16.77
N SER B 18 -5.27 -6.06 -16.97
CA SER B 18 -6.57 -6.59 -17.37
C SER B 18 -7.67 -6.40 -16.30
N GLN B 19 -7.38 -5.84 -15.13
CA GLN B 19 -8.33 -5.58 -14.05
C GLN B 19 -8.68 -4.09 -13.97
N GLY B 20 -8.12 -3.26 -14.85
CA GLY B 20 -8.37 -1.83 -14.90
C GLY B 20 -7.25 -1.01 -14.27
N TYR B 21 -6.27 -1.66 -13.67
CA TYR B 21 -5.12 -1.00 -13.05
C TYR B 21 -4.19 -0.54 -14.17
N SER B 22 -3.26 0.37 -13.89
CA SER B 22 -2.32 0.90 -14.88
C SER B 22 -0.89 0.71 -14.39
N TYR B 23 0.08 0.69 -15.31
CA TYR B 23 1.49 0.50 -14.97
C TYR B 23 1.97 1.47 -13.89
N GLN B 24 1.45 2.70 -13.88
CA GLN B 24 1.84 3.68 -12.89
C GLN B 24 1.52 3.20 -11.47
N ASP B 25 0.25 2.88 -11.19
CA ASP B 25 -0.19 2.39 -9.90
C ASP B 25 0.39 1.00 -9.61
N ILE B 26 0.43 0.10 -10.60
CA ILE B 26 0.96 -1.25 -10.45
C ILE B 26 2.39 -1.15 -9.91
N GLN B 27 3.25 -0.38 -10.58
CA GLN B 27 4.61 -0.20 -10.16
C GLN B 27 4.68 0.47 -8.78
N LYS B 28 3.96 1.58 -8.53
CA LYS B 28 4.02 2.24 -7.22
C LYS B 28 3.73 1.26 -6.07
N ALA B 29 2.81 0.32 -6.29
CA ALA B 29 2.44 -0.67 -5.29
C ALA B 29 3.62 -1.62 -5.13
N LEU B 30 4.16 -2.14 -6.23
CA LEU B 30 5.30 -3.07 -6.24
C LEU B 30 6.49 -2.47 -5.48
N VAL B 31 6.86 -1.23 -5.79
CA VAL B 31 7.97 -0.52 -5.17
C VAL B 31 7.77 -0.43 -3.66
N ILE B 32 6.58 -0.02 -3.22
CA ILE B 32 6.30 0.11 -1.80
C ILE B 32 6.24 -1.27 -1.13
N ALA B 33 5.89 -2.31 -1.88
CA ALA B 33 5.81 -3.70 -1.43
C ALA B 33 7.15 -4.41 -1.50
N HIS B 34 8.25 -3.69 -1.78
CA HIS B 34 9.60 -4.26 -1.91
C HIS B 34 9.58 -5.37 -2.98
N ASN B 35 8.99 -5.05 -4.14
CA ASN B 35 8.82 -5.91 -5.33
C ASN B 35 7.96 -7.16 -5.08
N ASN B 36 7.28 -7.25 -3.93
CA ASN B 36 6.41 -8.38 -3.60
C ASN B 36 5.10 -8.17 -4.35
N ILE B 37 4.90 -8.89 -5.45
CA ILE B 37 3.70 -8.78 -6.28
C ILE B 37 2.41 -9.11 -5.51
N GLU B 38 2.41 -10.12 -4.65
CA GLU B 38 1.24 -10.54 -3.89
C GLU B 38 0.79 -9.45 -2.92
N MET B 39 1.77 -8.82 -2.28
CA MET B 39 1.56 -7.74 -1.33
C MET B 39 1.05 -6.54 -2.11
N ALA B 40 1.70 -6.21 -3.24
CA ALA B 40 1.32 -5.10 -4.10
C ALA B 40 -0.12 -5.25 -4.60
N LYS B 41 -0.53 -6.48 -4.96
CA LYS B 41 -1.88 -6.77 -5.43
C LYS B 41 -2.88 -6.43 -4.34
N ASN B 42 -2.55 -6.71 -3.07
CA ASN B 42 -3.43 -6.41 -1.94
C ASN B 42 -3.57 -4.89 -1.82
N ILE B 43 -2.49 -4.11 -2.02
CA ILE B 43 -2.51 -2.64 -1.95
C ILE B 43 -3.60 -2.16 -2.91
N LEU B 44 -3.50 -2.59 -4.16
CA LEU B 44 -4.43 -2.25 -5.21
C LEU B 44 -5.85 -2.71 -4.88
N ARG B 45 -6.06 -3.95 -4.40
CA ARG B 45 -7.42 -4.40 -4.10
C ARG B 45 -8.07 -3.66 -2.93
N GLU B 46 -7.31 -3.16 -1.96
CA GLU B 46 -7.87 -2.46 -0.82
C GLU B 46 -8.02 -0.95 -1.03
N PHE B 47 -7.07 -0.30 -1.71
CA PHE B 47 -7.11 1.14 -1.95
C PHE B 47 -7.68 1.41 -3.34
N SER B 48 -6.93 1.03 -4.38
CA SER B 48 -7.28 1.18 -5.78
C SER B 48 -8.53 0.34 -6.13
N GLY B 49 -8.93 0.40 -7.39
CA GLY B 49 -10.08 -0.32 -7.93
C GLY B 49 -10.85 0.53 -8.92
N PRO B 50 -11.84 -0.07 -9.59
CA PRO B 50 -12.68 0.62 -10.56
C PRO B 50 -13.67 1.49 -9.79
N SER B 51 -13.30 2.74 -9.54
CA SER B 51 -14.09 3.75 -8.83
C SER B 51 -14.23 5.00 -9.68
N SER B 52 -14.17 4.86 -11.01
CA SER B 52 -14.29 5.92 -11.97
C SER B 52 -14.75 5.28 -13.29
N GLY B 53 -16.04 4.97 -13.37
CA GLY B 53 -16.67 4.35 -14.51
C GLY B 53 -16.48 2.85 -14.47
N GLY A 1 3.47 12.74 26.94
CA GLY A 1 3.42 12.52 28.40
C GLY A 1 4.59 11.66 28.80
N SER A 2 4.37 10.69 29.69
CA SER A 2 5.42 9.79 30.14
C SER A 2 5.60 8.73 29.05
N SER A 3 6.73 8.70 28.36
CA SER A 3 7.00 7.71 27.31
C SER A 3 7.11 6.34 27.99
N GLY A 4 6.02 5.57 28.00
CA GLY A 4 5.98 4.25 28.62
C GLY A 4 6.56 3.18 27.71
N SER A 5 6.07 3.10 26.47
CA SER A 5 6.53 2.11 25.51
C SER A 5 6.88 2.77 24.18
N SER A 6 7.69 2.06 23.39
CA SER A 6 8.18 2.44 22.08
C SER A 6 7.58 1.52 21.01
N GLY A 7 6.43 0.92 21.29
CA GLY A 7 5.72 0.01 20.41
C GLY A 7 4.33 0.53 20.02
N GLN A 8 3.85 1.61 20.65
CA GLN A 8 2.53 2.17 20.31
C GLN A 8 2.55 2.70 18.88
N LEU A 9 1.36 2.78 18.29
CA LEU A 9 1.12 3.27 16.93
C LEU A 9 -0.03 4.27 16.92
N SER A 10 -0.77 4.47 18.03
CA SER A 10 -1.89 5.42 18.09
C SER A 10 -1.38 6.82 17.75
N SER A 11 -0.28 7.16 18.41
CA SER A 11 0.47 8.38 18.35
C SER A 11 0.96 8.67 16.93
N GLU A 12 1.11 7.64 16.10
CA GLU A 12 1.58 7.74 14.73
C GLU A 12 0.42 8.07 13.79
N ILE A 13 -0.82 7.66 14.11
CA ILE A 13 -1.99 7.95 13.30
C ILE A 13 -2.16 9.47 13.34
N GLU A 14 -2.21 10.02 14.55
CA GLU A 14 -2.37 11.44 14.79
C GLU A 14 -1.23 12.21 14.12
N ARG A 15 0.01 11.66 14.08
CA ARG A 15 1.13 12.33 13.42
C ARG A 15 0.90 12.40 11.91
N LEU A 16 0.36 11.34 11.31
CA LEU A 16 0.08 11.31 9.89
C LEU A 16 -1.01 12.30 9.51
N MET A 17 -2.00 12.53 10.40
CA MET A 17 -3.07 13.48 10.11
C MET A 17 -2.51 14.88 9.86
N SER A 18 -1.42 15.26 10.53
CA SER A 18 -0.79 16.57 10.37
C SER A 18 -0.30 16.80 8.93
N GLN A 19 -0.03 15.72 8.18
CA GLN A 19 0.43 15.84 6.80
C GLN A 19 -0.73 16.13 5.85
N GLY A 20 -1.96 15.83 6.26
CA GLY A 20 -3.17 16.01 5.47
C GLY A 20 -3.80 14.67 5.10
N TYR A 21 -3.20 13.54 5.50
CA TYR A 21 -3.72 12.21 5.21
C TYR A 21 -4.99 12.00 6.03
N SER A 22 -6.07 11.62 5.36
CA SER A 22 -7.36 11.39 6.00
C SER A 22 -7.27 10.18 6.93
N TYR A 23 -8.04 10.20 8.03
CA TYR A 23 -8.07 9.12 9.02
C TYR A 23 -8.38 7.76 8.36
N GLN A 24 -9.33 7.73 7.43
CA GLN A 24 -9.69 6.50 6.74
C GLN A 24 -8.50 5.92 5.99
N ASP A 25 -7.75 6.76 5.26
CA ASP A 25 -6.58 6.34 4.50
C ASP A 25 -5.56 5.71 5.46
N ILE A 26 -5.24 6.42 6.55
CA ILE A 26 -4.28 5.92 7.53
C ILE A 26 -4.74 4.56 8.07
N GLN A 27 -6.02 4.44 8.44
CA GLN A 27 -6.58 3.20 8.95
C GLN A 27 -6.42 2.09 7.90
N LYS A 28 -6.92 2.27 6.69
CA LYS A 28 -6.85 1.31 5.59
C LYS A 28 -5.41 0.86 5.35
N ALA A 29 -4.46 1.80 5.31
CA ALA A 29 -3.05 1.52 5.09
C ALA A 29 -2.51 0.60 6.19
N LEU A 30 -2.84 0.87 7.45
CA LEU A 30 -2.38 0.07 8.59
C LEU A 30 -2.91 -1.35 8.55
N VAL A 31 -4.14 -1.57 8.09
CA VAL A 31 -4.69 -2.92 8.03
C VAL A 31 -3.85 -3.72 7.04
N ILE A 32 -3.78 -3.22 5.80
CA ILE A 32 -3.06 -3.83 4.70
C ILE A 32 -1.57 -3.98 5.01
N ALA A 33 -0.95 -3.01 5.69
CA ALA A 33 0.45 -3.06 6.06
C ALA A 33 0.72 -4.03 7.21
N HIS A 34 -0.31 -4.70 7.73
CA HIS A 34 -0.22 -5.64 8.83
C HIS A 34 0.40 -4.94 10.05
N ASN A 35 -0.24 -3.85 10.47
CA ASN A 35 0.12 -3.00 11.62
C ASN A 35 1.53 -2.39 11.51
N ASN A 36 2.12 -2.33 10.31
CA ASN A 36 3.45 -1.78 10.14
C ASN A 36 3.32 -0.32 9.71
N ILE A 37 3.50 0.62 10.64
CA ILE A 37 3.41 2.05 10.37
C ILE A 37 4.44 2.49 9.33
N GLU A 38 5.67 1.96 9.36
CA GLU A 38 6.73 2.32 8.44
C GLU A 38 6.36 1.93 7.00
N MET A 39 5.71 0.78 6.86
CA MET A 39 5.24 0.24 5.60
C MET A 39 4.05 1.09 5.16
N ALA A 40 3.08 1.31 6.06
CA ALA A 40 1.88 2.11 5.78
C ALA A 40 2.26 3.54 5.38
N LYS A 41 3.30 4.11 5.99
CA LYS A 41 3.81 5.45 5.71
C LYS A 41 4.16 5.52 4.24
N ASN A 42 4.89 4.53 3.73
CA ASN A 42 5.28 4.46 2.33
C ASN A 42 4.05 4.43 1.45
N ILE A 43 3.01 3.67 1.81
CA ILE A 43 1.78 3.58 1.02
C ILE A 43 1.18 4.99 0.88
N LEU A 44 0.95 5.67 2.00
CA LEU A 44 0.38 7.01 1.99
C LEU A 44 1.26 7.98 1.16
N ARG A 45 2.58 7.90 1.37
CA ARG A 45 3.60 8.71 0.70
C ARG A 45 3.66 8.46 -0.80
N GLU A 46 3.13 7.35 -1.30
CA GLU A 46 3.14 6.99 -2.71
C GLU A 46 1.78 7.00 -3.40
N PHE A 47 0.67 6.77 -2.69
CA PHE A 47 -0.69 6.73 -3.23
C PHE A 47 -1.55 7.92 -2.79
N SER A 48 -1.79 8.07 -1.48
CA SER A 48 -2.62 9.12 -0.88
C SER A 48 -2.04 10.54 -0.93
N GLY A 49 -0.99 10.81 -1.70
CA GLY A 49 -0.35 12.11 -1.82
C GLY A 49 0.11 12.34 -3.27
N PRO A 50 1.08 13.24 -3.50
CA PRO A 50 1.59 13.57 -4.83
C PRO A 50 2.42 12.42 -5.41
N SER A 51 2.94 12.63 -6.62
CA SER A 51 3.78 11.70 -7.36
C SER A 51 5.19 12.28 -7.59
N SER A 52 5.53 13.41 -6.95
CA SER A 52 6.81 14.07 -7.09
C SER A 52 7.26 14.57 -5.71
N GLY A 53 8.18 13.84 -5.10
CA GLY A 53 8.76 14.08 -3.79
C GLY A 53 9.27 12.76 -3.27
N GLY B 1 1.61 -21.17 -21.67
CA GLY B 1 2.98 -21.41 -22.12
C GLY B 1 3.44 -22.70 -21.49
N SER B 2 4.66 -22.74 -20.97
CA SER B 2 5.27 -23.88 -20.32
C SER B 2 5.72 -23.38 -18.95
N SER B 3 4.87 -23.55 -17.94
CA SER B 3 5.14 -23.11 -16.57
C SER B 3 6.24 -23.99 -15.93
N GLY B 4 6.69 -23.61 -14.74
CA GLY B 4 7.72 -24.32 -14.00
C GLY B 4 7.93 -23.58 -12.68
N SER B 5 8.44 -22.36 -12.77
CA SER B 5 8.71 -21.48 -11.65
C SER B 5 7.38 -20.98 -11.05
N SER B 6 6.76 -21.72 -10.13
CA SER B 6 5.50 -21.37 -9.49
C SER B 6 5.73 -20.37 -8.35
N GLY B 7 6.35 -19.25 -8.69
CA GLY B 7 6.70 -18.16 -7.82
C GLY B 7 7.26 -17.08 -8.72
N GLN B 8 6.37 -16.35 -9.38
CA GLN B 8 6.69 -15.27 -10.31
C GLN B 8 5.68 -14.14 -10.10
N LEU B 9 6.08 -12.93 -10.50
CA LEU B 9 5.27 -11.71 -10.41
C LEU B 9 5.01 -11.10 -11.79
N SER B 10 5.79 -11.46 -12.80
CA SER B 10 5.69 -10.99 -14.17
C SER B 10 4.28 -11.13 -14.71
N SER B 11 3.77 -12.36 -14.74
CA SER B 11 2.44 -12.71 -15.21
C SER B 11 1.37 -12.06 -14.33
N GLU B 12 1.63 -11.93 -13.03
CA GLU B 12 0.73 -11.37 -12.07
C GLU B 12 0.49 -9.88 -12.34
N ILE B 13 1.49 -9.14 -12.83
CA ILE B 13 1.36 -7.71 -13.16
C ILE B 13 0.32 -7.59 -14.28
N GLU B 14 0.42 -8.44 -15.32
CA GLU B 14 -0.52 -8.45 -16.44
C GLU B 14 -1.96 -8.73 -15.97
N ARG B 15 -2.09 -9.58 -14.95
CA ARG B 15 -3.40 -9.94 -14.42
C ARG B 15 -4.02 -8.73 -13.73
N LEU B 16 -3.20 -7.87 -13.10
CA LEU B 16 -3.68 -6.67 -12.43
C LEU B 16 -3.94 -5.60 -13.48
N MET B 17 -3.12 -5.50 -14.54
CA MET B 17 -3.33 -4.52 -15.59
C MET B 17 -4.72 -4.70 -16.19
N SER B 18 -5.15 -5.95 -16.35
CA SER B 18 -6.45 -6.30 -16.91
C SER B 18 -7.64 -5.77 -16.07
N GLN B 19 -7.43 -5.40 -14.80
CA GLN B 19 -8.49 -4.86 -13.96
C GLN B 19 -8.64 -3.36 -14.24
N GLY B 20 -7.55 -2.68 -14.60
CA GLY B 20 -7.50 -1.25 -14.91
C GLY B 20 -6.42 -0.51 -14.11
N TYR B 21 -5.66 -1.20 -13.25
CA TYR B 21 -4.60 -0.59 -12.46
C TYR B 21 -3.45 -0.24 -13.41
N SER B 22 -3.04 1.03 -13.41
CA SER B 22 -1.96 1.50 -14.27
C SER B 22 -0.63 0.86 -13.90
N TYR B 23 0.29 0.83 -14.85
CA TYR B 23 1.62 0.25 -14.67
C TYR B 23 2.33 0.85 -13.46
N GLN B 24 2.32 2.19 -13.37
CA GLN B 24 2.95 2.93 -12.29
C GLN B 24 2.40 2.52 -10.93
N ASP B 25 1.08 2.40 -10.81
CA ASP B 25 0.44 2.02 -9.55
C ASP B 25 0.84 0.61 -9.16
N ILE B 26 0.81 -0.33 -10.12
CA ILE B 26 1.19 -1.72 -9.84
C ILE B 26 2.63 -1.69 -9.31
N GLN B 27 3.54 -1.10 -10.09
CA GLN B 27 4.95 -0.96 -9.75
C GLN B 27 5.11 -0.35 -8.37
N LYS B 28 4.53 0.81 -8.06
CA LYS B 28 4.65 1.46 -6.75
C LYS B 28 4.24 0.50 -5.64
N ALA B 29 3.17 -0.28 -5.83
CA ALA B 29 2.73 -1.24 -4.83
C ALA B 29 3.84 -2.30 -4.72
N LEU B 30 4.39 -2.76 -5.85
CA LEU B 30 5.47 -3.74 -5.93
C LEU B 30 6.82 -3.22 -5.37
N VAL B 31 6.86 -1.98 -4.86
CA VAL B 31 8.03 -1.34 -4.25
C VAL B 31 7.79 -1.13 -2.73
N ILE B 32 6.54 -1.16 -2.29
CA ILE B 32 6.17 -0.94 -0.89
C ILE B 32 5.84 -2.23 -0.13
N ALA B 33 5.25 -3.22 -0.81
CA ALA B 33 4.89 -4.51 -0.26
C ALA B 33 6.07 -5.51 -0.26
N HIS B 34 7.30 -5.06 -0.52
CA HIS B 34 8.52 -5.89 -0.59
C HIS B 34 8.32 -7.08 -1.55
N ASN B 35 7.84 -6.78 -2.76
CA ASN B 35 7.53 -7.65 -3.89
C ASN B 35 6.45 -8.68 -3.53
N ASN B 36 5.77 -8.56 -2.38
CA ASN B 36 4.71 -9.47 -1.96
C ASN B 36 3.48 -9.10 -2.79
N ILE B 37 3.21 -9.82 -3.88
CA ILE B 37 2.09 -9.59 -4.78
C ILE B 37 0.76 -9.56 -4.02
N GLU B 38 0.56 -10.47 -3.06
CA GLU B 38 -0.69 -10.54 -2.29
C GLU B 38 -0.93 -9.29 -1.45
N MET B 39 0.12 -8.74 -0.87
CA MET B 39 0.05 -7.53 -0.06
C MET B 39 -0.22 -6.36 -1.00
N ALA B 40 0.50 -6.26 -2.13
CA ALA B 40 0.31 -5.19 -3.09
C ALA B 40 -1.13 -5.19 -3.64
N LYS B 41 -1.68 -6.38 -3.89
CA LYS B 41 -3.05 -6.55 -4.39
C LYS B 41 -4.02 -5.87 -3.43
N ASN B 42 -3.81 -6.03 -2.12
CA ASN B 42 -4.67 -5.42 -1.12
C ASN B 42 -4.54 -3.89 -1.17
N ILE B 43 -3.35 -3.34 -1.39
CA ILE B 43 -3.13 -1.89 -1.45
C ILE B 43 -3.96 -1.32 -2.59
N LEU B 44 -3.69 -1.79 -3.81
CA LEU B 44 -4.34 -1.38 -5.04
C LEU B 44 -5.86 -1.46 -4.93
N ARG B 45 -6.41 -2.56 -4.43
CA ARG B 45 -7.85 -2.73 -4.31
C ARG B 45 -8.53 -1.69 -3.43
N GLU B 46 -7.82 -1.07 -2.51
CA GLU B 46 -8.39 -0.06 -1.61
C GLU B 46 -7.99 1.35 -2.04
N PHE B 47 -6.68 1.63 -2.14
CA PHE B 47 -6.13 2.94 -2.51
C PHE B 47 -6.29 3.30 -3.98
N SER B 48 -6.47 2.30 -4.86
CA SER B 48 -6.62 2.46 -6.30
C SER B 48 -7.97 1.84 -6.74
N GLY B 49 -8.89 1.63 -5.80
CA GLY B 49 -10.22 1.06 -6.02
C GLY B 49 -11.26 1.89 -5.29
N PRO B 50 -12.55 1.54 -5.43
CA PRO B 50 -13.64 2.26 -4.78
C PRO B 50 -13.68 1.90 -3.30
N SER B 51 -14.54 2.59 -2.55
CA SER B 51 -14.71 2.32 -1.14
C SER B 51 -15.70 1.16 -1.07
N SER B 52 -16.95 1.35 -1.53
CA SER B 52 -17.96 0.30 -1.51
C SER B 52 -17.48 -0.86 -2.38
N GLY B 53 -17.34 -2.04 -1.78
CA GLY B 53 -16.90 -3.26 -2.41
C GLY B 53 -16.68 -4.32 -1.36
N GLY A 1 15.81 15.74 11.57
CA GLY A 1 15.49 14.73 12.59
C GLY A 1 14.37 15.17 13.52
N SER A 2 13.97 14.26 14.41
CA SER A 2 12.93 14.46 15.41
C SER A 2 13.08 13.35 16.46
N SER A 3 12.31 13.43 17.55
CA SER A 3 12.29 12.46 18.63
C SER A 3 11.61 11.19 18.10
N GLY A 4 12.36 10.32 17.44
CA GLY A 4 11.86 9.08 16.87
C GLY A 4 11.83 8.03 17.96
N SER A 5 10.65 7.51 18.32
CA SER A 5 10.48 6.49 19.34
C SER A 5 10.12 5.16 18.67
N SER A 6 9.95 4.08 19.43
CA SER A 6 9.64 2.77 18.85
C SER A 6 8.74 1.91 19.74
N GLY A 7 8.23 0.81 19.18
CA GLY A 7 7.38 -0.16 19.86
C GLY A 7 5.91 0.20 20.09
N GLN A 8 5.40 1.36 19.65
CA GLN A 8 3.99 1.71 19.85
C GLN A 8 3.53 2.51 18.63
N LEU A 9 3.02 1.82 17.61
CA LEU A 9 2.57 2.47 16.39
C LEU A 9 1.33 3.34 16.59
N SER A 10 0.55 3.15 17.66
CA SER A 10 -0.64 3.96 17.93
C SER A 10 -0.26 5.44 18.10
N SER A 11 0.96 5.73 18.55
CA SER A 11 1.43 7.09 18.75
C SER A 11 1.80 7.72 17.40
N GLU A 12 2.15 6.91 16.40
CA GLU A 12 2.52 7.38 15.08
C GLU A 12 1.29 7.71 14.24
N ILE A 13 0.15 7.05 14.53
CA ILE A 13 -1.12 7.29 13.84
C ILE A 13 -1.45 8.79 14.02
N GLU A 14 -1.24 9.31 15.22
CA GLU A 14 -1.48 10.70 15.59
C GLU A 14 -0.71 11.67 14.69
N ARG A 15 0.56 11.35 14.35
CA ARG A 15 1.35 12.23 13.50
C ARG A 15 0.77 12.21 12.09
N LEU A 16 0.30 11.05 11.63
CA LEU A 16 -0.30 10.88 10.31
C LEU A 16 -1.63 11.62 10.22
N MET A 17 -2.42 11.66 11.29
CA MET A 17 -3.70 12.36 11.31
C MET A 17 -3.47 13.82 10.93
N SER A 18 -2.45 14.46 11.55
CA SER A 18 -2.11 15.85 11.29
C SER A 18 -1.79 16.03 9.80
N GLN A 19 -1.09 15.07 9.16
CA GLN A 19 -0.74 15.15 7.74
C GLN A 19 -1.98 15.13 6.84
N GLY A 20 -3.18 14.88 7.36
CA GLY A 20 -4.42 14.87 6.58
C GLY A 20 -4.86 13.50 6.13
N TYR A 21 -4.18 12.40 6.50
CA TYR A 21 -4.62 11.08 6.08
C TYR A 21 -5.80 10.66 6.99
N SER A 22 -6.78 9.93 6.47
CA SER A 22 -7.94 9.48 7.26
C SER A 22 -7.53 8.37 8.22
N TYR A 23 -8.27 8.22 9.32
CA TYR A 23 -7.99 7.18 10.31
C TYR A 23 -8.08 5.79 9.70
N GLN A 24 -9.12 5.55 8.87
CA GLN A 24 -9.34 4.28 8.21
C GLN A 24 -8.11 3.96 7.34
N ASP A 25 -7.70 4.90 6.48
CA ASP A 25 -6.56 4.79 5.58
C ASP A 25 -5.32 4.43 6.40
N ILE A 26 -5.01 5.23 7.43
CA ILE A 26 -3.85 5.04 8.30
C ILE A 26 -3.80 3.60 8.82
N GLN A 27 -4.92 3.13 9.39
CA GLN A 27 -5.01 1.78 9.94
C GLN A 27 -4.87 0.73 8.83
N LYS A 28 -5.63 0.82 7.73
CA LYS A 28 -5.57 -0.15 6.63
C LYS A 28 -4.13 -0.27 6.09
N ALA A 29 -3.36 0.82 6.11
CA ALA A 29 -1.99 0.80 5.64
C ALA A 29 -1.18 -0.13 6.56
N LEU A 30 -1.31 0.03 7.89
CA LEU A 30 -0.61 -0.82 8.87
C LEU A 30 -0.96 -2.28 8.68
N VAL A 31 -2.24 -2.61 8.52
CA VAL A 31 -2.74 -3.97 8.34
C VAL A 31 -2.01 -4.67 7.18
N ILE A 32 -1.88 -3.99 6.06
CA ILE A 32 -1.24 -4.50 4.85
C ILE A 32 0.29 -4.40 4.94
N ALA A 33 0.82 -3.49 5.76
CA ALA A 33 2.24 -3.30 5.96
C ALA A 33 2.77 -4.20 7.08
N HIS A 34 1.96 -5.15 7.57
CA HIS A 34 2.33 -6.07 8.65
C HIS A 34 2.82 -5.26 9.87
N ASN A 35 2.06 -4.20 10.21
CA ASN A 35 2.28 -3.24 11.30
C ASN A 35 3.50 -2.34 11.09
N ASN A 36 4.18 -2.42 9.94
CA ASN A 36 5.33 -1.60 9.65
C ASN A 36 4.90 -0.17 9.37
N ILE A 37 5.11 0.74 10.34
CA ILE A 37 4.73 2.14 10.22
C ILE A 37 5.47 2.85 9.08
N GLU A 38 6.75 2.56 8.86
CA GLU A 38 7.56 3.19 7.82
C GLU A 38 7.07 2.81 6.43
N MET A 39 6.75 1.53 6.28
CA MET A 39 6.25 0.99 5.03
C MET A 39 4.89 1.65 4.80
N ALA A 40 4.01 1.63 5.80
CA ALA A 40 2.68 2.20 5.74
C ALA A 40 2.74 3.70 5.41
N LYS A 41 3.69 4.45 5.98
CA LYS A 41 3.88 5.87 5.73
C LYS A 41 4.10 6.11 4.24
N ASN A 42 4.89 5.25 3.59
CA ASN A 42 5.16 5.34 2.16
C ASN A 42 3.87 5.12 1.39
N ILE A 43 3.05 4.14 1.78
CA ILE A 43 1.76 3.84 1.11
C ILE A 43 0.91 5.10 1.16
N LEU A 44 0.68 5.64 2.36
CA LEU A 44 -0.14 6.84 2.56
C LEU A 44 0.36 8.03 1.77
N ARG A 45 1.69 8.18 1.63
CA ARG A 45 2.29 9.30 0.91
C ARG A 45 2.16 9.16 -0.61
N GLU A 46 2.11 7.95 -1.15
CA GLU A 46 2.03 7.72 -2.60
C GLU A 46 0.63 7.34 -3.11
N PHE A 47 -0.23 6.78 -2.27
CA PHE A 47 -1.58 6.37 -2.64
C PHE A 47 -2.57 7.41 -2.13
N SER A 48 -2.75 7.49 -0.82
CA SER A 48 -3.63 8.45 -0.18
C SER A 48 -3.04 9.87 -0.33
N GLY A 49 -3.69 10.88 0.23
CA GLY A 49 -3.21 12.25 0.13
C GLY A 49 -3.62 13.09 1.35
N PRO A 50 -3.06 14.29 1.49
CA PRO A 50 -3.38 15.17 2.60
C PRO A 50 -4.77 15.76 2.41
N SER A 51 -5.81 15.21 3.06
CA SER A 51 -7.17 15.75 2.94
C SER A 51 -7.20 17.22 3.37
N SER A 52 -6.34 17.59 4.31
CA SER A 52 -6.13 18.91 4.87
C SER A 52 -4.62 19.12 5.00
N GLY A 53 -4.20 20.37 5.03
CA GLY A 53 -2.82 20.81 5.16
C GLY A 53 -2.89 22.25 5.59
N GLY B 1 -6.33 -19.79 -6.39
CA GLY B 1 -6.22 -21.17 -6.89
C GLY B 1 -6.40 -21.17 -8.39
N SER B 2 -5.30 -21.02 -9.13
CA SER B 2 -5.27 -21.00 -10.58
C SER B 2 -3.83 -21.24 -11.05
N SER B 3 -3.59 -21.29 -12.36
CA SER B 3 -2.25 -21.50 -12.90
C SER B 3 -1.42 -20.26 -12.56
N GLY B 4 -0.40 -20.40 -11.71
CA GLY B 4 0.48 -19.32 -11.29
C GLY B 4 1.90 -19.85 -11.14
N SER B 5 2.86 -18.94 -10.97
CA SER B 5 4.27 -19.25 -10.83
C SER B 5 4.94 -18.28 -9.86
N SER B 6 6.19 -18.56 -9.51
CA SER B 6 7.05 -17.78 -8.64
C SER B 6 8.36 -17.59 -9.39
N GLY B 7 8.95 -16.40 -9.34
CA GLY B 7 10.22 -16.10 -10.01
C GLY B 7 10.19 -14.86 -10.89
N GLN B 8 8.99 -14.42 -11.32
CA GLN B 8 8.83 -13.25 -12.16
C GLN B 8 7.56 -12.51 -11.73
N LEU B 9 7.62 -11.18 -11.67
CA LEU B 9 6.49 -10.37 -11.26
C LEU B 9 5.75 -9.70 -12.41
N SER B 10 6.37 -9.51 -13.57
CA SER B 10 5.69 -8.84 -14.70
C SER B 10 4.40 -9.59 -15.06
N SER B 11 4.42 -10.92 -15.02
CA SER B 11 3.30 -11.79 -15.34
C SER B 11 2.05 -11.47 -14.51
N GLU B 12 2.22 -11.00 -13.26
CA GLU B 12 1.10 -10.65 -12.39
C GLU B 12 0.66 -9.20 -12.67
N ILE B 13 1.54 -8.33 -13.19
CA ILE B 13 1.17 -6.95 -13.51
C ILE B 13 0.14 -7.06 -14.65
N GLU B 14 0.37 -7.92 -15.63
CA GLU B 14 -0.53 -8.13 -16.76
C GLU B 14 -1.91 -8.55 -16.26
N ARG B 15 -1.95 -9.34 -15.18
CA ARG B 15 -3.20 -9.82 -14.57
C ARG B 15 -3.87 -8.65 -13.86
N LEU B 16 -3.09 -7.81 -13.17
CA LEU B 16 -3.58 -6.64 -12.46
C LEU B 16 -4.13 -5.64 -13.49
N MET B 17 -3.51 -5.50 -14.66
CA MET B 17 -4.00 -4.61 -15.71
C MET B 17 -5.40 -5.08 -16.09
N SER B 18 -5.61 -6.40 -16.16
CA SER B 18 -6.89 -7.00 -16.49
C SER B 18 -7.95 -6.56 -15.46
N GLN B 19 -7.59 -6.45 -14.17
CA GLN B 19 -8.50 -6.01 -13.11
C GLN B 19 -8.83 -4.52 -13.25
N GLY B 20 -8.20 -3.80 -14.18
CA GLY B 20 -8.41 -2.39 -14.46
C GLY B 20 -7.46 -1.45 -13.75
N TYR B 21 -6.58 -1.95 -12.88
CA TYR B 21 -5.63 -1.11 -12.16
C TYR B 21 -4.67 -0.41 -13.12
N SER B 22 -4.28 0.81 -12.79
CA SER B 22 -3.36 1.60 -13.60
C SER B 22 -1.93 1.10 -13.35
N TYR B 23 -1.09 1.09 -14.38
CA TYR B 23 0.29 0.64 -14.33
C TYR B 23 1.06 1.39 -13.24
N GLN B 24 0.83 2.71 -13.11
CA GLN B 24 1.50 3.51 -12.10
C GLN B 24 1.15 2.96 -10.73
N ASP B 25 -0.14 2.82 -10.40
CA ASP B 25 -0.57 2.30 -9.09
C ASP B 25 0.00 0.90 -8.86
N ILE B 26 -0.03 0.02 -9.87
CA ILE B 26 0.51 -1.34 -9.73
C ILE B 26 1.98 -1.27 -9.34
N GLN B 27 2.79 -0.55 -10.12
CA GLN B 27 4.21 -0.43 -9.86
C GLN B 27 4.45 0.27 -8.51
N LYS B 28 3.83 1.41 -8.22
CA LYS B 28 3.99 2.13 -6.94
C LYS B 28 3.71 1.18 -5.76
N ALA B 29 2.71 0.32 -5.90
CA ALA B 29 2.35 -0.64 -4.86
C ALA B 29 3.51 -1.62 -4.73
N LEU B 30 3.97 -2.19 -5.85
CA LEU B 30 5.06 -3.15 -5.87
C LEU B 30 6.37 -2.57 -5.34
N VAL B 31 6.59 -1.26 -5.47
CA VAL B 31 7.78 -0.59 -4.99
C VAL B 31 7.72 -0.57 -3.47
N ILE B 32 6.67 0.02 -2.92
CA ILE B 32 6.44 0.17 -1.50
C ILE B 32 6.27 -1.20 -0.83
N ALA B 33 5.75 -2.20 -1.54
CA ALA B 33 5.58 -3.55 -1.02
C ALA B 33 6.91 -4.32 -1.05
N HIS B 34 8.01 -3.69 -1.49
CA HIS B 34 9.34 -4.25 -1.59
C HIS B 34 9.28 -5.49 -2.48
N ASN B 35 8.83 -5.33 -3.73
CA ASN B 35 8.68 -6.37 -4.75
C ASN B 35 7.72 -7.52 -4.33
N ASN B 36 6.88 -7.33 -3.30
CA ASN B 36 5.94 -8.35 -2.86
C ASN B 36 4.60 -8.12 -3.55
N ILE B 37 4.29 -8.94 -4.57
CA ILE B 37 3.06 -8.86 -5.34
C ILE B 37 1.81 -9.13 -4.49
N GLU B 38 1.87 -10.05 -3.55
CA GLU B 38 0.73 -10.40 -2.70
C GLU B 38 0.36 -9.23 -1.80
N MET B 39 1.37 -8.62 -1.20
CA MET B 39 1.27 -7.47 -0.33
C MET B 39 0.74 -6.31 -1.18
N ALA B 40 1.33 -6.09 -2.36
CA ALA B 40 0.90 -5.02 -3.26
C ALA B 40 -0.56 -5.20 -3.69
N LYS B 41 -0.97 -6.44 -3.99
CA LYS B 41 -2.34 -6.75 -4.39
C LYS B 41 -3.31 -6.31 -3.30
N ASN B 42 -2.90 -6.41 -2.03
CA ASN B 42 -3.72 -6.02 -0.89
C ASN B 42 -3.85 -4.50 -0.85
N ILE B 43 -2.78 -3.74 -1.13
CA ILE B 43 -2.81 -2.28 -1.17
C ILE B 43 -3.86 -1.92 -2.24
N LEU B 44 -3.75 -2.54 -3.42
CA LEU B 44 -4.67 -2.33 -4.54
C LEU B 44 -6.09 -2.84 -4.25
N ARG B 45 -6.38 -3.37 -3.05
CA ARG B 45 -7.69 -3.89 -2.69
C ARG B 45 -8.29 -3.16 -1.48
N GLU B 46 -7.56 -2.22 -0.89
CA GLU B 46 -8.00 -1.42 0.26
C GLU B 46 -7.62 0.06 0.11
N PHE B 47 -7.04 0.48 -1.04
CA PHE B 47 -6.63 1.86 -1.32
C PHE B 47 -7.08 2.25 -2.74
N SER B 48 -6.47 1.64 -3.76
CA SER B 48 -6.78 1.87 -5.17
C SER B 48 -8.12 1.18 -5.49
N GLY B 49 -8.14 0.23 -6.43
CA GLY B 49 -9.34 -0.50 -6.81
C GLY B 49 -9.50 -0.52 -8.32
N PRO B 50 -10.42 -1.33 -8.86
CA PRO B 50 -10.67 -1.42 -10.29
C PRO B 50 -11.32 -0.10 -10.73
N SER B 51 -11.36 0.12 -12.04
CA SER B 51 -11.94 1.32 -12.63
C SER B 51 -13.00 1.01 -13.68
N SER B 52 -12.98 -0.19 -14.25
CA SER B 52 -13.91 -0.62 -15.28
C SER B 52 -14.34 -2.07 -15.02
N GLY B 53 -14.77 -2.76 -16.07
CA GLY B 53 -15.25 -4.13 -16.04
C GLY B 53 -16.71 -4.06 -15.69
N GLY A 1 15.66 12.49 4.54
CA GLY A 1 14.77 11.38 4.90
C GLY A 1 15.15 10.78 6.24
N SER A 2 14.26 9.97 6.83
CA SER A 2 14.48 9.31 8.12
C SER A 2 13.55 8.09 8.25
N SER A 3 13.92 7.17 9.13
CA SER A 3 13.18 5.95 9.46
C SER A 3 13.81 5.31 10.70
N GLY A 4 13.01 4.62 11.51
CA GLY A 4 13.42 3.95 12.73
C GLY A 4 12.27 3.97 13.72
N SER A 5 11.52 2.87 13.80
CA SER A 5 10.38 2.73 14.68
C SER A 5 10.78 2.48 16.14
N SER A 6 10.03 3.05 17.10
CA SER A 6 10.25 2.91 18.54
C SER A 6 8.99 3.37 19.29
N GLY A 7 8.86 3.06 20.57
CA GLY A 7 7.69 3.47 21.36
C GLY A 7 6.45 2.67 21.03
N GLN A 8 5.26 3.25 21.24
CA GLN A 8 3.97 2.62 20.99
C GLN A 8 3.49 3.00 19.59
N LEU A 9 3.32 2.03 18.69
CA LEU A 9 2.87 2.24 17.31
C LEU A 9 1.57 3.05 17.22
N SER A 10 0.62 2.89 18.16
CA SER A 10 -0.64 3.63 18.13
C SER A 10 -0.45 5.16 18.07
N SER A 11 0.71 5.67 18.49
CA SER A 11 1.05 7.08 18.48
C SER A 11 1.30 7.57 17.04
N GLU A 12 1.82 6.69 16.19
CA GLU A 12 2.13 6.96 14.79
C GLU A 12 0.84 7.09 13.97
N ILE A 13 -0.22 6.39 14.39
CA ILE A 13 -1.54 6.42 13.74
C ILE A 13 -2.01 7.87 13.79
N GLU A 14 -1.87 8.53 14.95
CA GLU A 14 -2.24 9.92 15.16
C GLU A 14 -1.41 10.84 14.27
N ARG A 15 -0.14 10.51 14.01
CA ARG A 15 0.69 11.38 13.17
C ARG A 15 0.23 11.26 11.72
N LEU A 16 -0.28 10.09 11.31
CA LEU A 16 -0.78 9.88 9.96
C LEU A 16 -2.09 10.63 9.79
N MET A 17 -2.94 10.65 10.82
CA MET A 17 -4.22 11.36 10.78
C MET A 17 -4.03 12.84 10.44
N SER A 18 -2.94 13.45 10.90
CA SER A 18 -2.65 14.87 10.65
C SER A 18 -2.30 15.18 9.18
N GLN A 19 -2.07 14.15 8.36
CA GLN A 19 -1.71 14.26 6.95
C GLN A 19 -2.91 14.03 6.02
N GLY A 20 -4.10 13.75 6.58
CA GLY A 20 -5.32 13.52 5.82
C GLY A 20 -5.68 12.06 5.61
N TYR A 21 -5.05 11.13 6.36
CA TYR A 21 -5.30 9.70 6.23
C TYR A 21 -6.31 9.24 7.29
N SER A 22 -7.41 8.62 6.85
CA SER A 22 -8.47 8.11 7.72
C SER A 22 -8.02 6.89 8.53
N TYR A 23 -8.63 6.66 9.70
CA TYR A 23 -8.30 5.53 10.57
C TYR A 23 -8.35 4.19 9.83
N GLN A 24 -9.39 4.00 9.00
CA GLN A 24 -9.59 2.78 8.23
C GLN A 24 -8.38 2.51 7.33
N ASP A 25 -8.04 3.48 6.48
CA ASP A 25 -6.91 3.42 5.56
C ASP A 25 -5.63 3.13 6.32
N ILE A 26 -5.40 3.79 7.46
CA ILE A 26 -4.19 3.56 8.24
C ILE A 26 -4.09 2.07 8.63
N GLN A 27 -5.16 1.48 9.18
CA GLN A 27 -5.17 0.06 9.56
C GLN A 27 -5.02 -0.82 8.31
N LYS A 28 -5.64 -0.46 7.18
CA LYS A 28 -5.54 -1.23 5.94
C LYS A 28 -4.09 -1.23 5.45
N ALA A 29 -3.39 -0.09 5.51
CA ALA A 29 -2.00 0.00 5.10
C ALA A 29 -1.14 -0.84 6.05
N LEU A 30 -1.44 -0.84 7.35
CA LEU A 30 -0.69 -1.59 8.36
C LEU A 30 -0.79 -3.09 8.12
N VAL A 31 -2.00 -3.64 8.02
CA VAL A 31 -2.17 -5.08 7.81
C VAL A 31 -1.44 -5.53 6.55
N ILE A 32 -1.63 -4.83 5.44
CA ILE A 32 -0.99 -5.16 4.17
C ILE A 32 0.54 -5.03 4.30
N ALA A 33 1.04 -4.14 5.17
CA ALA A 33 2.46 -3.94 5.38
C ALA A 33 3.02 -4.87 6.46
N HIS A 34 2.31 -5.92 6.87
CA HIS A 34 2.76 -6.83 7.93
C HIS A 34 3.07 -6.04 9.22
N ASN A 35 2.21 -5.06 9.53
CA ASN A 35 2.27 -4.14 10.68
C ASN A 35 3.47 -3.20 10.62
N ASN A 36 4.25 -3.18 9.53
CA ASN A 36 5.42 -2.32 9.37
C ASN A 36 4.94 -0.87 9.20
N ILE A 37 5.00 -0.06 10.26
CA ILE A 37 4.57 1.34 10.25
C ILE A 37 5.26 2.13 9.14
N GLU A 38 6.59 1.99 9.00
CA GLU A 38 7.36 2.71 7.99
C GLU A 38 6.88 2.41 6.58
N MET A 39 6.66 1.13 6.29
CA MET A 39 6.20 0.64 5.00
C MET A 39 4.80 1.17 4.76
N ALA A 40 3.90 1.01 5.74
CA ALA A 40 2.53 1.47 5.65
C ALA A 40 2.48 2.98 5.40
N LYS A 41 3.38 3.76 6.02
CA LYS A 41 3.46 5.21 5.83
C LYS A 41 3.74 5.50 4.35
N ASN A 42 4.63 4.74 3.72
CA ASN A 42 4.97 4.93 2.31
C ASN A 42 3.73 4.66 1.45
N ILE A 43 2.95 3.62 1.76
CA ILE A 43 1.75 3.26 1.01
C ILE A 43 0.83 4.48 0.95
N LEU A 44 0.44 4.97 2.12
CA LEU A 44 -0.46 6.12 2.25
C LEU A 44 0.06 7.35 1.50
N ARG A 45 1.38 7.56 1.46
CA ARG A 45 1.98 8.72 0.79
C ARG A 45 1.78 8.72 -0.73
N GLU A 46 1.77 7.55 -1.38
CA GLU A 46 1.58 7.50 -2.83
C GLU A 46 0.16 7.13 -3.22
N PHE A 47 -0.53 6.31 -2.43
CA PHE A 47 -1.88 5.86 -2.72
C PHE A 47 -3.00 6.75 -2.20
N SER A 48 -2.75 7.55 -1.15
CA SER A 48 -3.75 8.42 -0.58
C SER A 48 -3.24 9.86 -0.67
N GLY A 49 -3.94 10.81 -0.08
CA GLY A 49 -3.55 12.21 -0.09
C GLY A 49 -4.47 13.03 0.79
N PRO A 50 -4.07 14.30 1.07
CA PRO A 50 -4.84 15.22 1.87
C PRO A 50 -6.12 15.54 1.11
N SER A 51 -7.20 14.85 1.48
CA SER A 51 -8.52 15.00 0.89
C SER A 51 -9.03 16.42 1.18
N SER A 52 -10.03 16.85 0.41
CA SER A 52 -10.62 18.17 0.58
C SER A 52 -11.50 18.17 1.83
N GLY A 53 -12.02 19.34 2.19
CA GLY A 53 -12.86 19.54 3.35
C GLY A 53 -11.96 20.09 4.41
N GLY B 1 -7.93 -18.90 -0.59
CA GLY B 1 -7.48 -18.37 -1.89
C GLY B 1 -6.11 -18.94 -2.24
N SER B 2 -5.63 -18.65 -3.45
CA SER B 2 -4.31 -19.10 -3.88
C SER B 2 -3.30 -18.00 -3.48
N SER B 3 -2.03 -18.37 -3.49
CA SER B 3 -0.89 -17.52 -3.19
C SER B 3 0.32 -18.20 -3.81
N GLY B 4 1.39 -17.45 -4.07
CA GLY B 4 2.62 -17.92 -4.66
C GLY B 4 3.23 -16.84 -5.54
N SER B 5 4.41 -17.09 -6.09
CA SER B 5 5.09 -16.14 -6.96
C SER B 5 6.12 -16.85 -7.83
N SER B 6 5.70 -17.24 -9.03
CA SER B 6 6.57 -17.87 -10.01
C SER B 6 6.27 -17.25 -11.37
N GLY B 7 7.27 -17.22 -12.25
CA GLY B 7 7.18 -16.63 -13.57
C GLY B 7 7.64 -15.18 -13.50
N GLN B 8 7.79 -14.52 -14.65
CA GLN B 8 8.23 -13.13 -14.69
C GLN B 8 7.20 -12.24 -14.00
N LEU B 9 7.66 -11.31 -13.16
CA LEU B 9 6.77 -10.40 -12.44
C LEU B 9 5.96 -9.57 -13.43
N SER B 10 6.50 -9.25 -14.62
CA SER B 10 5.78 -8.49 -15.63
C SER B 10 4.49 -9.19 -16.04
N SER B 11 4.48 -10.53 -16.14
CA SER B 11 3.28 -11.27 -16.51
C SER B 11 2.17 -11.00 -15.49
N GLU B 12 2.51 -10.84 -14.21
CA GLU B 12 1.56 -10.57 -13.15
C GLU B 12 1.05 -9.12 -13.24
N ILE B 13 1.86 -8.15 -13.69
CA ILE B 13 1.46 -6.75 -13.83
C ILE B 13 0.29 -6.65 -14.80
N GLU B 14 0.37 -7.35 -15.93
CA GLU B 14 -0.68 -7.33 -16.94
C GLU B 14 -2.00 -7.84 -16.36
N ARG B 15 -1.98 -8.76 -15.39
CA ARG B 15 -3.20 -9.29 -14.80
C ARG B 15 -3.89 -8.20 -13.98
N LEU B 16 -3.12 -7.37 -13.28
CA LEU B 16 -3.69 -6.29 -12.48
C LEU B 16 -4.42 -5.28 -13.37
N MET B 17 -4.00 -5.10 -14.62
CA MET B 17 -4.69 -4.16 -15.51
C MET B 17 -6.13 -4.63 -15.77
N SER B 18 -6.38 -5.94 -15.76
CA SER B 18 -7.72 -6.50 -15.96
C SER B 18 -8.63 -6.09 -14.80
N GLN B 19 -8.07 -5.90 -13.60
CA GLN B 19 -8.81 -5.50 -12.41
C GLN B 19 -9.02 -3.97 -12.37
N GLY B 20 -8.62 -3.26 -13.43
CA GLY B 20 -8.77 -1.82 -13.61
C GLY B 20 -7.66 -0.98 -13.02
N TYR B 21 -6.64 -1.60 -12.43
CA TYR B 21 -5.54 -0.85 -11.84
C TYR B 21 -4.64 -0.26 -12.93
N SER B 22 -4.22 0.99 -12.72
CA SER B 22 -3.35 1.71 -13.63
C SER B 22 -1.91 1.22 -13.44
N TYR B 23 -1.12 1.19 -14.53
CA TYR B 23 0.26 0.76 -14.51
C TYR B 23 1.08 1.52 -13.47
N GLN B 24 0.88 2.84 -13.33
CA GLN B 24 1.62 3.63 -12.35
C GLN B 24 1.35 3.11 -10.94
N ASP B 25 0.10 2.88 -10.58
CA ASP B 25 -0.28 2.34 -9.27
C ASP B 25 0.37 0.98 -9.09
N ILE B 26 0.31 0.10 -10.09
CA ILE B 26 0.92 -1.22 -9.97
C ILE B 26 2.42 -1.05 -9.65
N GLN B 27 3.10 -0.18 -10.40
CA GLN B 27 4.52 0.09 -10.19
C GLN B 27 4.78 0.67 -8.81
N LYS B 28 4.05 1.71 -8.39
CA LYS B 28 4.19 2.36 -7.09
C LYS B 28 4.03 1.33 -5.98
N ALA B 29 3.01 0.47 -6.07
CA ALA B 29 2.76 -0.57 -5.09
C ALA B 29 3.96 -1.52 -5.05
N LEU B 30 4.50 -1.88 -6.21
CA LEU B 30 5.64 -2.77 -6.31
C LEU B 30 6.89 -2.16 -5.69
N VAL B 31 7.05 -0.83 -5.69
CA VAL B 31 8.23 -0.22 -5.07
C VAL B 31 8.07 -0.35 -3.56
N ILE B 32 6.94 0.16 -3.04
CA ILE B 32 6.62 0.17 -1.62
C ILE B 32 6.49 -1.26 -1.05
N ALA B 33 6.18 -2.26 -1.87
CA ALA B 33 6.07 -3.65 -1.44
C ALA B 33 7.43 -4.34 -1.52
N HIS B 34 8.51 -3.59 -1.84
CA HIS B 34 9.88 -4.07 -1.98
C HIS B 34 9.88 -5.22 -3.00
N ASN B 35 9.41 -4.95 -4.22
CA ASN B 35 9.28 -5.86 -5.37
C ASN B 35 8.37 -7.08 -5.11
N ASN B 36 7.66 -7.15 -3.97
CA ASN B 36 6.80 -8.29 -3.66
C ASN B 36 5.44 -8.15 -4.34
N ILE B 37 5.19 -8.90 -5.41
CA ILE B 37 3.94 -8.87 -6.17
C ILE B 37 2.74 -9.27 -5.30
N GLU B 38 2.87 -10.26 -4.41
CA GLU B 38 1.78 -10.73 -3.55
C GLU B 38 1.26 -9.61 -2.67
N MET B 39 2.20 -8.90 -2.06
CA MET B 39 1.96 -7.78 -1.18
C MET B 39 1.36 -6.63 -2.00
N ALA B 40 1.94 -6.33 -3.17
CA ALA B 40 1.45 -5.26 -4.04
C ALA B 40 0.01 -5.51 -4.47
N LYS B 41 -0.37 -6.76 -4.78
CA LYS B 41 -1.73 -7.12 -5.17
C LYS B 41 -2.68 -6.68 -4.07
N ASN B 42 -2.32 -6.97 -2.81
CA ASN B 42 -3.11 -6.61 -1.63
C ASN B 42 -3.24 -5.09 -1.49
N ILE B 43 -2.21 -4.29 -1.78
CA ILE B 43 -2.28 -2.83 -1.67
C ILE B 43 -3.39 -2.34 -2.59
N LEU B 44 -3.27 -2.69 -3.87
CA LEU B 44 -4.20 -2.33 -4.92
C LEU B 44 -5.62 -2.82 -4.58
N ARG B 45 -5.75 -3.97 -3.93
CA ARG B 45 -7.04 -4.56 -3.55
C ARG B 45 -7.84 -3.72 -2.57
N GLU B 46 -7.22 -2.91 -1.73
CA GLU B 46 -7.97 -2.11 -0.76
C GLU B 46 -7.95 -0.63 -1.12
N PHE B 47 -6.76 -0.10 -1.43
CA PHE B 47 -6.59 1.29 -1.78
C PHE B 47 -7.15 1.60 -3.17
N SER B 48 -6.63 0.93 -4.18
CA SER B 48 -7.08 1.14 -5.55
C SER B 48 -8.35 0.34 -5.83
N GLY B 49 -8.85 0.43 -7.07
CA GLY B 49 -10.03 -0.26 -7.57
C GLY B 49 -10.25 0.14 -9.02
N PRO B 50 -11.18 -0.52 -9.72
CA PRO B 50 -11.50 -0.22 -11.10
C PRO B 50 -12.30 1.09 -11.16
N SER B 51 -11.61 2.22 -11.15
CA SER B 51 -12.19 3.55 -11.20
C SER B 51 -12.99 3.72 -12.52
N SER B 52 -13.84 4.75 -12.61
CA SER B 52 -14.68 5.04 -13.76
C SER B 52 -13.85 5.09 -15.06
N GLY B 53 -14.03 4.11 -15.94
CA GLY B 53 -13.31 4.03 -17.20
C GLY B 53 -13.91 2.95 -18.08
N GLY A 1 15.41 11.31 6.82
CA GLY A 1 15.54 10.61 8.10
C GLY A 1 14.48 11.12 9.05
N SER A 2 13.66 10.23 9.59
CA SER A 2 12.57 10.54 10.51
C SER A 2 13.10 11.20 11.78
N SER A 3 12.26 11.96 12.47
CA SER A 3 12.59 12.66 13.69
C SER A 3 11.40 12.62 14.66
N GLY A 4 11.66 12.91 15.93
CA GLY A 4 10.69 12.92 17.02
C GLY A 4 10.96 11.76 17.98
N SER A 5 10.24 11.72 19.09
CA SER A 5 10.36 10.68 20.10
C SER A 5 9.84 9.35 19.56
N SER A 6 10.30 8.26 20.16
CA SER A 6 9.95 6.90 19.79
C SER A 6 9.16 6.26 20.95
N GLY A 7 8.62 5.06 20.73
CA GLY A 7 7.84 4.35 21.75
C GLY A 7 7.02 3.28 21.05
N GLN A 8 5.69 3.42 21.05
CA GLN A 8 4.78 2.48 20.41
C GLN A 8 4.32 3.08 19.09
N LEU A 9 4.05 2.21 18.11
CA LEU A 9 3.62 2.66 16.79
C LEU A 9 2.19 3.22 16.81
N SER A 10 1.37 2.94 17.83
CA SER A 10 0.02 3.51 17.88
C SER A 10 0.11 5.04 18.03
N SER A 11 1.15 5.56 18.67
CA SER A 11 1.34 7.00 18.83
C SER A 11 1.64 7.67 17.48
N GLU A 12 2.07 6.90 16.47
CA GLU A 12 2.36 7.43 15.14
C GLU A 12 1.05 7.61 14.38
N ILE A 13 0.00 6.84 14.72
CA ILE A 13 -1.31 6.96 14.09
C ILE A 13 -1.80 8.37 14.39
N GLU A 14 -1.65 8.78 15.65
CA GLU A 14 -2.05 10.10 16.12
C GLU A 14 -1.29 11.21 15.36
N ARG A 15 -0.07 10.95 14.87
CA ARG A 15 0.71 11.93 14.12
C ARG A 15 0.31 11.93 12.65
N LEU A 16 -0.03 10.76 12.09
CA LEU A 16 -0.43 10.66 10.69
C LEU A 16 -1.79 11.32 10.49
N MET A 17 -2.67 11.26 11.49
CA MET A 17 -3.98 11.89 11.42
C MET A 17 -3.81 13.35 11.04
N SER A 18 -2.85 14.05 11.66
CA SER A 18 -2.51 15.45 11.47
C SER A 18 -2.07 15.84 10.04
N GLN A 19 -2.05 14.91 9.09
CA GLN A 19 -1.67 15.15 7.70
C GLN A 19 -2.90 14.99 6.77
N GLY A 20 -4.03 14.53 7.29
CA GLY A 20 -5.28 14.33 6.57
C GLY A 20 -5.64 12.87 6.35
N TYR A 21 -4.78 11.92 6.75
CA TYR A 21 -5.06 10.50 6.57
C TYR A 21 -6.06 10.09 7.65
N SER A 22 -7.23 9.63 7.24
CA SER A 22 -8.26 9.18 8.18
C SER A 22 -7.76 7.93 8.91
N TYR A 23 -8.27 7.67 10.11
CA TYR A 23 -7.89 6.51 10.93
C TYR A 23 -7.95 5.20 10.13
N GLN A 24 -9.02 5.00 9.34
CA GLN A 24 -9.19 3.80 8.54
C GLN A 24 -8.04 3.63 7.54
N ASP A 25 -7.65 4.71 6.85
CA ASP A 25 -6.58 4.68 5.87
C ASP A 25 -5.28 4.28 6.55
N ILE A 26 -4.99 4.89 7.70
CA ILE A 26 -3.78 4.59 8.46
C ILE A 26 -3.79 3.10 8.83
N GLN A 27 -4.91 2.58 9.33
CA GLN A 27 -5.08 1.18 9.71
C GLN A 27 -4.85 0.26 8.51
N LYS A 28 -5.51 0.52 7.38
CA LYS A 28 -5.39 -0.26 6.15
C LYS A 28 -3.93 -0.31 5.72
N ALA A 29 -3.23 0.83 5.71
CA ALA A 29 -1.83 0.84 5.31
C ALA A 29 -0.99 0.00 6.30
N LEU A 30 -1.24 0.11 7.61
CA LEU A 30 -0.49 -0.62 8.64
C LEU A 30 -0.65 -2.13 8.48
N VAL A 31 -1.88 -2.65 8.44
CA VAL A 31 -2.12 -4.08 8.32
C VAL A 31 -1.46 -4.66 7.05
N ILE A 32 -1.49 -3.94 5.93
CA ILE A 32 -0.88 -4.38 4.69
C ILE A 32 0.64 -4.33 4.80
N ALA A 33 1.20 -3.37 5.54
CA ALA A 33 2.62 -3.19 5.76
C ALA A 33 3.14 -4.07 6.90
N HIS A 34 2.28 -4.92 7.47
CA HIS A 34 2.59 -5.81 8.60
C HIS A 34 3.06 -4.96 9.78
N ASN A 35 2.24 -3.97 10.13
CA ASN A 35 2.43 -2.99 11.21
C ASN A 35 3.65 -2.09 11.03
N ASN A 36 4.35 -2.16 9.89
CA ASN A 36 5.52 -1.35 9.62
C ASN A 36 5.07 0.07 9.29
N ILE A 37 5.21 1.00 10.23
CA ILE A 37 4.82 2.39 10.06
C ILE A 37 5.56 3.08 8.91
N GLU A 38 6.86 2.84 8.75
CA GLU A 38 7.68 3.47 7.70
C GLU A 38 7.19 3.09 6.31
N MET A 39 6.81 1.83 6.16
CA MET A 39 6.31 1.25 4.93
C MET A 39 4.88 1.75 4.72
N ALA A 40 4.04 1.70 5.77
CA ALA A 40 2.65 2.15 5.73
C ALA A 40 2.58 3.63 5.34
N LYS A 41 3.51 4.46 5.82
CA LYS A 41 3.58 5.88 5.50
C LYS A 41 3.73 6.06 4.00
N ASN A 42 4.59 5.26 3.36
CA ASN A 42 4.80 5.34 1.91
C ASN A 42 3.48 5.08 1.19
N ILE A 43 2.73 4.05 1.61
CA ILE A 43 1.45 3.69 1.01
C ILE A 43 0.54 4.92 1.00
N LEU A 44 0.35 5.51 2.19
CA LEU A 44 -0.48 6.69 2.37
C LEU A 44 0.00 7.88 1.56
N ARG A 45 1.31 8.11 1.48
CA ARG A 45 1.89 9.25 0.76
C ARG A 45 1.87 9.17 -0.76
N GLU A 46 1.47 8.03 -1.32
CA GLU A 46 1.41 7.82 -2.76
C GLU A 46 0.01 7.49 -3.26
N PHE A 47 -0.77 6.68 -2.55
CA PHE A 47 -2.12 6.34 -2.99
C PHE A 47 -3.16 7.29 -2.41
N SER A 48 -2.92 7.81 -1.21
CA SER A 48 -3.78 8.75 -0.52
C SER A 48 -3.11 10.12 -0.52
N GLY A 49 -3.73 11.11 0.12
CA GLY A 49 -3.18 12.45 0.17
C GLY A 49 -3.87 13.31 1.24
N PRO A 50 -3.43 14.57 1.37
CA PRO A 50 -4.01 15.51 2.32
C PRO A 50 -5.39 15.95 1.84
N SER A 51 -6.23 16.42 2.76
CA SER A 51 -7.59 16.87 2.49
C SER A 51 -7.84 18.33 2.89
N SER A 52 -7.05 18.89 3.81
CA SER A 52 -7.16 20.27 4.28
C SER A 52 -5.74 20.77 4.52
N GLY A 53 -5.40 21.92 3.96
CA GLY A 53 -4.07 22.52 4.09
C GLY A 53 -3.13 21.89 3.09
N GLY B 1 -6.48 -19.46 -2.28
CA GLY B 1 -5.03 -19.68 -2.38
C GLY B 1 -4.52 -19.25 -3.75
N SER B 2 -3.28 -18.77 -3.81
CA SER B 2 -2.61 -18.31 -5.02
C SER B 2 -2.62 -19.41 -6.07
N SER B 3 -2.99 -19.07 -7.31
CA SER B 3 -3.04 -20.03 -8.40
C SER B 3 -2.67 -19.39 -9.73
N GLY B 4 -2.57 -20.21 -10.78
CA GLY B 4 -2.21 -19.78 -12.11
C GLY B 4 -0.70 -19.89 -12.31
N SER B 5 -0.25 -19.56 -13.51
CA SER B 5 1.16 -19.59 -13.87
C SER B 5 1.87 -18.42 -13.17
N SER B 6 3.02 -18.69 -12.57
CA SER B 6 3.88 -17.75 -11.86
C SER B 6 5.32 -18.03 -12.29
N GLY B 7 6.27 -17.19 -11.90
CA GLY B 7 7.68 -17.35 -12.27
C GLY B 7 8.40 -16.02 -12.15
N GLN B 8 7.77 -14.94 -12.61
CA GLN B 8 8.32 -13.59 -12.56
C GLN B 8 7.19 -12.63 -12.22
N LEU B 9 7.51 -11.64 -11.40
CA LEU B 9 6.59 -10.60 -10.96
C LEU B 9 6.17 -9.79 -12.18
N SER B 10 7.05 -9.68 -13.18
CA SER B 10 6.81 -8.99 -14.42
C SER B 10 5.54 -9.52 -15.09
N SER B 11 5.32 -10.83 -15.01
CA SER B 11 4.18 -11.53 -15.55
C SER B 11 2.91 -11.23 -14.73
N GLU B 12 3.05 -11.21 -13.39
CA GLU B 12 1.96 -10.95 -12.45
C GLU B 12 1.41 -9.52 -12.66
N ILE B 13 2.30 -8.56 -12.92
CA ILE B 13 1.96 -7.16 -13.14
C ILE B 13 1.00 -7.07 -14.33
N GLU B 14 1.24 -7.84 -15.40
CA GLU B 14 0.39 -7.83 -16.57
C GLU B 14 -1.02 -8.36 -16.26
N ARG B 15 -1.17 -9.22 -15.24
CA ARG B 15 -2.50 -9.73 -14.87
C ARG B 15 -3.24 -8.69 -14.03
N LEU B 16 -2.53 -7.81 -13.32
CA LEU B 16 -3.18 -6.79 -12.51
C LEU B 16 -3.85 -5.77 -13.43
N MET B 17 -3.23 -5.47 -14.58
CA MET B 17 -3.76 -4.54 -15.56
C MET B 17 -5.16 -4.99 -16.00
N SER B 18 -5.35 -6.30 -16.17
CA SER B 18 -6.59 -6.93 -16.57
C SER B 18 -7.76 -6.62 -15.62
N GLN B 19 -7.49 -6.18 -14.38
CA GLN B 19 -8.54 -5.83 -13.42
C GLN B 19 -8.87 -4.34 -13.48
N GLY B 20 -7.96 -3.50 -13.98
CA GLY B 20 -8.15 -2.05 -14.12
C GLY B 20 -7.03 -1.22 -13.52
N TYR B 21 -6.24 -1.79 -12.61
CA TYR B 21 -5.15 -1.10 -11.95
C TYR B 21 -4.17 -0.61 -13.02
N SER B 22 -3.91 0.68 -13.06
CA SER B 22 -3.01 1.28 -14.05
C SER B 22 -1.56 0.85 -13.76
N TYR B 23 -0.70 0.92 -14.77
CA TYR B 23 0.70 0.52 -14.64
C TYR B 23 1.38 1.28 -13.51
N GLN B 24 1.17 2.59 -13.44
CA GLN B 24 1.80 3.41 -12.40
C GLN B 24 1.35 2.97 -11.02
N ASP B 25 0.06 2.64 -10.85
CA ASP B 25 -0.49 2.18 -9.57
C ASP B 25 0.18 0.88 -9.19
N ILE B 26 0.27 -0.06 -10.14
CA ILE B 26 0.89 -1.35 -9.90
C ILE B 26 2.34 -1.14 -9.46
N GLN B 27 3.13 -0.35 -10.21
CA GLN B 27 4.51 -0.07 -9.87
C GLN B 27 4.61 0.55 -8.47
N LYS B 28 3.73 1.51 -8.13
CA LYS B 28 3.70 2.17 -6.83
C LYS B 28 3.47 1.13 -5.73
N ALA B 29 2.50 0.23 -5.91
CA ALA B 29 2.22 -0.79 -4.91
C ALA B 29 3.44 -1.70 -4.77
N LEU B 30 4.03 -2.16 -5.88
CA LEU B 30 5.19 -3.04 -5.86
C LEU B 30 6.37 -2.40 -5.13
N VAL B 31 6.81 -1.21 -5.53
CA VAL B 31 7.94 -0.54 -4.91
C VAL B 31 7.73 -0.35 -3.41
N ILE B 32 6.56 0.14 -2.99
CA ILE B 32 6.26 0.36 -1.58
C ILE B 32 6.23 -0.97 -0.83
N ALA B 33 5.80 -2.06 -1.46
CA ALA B 33 5.76 -3.37 -0.84
C ALA B 33 7.16 -4.00 -0.79
N HIS B 34 8.23 -3.23 -1.06
CA HIS B 34 9.62 -3.68 -1.10
C HIS B 34 9.75 -4.76 -2.19
N ASN B 35 8.99 -4.61 -3.28
CA ASN B 35 8.88 -5.46 -4.46
C ASN B 35 8.05 -6.73 -4.22
N ASN B 36 7.43 -6.91 -3.05
CA ASN B 36 6.63 -8.10 -2.75
C ASN B 36 5.27 -7.98 -3.47
N ILE B 37 5.09 -8.74 -4.56
CA ILE B 37 3.87 -8.74 -5.37
C ILE B 37 2.60 -9.10 -4.57
N GLU B 38 2.69 -10.05 -3.64
CA GLU B 38 1.56 -10.50 -2.83
C GLU B 38 1.06 -9.38 -1.93
N MET B 39 2.02 -8.72 -1.27
CA MET B 39 1.82 -7.62 -0.37
C MET B 39 1.29 -6.43 -1.19
N ALA B 40 1.85 -6.21 -2.38
CA ALA B 40 1.46 -5.14 -3.27
C ALA B 40 0.02 -5.33 -3.77
N LYS B 41 -0.42 -6.56 -4.00
CA LYS B 41 -1.79 -6.84 -4.45
C LYS B 41 -2.75 -6.37 -3.37
N ASN B 42 -2.41 -6.58 -2.09
CA ASN B 42 -3.24 -6.14 -0.97
C ASN B 42 -3.35 -4.62 -1.00
N ILE B 43 -2.26 -3.89 -1.29
CA ILE B 43 -2.27 -2.43 -1.34
C ILE B 43 -3.30 -1.98 -2.39
N LEU B 44 -3.17 -2.48 -3.62
CA LEU B 44 -4.07 -2.14 -4.72
C LEU B 44 -5.52 -2.46 -4.34
N ARG B 45 -5.79 -3.65 -3.82
CA ARG B 45 -7.14 -4.06 -3.44
C ARG B 45 -7.75 -3.19 -2.36
N GLU B 46 -6.99 -2.79 -1.33
CA GLU B 46 -7.51 -2.00 -0.23
C GLU B 46 -7.65 -0.50 -0.50
N PHE B 47 -6.79 0.10 -1.33
CA PHE B 47 -6.84 1.54 -1.62
C PHE B 47 -7.37 1.85 -3.01
N SER B 48 -6.82 1.22 -4.03
CA SER B 48 -7.19 1.39 -5.43
C SER B 48 -8.38 0.50 -5.80
N GLY B 49 -8.82 0.55 -7.06
CA GLY B 49 -9.93 -0.24 -7.55
C GLY B 49 -10.01 -0.21 -9.07
N PRO B 50 -10.98 -0.93 -9.66
CA PRO B 50 -11.18 -1.00 -11.10
C PRO B 50 -11.61 0.36 -11.67
N SER B 51 -11.62 0.46 -12.99
CA SER B 51 -12.00 1.66 -13.74
C SER B 51 -13.11 1.39 -14.78
N SER B 52 -13.28 0.14 -15.21
CA SER B 52 -14.28 -0.30 -16.16
C SER B 52 -14.59 -1.78 -15.92
N GLY B 53 -15.50 -2.35 -16.70
CA GLY B 53 -15.93 -3.73 -16.60
C GLY B 53 -17.02 -3.86 -15.55
N GLY A 1 11.24 7.39 15.54
CA GLY A 1 10.40 7.72 16.69
C GLY A 1 11.04 7.18 17.97
N SER A 2 10.63 7.71 19.13
CA SER A 2 11.16 7.27 20.41
C SER A 2 10.77 5.82 20.71
N SER A 3 11.30 5.26 21.79
CA SER A 3 11.01 3.91 22.24
C SER A 3 11.07 3.91 23.77
N GLY A 4 11.23 2.75 24.40
CA GLY A 4 11.33 2.60 25.84
C GLY A 4 10.08 2.02 26.47
N SER A 5 8.88 2.47 26.06
CA SER A 5 7.63 1.96 26.62
C SER A 5 6.53 1.91 25.57
N SER A 6 6.17 3.06 24.99
CA SER A 6 5.12 3.15 23.97
C SER A 6 5.59 2.55 22.63
N GLY A 7 4.71 2.55 21.63
CA GLY A 7 4.97 2.03 20.30
C GLY A 7 3.71 1.56 19.57
N GLN A 8 2.57 1.51 20.26
CA GLN A 8 1.26 1.10 19.74
C GLN A 8 0.94 1.99 18.53
N LEU A 9 0.33 1.41 17.50
CA LEU A 9 0.01 2.17 16.28
C LEU A 9 -1.23 3.05 16.36
N SER A 10 -2.13 2.90 17.34
CA SER A 10 -3.32 3.74 17.42
C SER A 10 -2.94 5.22 17.45
N SER A 11 -1.96 5.56 18.26
CA SER A 11 -1.43 6.90 18.42
C SER A 11 -0.64 7.32 17.16
N GLU A 12 -0.01 6.37 16.46
CA GLU A 12 0.73 6.69 15.24
C GLU A 12 -0.22 7.17 14.15
N ILE A 13 -1.48 6.72 14.17
CA ILE A 13 -2.50 7.12 13.19
C ILE A 13 -2.73 8.61 13.44
N GLU A 14 -2.89 9.02 14.70
CA GLU A 14 -3.10 10.43 15.05
C GLU A 14 -1.96 11.28 14.54
N ARG A 15 -0.72 10.80 14.69
CA ARG A 15 0.45 11.53 14.24
C ARG A 15 0.38 11.77 12.73
N LEU A 16 -0.19 10.84 11.96
CA LEU A 16 -0.31 10.99 10.51
C LEU A 16 -1.43 11.96 10.13
N MET A 17 -2.44 12.15 10.98
CA MET A 17 -3.52 13.08 10.70
C MET A 17 -2.93 14.48 10.53
N SER A 18 -1.85 14.78 11.26
CA SER A 18 -1.14 16.06 11.22
C SER A 18 -0.49 16.36 9.86
N GLN A 19 -0.40 15.38 8.96
CA GLN A 19 0.17 15.57 7.64
C GLN A 19 -0.95 15.89 6.64
N GLY A 20 -2.22 15.58 6.98
CA GLY A 20 -3.38 15.82 6.13
C GLY A 20 -4.02 14.55 5.56
N TYR A 21 -3.57 13.35 5.98
CA TYR A 21 -4.15 12.08 5.51
C TYR A 21 -5.40 11.82 6.33
N SER A 22 -6.39 11.12 5.78
CA SER A 22 -7.62 10.80 6.49
C SER A 22 -7.47 9.53 7.31
N TYR A 23 -8.23 9.43 8.41
CA TYR A 23 -8.23 8.30 9.33
C TYR A 23 -8.41 6.97 8.60
N GLN A 24 -9.43 6.91 7.75
CA GLN A 24 -9.77 5.72 6.98
C GLN A 24 -8.60 5.29 6.08
N ASP A 25 -8.02 6.22 5.31
CA ASP A 25 -6.88 5.92 4.42
C ASP A 25 -5.75 5.29 5.22
N ILE A 26 -5.43 5.86 6.40
CA ILE A 26 -4.37 5.36 7.25
C ILE A 26 -4.71 3.91 7.65
N GLN A 27 -5.96 3.61 8.04
CA GLN A 27 -6.34 2.25 8.41
C GLN A 27 -6.21 1.31 7.20
N LYS A 28 -6.60 1.72 5.97
CA LYS A 28 -6.46 0.85 4.80
C LYS A 28 -4.98 0.56 4.59
N ALA A 29 -4.12 1.59 4.61
CA ALA A 29 -2.69 1.40 4.43
C ALA A 29 -2.12 0.47 5.50
N LEU A 30 -2.56 0.59 6.77
CA LEU A 30 -2.07 -0.23 7.86
C LEU A 30 -2.44 -1.70 7.69
N VAL A 31 -3.71 -2.01 7.40
CA VAL A 31 -4.12 -3.41 7.25
C VAL A 31 -3.41 -4.08 6.08
N ILE A 32 -3.23 -3.35 4.97
CA ILE A 32 -2.54 -3.91 3.81
C ILE A 32 -1.04 -4.05 4.13
N ALA A 33 -0.50 -3.23 5.02
CA ALA A 33 0.89 -3.26 5.43
C ALA A 33 1.10 -4.21 6.62
N HIS A 34 0.11 -5.05 6.96
CA HIS A 34 0.19 -5.98 8.08
C HIS A 34 0.61 -5.24 9.36
N ASN A 35 -0.13 -4.18 9.67
CA ASN A 35 0.02 -3.29 10.82
C ASN A 35 1.35 -2.52 10.82
N ASN A 36 2.21 -2.63 9.79
CA ASN A 36 3.51 -1.96 9.71
C ASN A 36 3.32 -0.49 9.34
N ILE A 37 3.52 0.42 10.31
CA ILE A 37 3.36 1.86 10.12
C ILE A 37 4.31 2.42 9.05
N GLU A 38 5.59 2.03 9.03
CA GLU A 38 6.55 2.54 8.05
C GLU A 38 6.16 2.18 6.63
N MET A 39 5.78 0.92 6.44
CA MET A 39 5.36 0.40 5.14
C MET A 39 4.09 1.16 4.74
N ALA A 40 3.11 1.25 5.64
CA ALA A 40 1.85 1.95 5.40
C ALA A 40 2.10 3.42 5.01
N LYS A 41 3.01 4.11 5.68
CA LYS A 41 3.34 5.50 5.38
C LYS A 41 3.79 5.62 3.93
N ASN A 42 4.61 4.67 3.47
CA ASN A 42 5.09 4.69 2.09
C ASN A 42 3.91 4.49 1.14
N ILE A 43 2.92 3.65 1.49
CA ILE A 43 1.74 3.43 0.65
C ILE A 43 1.07 4.80 0.49
N LEU A 44 0.77 5.46 1.61
CA LEU A 44 0.13 6.75 1.62
C LEU A 44 0.91 7.81 0.83
N ARG A 45 2.25 7.77 0.84
CA ARG A 45 3.04 8.76 0.11
C ARG A 45 2.85 8.70 -1.42
N GLU A 46 2.68 7.52 -2.01
CA GLU A 46 2.51 7.36 -3.45
C GLU A 46 1.06 7.06 -3.88
N PHE A 47 0.18 6.62 -2.97
CA PHE A 47 -1.20 6.29 -3.29
C PHE A 47 -2.24 7.22 -2.67
N SER A 48 -1.86 7.99 -1.65
CA SER A 48 -2.70 8.94 -0.93
C SER A 48 -1.99 10.32 -0.94
N GLY A 49 -1.12 10.54 -1.92
CA GLY A 49 -0.35 11.75 -2.11
C GLY A 49 0.12 11.80 -3.56
N PRO A 50 0.75 12.90 -3.97
CA PRO A 50 1.24 13.07 -5.33
C PRO A 50 2.40 12.13 -5.62
N SER A 51 2.20 11.09 -6.44
CA SER A 51 3.25 10.15 -6.83
C SER A 51 4.17 10.94 -7.76
N SER A 52 5.25 11.49 -7.21
CA SER A 52 6.24 12.31 -7.90
C SER A 52 7.00 11.61 -9.03
N GLY A 53 7.18 10.30 -9.05
CA GLY A 53 7.93 9.67 -10.14
C GLY A 53 7.86 8.17 -10.02
N GLY B 1 -2.28 -18.42 -6.63
CA GLY B 1 -2.53 -18.88 -7.99
C GLY B 1 -1.82 -20.21 -8.24
N SER B 2 -1.73 -20.62 -9.50
CA SER B 2 -1.07 -21.85 -9.92
C SER B 2 0.45 -21.78 -9.78
N SER B 3 1.13 -22.90 -10.03
CA SER B 3 2.57 -23.00 -9.98
C SER B 3 3.10 -23.93 -11.07
N GLY B 4 4.43 -24.00 -11.19
CA GLY B 4 5.11 -24.83 -12.16
C GLY B 4 6.59 -24.56 -12.02
N SER B 5 7.09 -23.63 -12.82
CA SER B 5 8.50 -23.22 -12.86
C SER B 5 8.66 -21.69 -12.88
N SER B 6 7.55 -20.94 -12.84
CA SER B 6 7.55 -19.49 -12.87
C SER B 6 7.32 -18.97 -11.44
N GLY B 7 8.15 -18.03 -11.01
CA GLY B 7 8.14 -17.36 -9.71
C GLY B 7 8.42 -15.86 -9.86
N GLN B 8 8.51 -15.40 -11.11
CA GLN B 8 8.77 -14.03 -11.51
C GLN B 8 7.47 -13.25 -11.32
N LEU B 9 7.58 -11.92 -11.22
CA LEU B 9 6.42 -11.05 -11.02
C LEU B 9 6.08 -10.23 -12.26
N SER B 10 7.02 -10.09 -13.21
CA SER B 10 6.82 -9.34 -14.44
C SER B 10 5.59 -9.80 -15.20
N SER B 11 5.40 -11.11 -15.33
CA SER B 11 4.26 -11.70 -16.02
C SER B 11 2.94 -11.33 -15.34
N GLU B 12 2.96 -11.14 -14.02
CA GLU B 12 1.79 -10.83 -13.21
C GLU B 12 1.41 -9.34 -13.33
N ILE B 13 2.36 -8.48 -13.70
CA ILE B 13 2.10 -7.05 -13.88
C ILE B 13 1.17 -6.93 -15.08
N GLU B 14 1.51 -7.60 -16.19
CA GLU B 14 0.71 -7.56 -17.40
C GLU B 14 -0.70 -8.11 -17.17
N ARG B 15 -0.84 -9.06 -16.22
CA ARG B 15 -2.13 -9.65 -15.87
C ARG B 15 -2.97 -8.61 -15.13
N LEU B 16 -2.35 -7.80 -14.29
CA LEU B 16 -3.05 -6.76 -13.52
C LEU B 16 -3.49 -5.63 -14.42
N MET B 17 -2.76 -5.33 -15.50
CA MET B 17 -3.13 -4.26 -16.41
C MET B 17 -4.53 -4.48 -16.98
N SER B 18 -4.93 -5.75 -17.19
CA SER B 18 -6.23 -6.10 -17.71
C SER B 18 -7.39 -5.63 -16.81
N GLN B 19 -7.14 -5.42 -15.51
CA GLN B 19 -8.15 -4.94 -14.57
C GLN B 19 -8.22 -3.41 -14.56
N GLY B 20 -7.40 -2.71 -15.34
CA GLY B 20 -7.38 -1.25 -15.43
C GLY B 20 -6.29 -0.58 -14.60
N TYR B 21 -5.47 -1.33 -13.87
CA TYR B 21 -4.40 -0.76 -13.06
C TYR B 21 -3.27 -0.30 -13.99
N SER B 22 -2.88 0.97 -13.92
CA SER B 22 -1.80 1.50 -14.75
C SER B 22 -0.48 0.78 -14.40
N TYR B 23 0.47 0.74 -15.33
CA TYR B 23 1.75 0.07 -15.11
C TYR B 23 2.47 0.66 -13.89
N GLN B 24 2.53 1.99 -13.81
CA GLN B 24 3.20 2.67 -12.72
C GLN B 24 2.55 2.33 -11.39
N ASP B 25 1.22 2.31 -11.30
CA ASP B 25 0.49 1.99 -10.07
C ASP B 25 1.00 0.62 -9.59
N ILE B 26 1.01 -0.38 -10.48
CA ILE B 26 1.47 -1.72 -10.14
C ILE B 26 2.92 -1.64 -9.64
N GLN B 27 3.79 -0.89 -10.32
CA GLN B 27 5.18 -0.73 -9.92
C GLN B 27 5.31 -0.13 -8.52
N LYS B 28 4.57 0.95 -8.21
CA LYS B 28 4.60 1.60 -6.90
C LYS B 28 4.13 0.63 -5.83
N ALA B 29 3.02 -0.07 -6.08
CA ALA B 29 2.49 -1.03 -5.13
C ALA B 29 3.51 -2.13 -4.89
N LEU B 30 4.15 -2.67 -5.94
CA LEU B 30 5.14 -3.74 -5.81
C LEU B 30 6.36 -3.35 -5.00
N VAL B 31 6.96 -2.18 -5.28
CA VAL B 31 8.15 -1.76 -4.55
C VAL B 31 7.81 -1.53 -3.07
N ILE B 32 6.71 -0.82 -2.77
CA ILE B 32 6.28 -0.55 -1.39
C ILE B 32 5.90 -1.88 -0.71
N ALA B 33 5.31 -2.83 -1.43
CA ALA B 33 4.92 -4.12 -0.90
C ALA B 33 6.12 -5.06 -0.74
N HIS B 34 7.35 -4.60 -1.04
CA HIS B 34 8.59 -5.35 -0.97
C HIS B 34 8.54 -6.57 -1.88
N ASN B 35 8.30 -6.35 -3.19
CA ASN B 35 8.22 -7.38 -4.24
C ASN B 35 7.18 -8.47 -3.95
N ASN B 36 6.11 -8.15 -3.23
CA ASN B 36 5.06 -9.10 -2.89
C ASN B 36 3.83 -8.78 -3.74
N ILE B 37 3.57 -9.56 -4.79
CA ILE B 37 2.44 -9.34 -5.70
C ILE B 37 1.08 -9.42 -4.98
N GLU B 38 0.91 -10.32 -4.00
CA GLU B 38 -0.34 -10.50 -3.27
C GLU B 38 -0.66 -9.33 -2.33
N MET B 39 0.39 -8.77 -1.73
CA MET B 39 0.30 -7.64 -0.84
C MET B 39 0.03 -6.42 -1.70
N ALA B 40 0.80 -6.23 -2.78
CA ALA B 40 0.64 -5.14 -3.72
C ALA B 40 -0.76 -5.16 -4.34
N LYS B 41 -1.28 -6.35 -4.67
CA LYS B 41 -2.62 -6.51 -5.23
C LYS B 41 -3.64 -5.87 -4.29
N ASN B 42 -3.52 -6.08 -2.99
CA ASN B 42 -4.43 -5.48 -2.03
C ASN B 42 -4.29 -3.97 -2.03
N ILE B 43 -3.09 -3.42 -2.20
CA ILE B 43 -2.91 -1.96 -2.23
C ILE B 43 -3.74 -1.44 -3.40
N LEU B 44 -3.55 -2.04 -4.58
CA LEU B 44 -4.25 -1.66 -5.80
C LEU B 44 -5.76 -1.84 -5.65
N ARG B 45 -6.24 -2.87 -4.97
CA ARG B 45 -7.68 -3.10 -4.82
C ARG B 45 -8.39 -2.06 -3.95
N GLU B 46 -7.74 -1.51 -2.93
CA GLU B 46 -8.33 -0.53 -2.02
C GLU B 46 -8.06 0.91 -2.46
N PHE B 47 -6.80 1.29 -2.69
CA PHE B 47 -6.44 2.65 -3.09
C PHE B 47 -6.72 2.90 -4.57
N SER B 48 -6.21 2.02 -5.43
CA SER B 48 -6.36 2.09 -6.87
C SER B 48 -7.67 1.40 -7.32
N GLY B 49 -8.61 1.15 -6.39
CA GLY B 49 -9.88 0.50 -6.65
C GLY B 49 -10.99 1.16 -5.81
N PRO B 50 -12.23 0.65 -5.90
CA PRO B 50 -13.36 1.20 -5.16
C PRO B 50 -13.27 0.92 -3.65
N SER B 51 -13.00 1.96 -2.87
CA SER B 51 -12.90 1.92 -1.42
C SER B 51 -14.35 1.98 -0.87
N SER B 52 -15.10 0.92 -1.15
CA SER B 52 -16.50 0.72 -0.79
C SER B 52 -16.76 1.04 0.69
N GLY B 53 -15.97 0.46 1.60
CA GLY B 53 -16.09 0.68 3.03
C GLY B 53 -14.69 0.70 3.57
N GLY A 1 -11.01 5.97 36.88
CA GLY A 1 -9.92 5.49 36.03
C GLY A 1 -8.79 6.50 36.03
N SER A 2 -7.64 6.11 35.52
CA SER A 2 -6.43 6.92 35.43
C SER A 2 -5.63 6.44 34.21
N SER A 3 -4.52 7.10 33.91
CA SER A 3 -3.67 6.75 32.78
C SER A 3 -2.22 7.09 33.14
N GLY A 4 -1.28 6.74 32.27
CA GLY A 4 0.14 7.00 32.45
C GLY A 4 0.66 7.96 31.39
N SER A 5 1.98 8.10 31.32
CA SER A 5 2.68 8.98 30.38
C SER A 5 2.91 8.34 28.99
N SER A 6 2.71 7.03 28.86
CA SER A 6 2.89 6.24 27.65
C SER A 6 1.93 6.63 26.52
N GLY A 7 2.10 6.00 25.37
CA GLY A 7 1.30 6.19 24.16
C GLY A 7 1.43 4.92 23.32
N GLN A 8 0.52 4.73 22.37
CA GLN A 8 0.44 3.59 21.48
C GLN A 8 0.65 4.11 20.05
N LEU A 9 0.45 3.27 19.02
CA LEU A 9 0.59 3.71 17.62
C LEU A 9 -0.40 4.86 17.34
N SER A 10 -1.48 4.96 18.12
CA SER A 10 -2.49 5.99 18.00
C SER A 10 -1.83 7.37 18.13
N SER A 11 -0.72 7.52 18.87
CA SER A 11 -0.05 8.80 19.00
C SER A 11 0.48 9.26 17.64
N GLU A 12 1.06 8.34 16.86
CA GLU A 12 1.63 8.58 15.54
C GLU A 12 0.53 9.01 14.55
N ILE A 13 -0.68 8.48 14.70
CA ILE A 13 -1.83 8.82 13.84
C ILE A 13 -2.08 10.32 13.95
N GLU A 14 -2.09 10.86 15.17
CA GLU A 14 -2.33 12.29 15.41
C GLU A 14 -1.22 13.17 14.82
N ARG A 15 -0.06 12.58 14.51
CA ARG A 15 1.07 13.29 13.92
C ARG A 15 0.92 13.27 12.41
N LEU A 16 0.44 12.16 11.85
CA LEU A 16 0.23 12.03 10.41
C LEU A 16 -0.79 13.07 9.95
N MET A 17 -1.79 13.39 10.79
CA MET A 17 -2.81 14.39 10.45
C MET A 17 -2.15 15.75 10.21
N SER A 18 -1.14 16.11 11.03
CA SER A 18 -0.43 17.36 10.87
C SER A 18 0.38 17.36 9.57
N GLN A 19 0.76 16.19 9.04
CA GLN A 19 1.51 16.13 7.78
C GLN A 19 0.57 16.44 6.61
N GLY A 20 -0.72 16.14 6.73
CA GLY A 20 -1.73 16.39 5.71
C GLY A 20 -2.65 15.21 5.46
N TYR A 21 -2.22 13.99 5.81
CA TYR A 21 -3.01 12.78 5.59
C TYR A 21 -4.28 12.75 6.45
N SER A 22 -5.44 12.45 5.85
CA SER A 22 -6.71 12.38 6.57
C SER A 22 -6.72 11.17 7.49
N TYR A 23 -7.50 11.23 8.58
CA TYR A 23 -7.61 10.13 9.53
C TYR A 23 -8.15 8.87 8.84
N GLN A 24 -9.08 9.03 7.91
CA GLN A 24 -9.65 7.93 7.16
C GLN A 24 -8.51 7.20 6.45
N ASP A 25 -7.74 7.97 5.66
CA ASP A 25 -6.58 7.56 4.87
C ASP A 25 -5.58 6.82 5.75
N ILE A 26 -5.20 7.44 6.87
CA ILE A 26 -4.25 6.91 7.83
C ILE A 26 -4.67 5.50 8.26
N GLN A 27 -5.91 5.34 8.75
CA GLN A 27 -6.38 4.04 9.19
C GLN A 27 -6.45 3.09 8.00
N LYS A 28 -7.09 3.46 6.87
CA LYS A 28 -7.20 2.60 5.68
C LYS A 28 -5.83 2.01 5.30
N ALA A 29 -4.77 2.82 5.36
CA ALA A 29 -3.42 2.38 5.03
C ALA A 29 -2.92 1.43 6.11
N LEU A 30 -3.09 1.77 7.38
CA LEU A 30 -2.68 0.96 8.52
C LEU A 30 -3.31 -0.43 8.46
N VAL A 31 -4.62 -0.54 8.22
CA VAL A 31 -5.33 -1.82 8.15
C VAL A 31 -4.65 -2.72 7.12
N ILE A 32 -4.48 -2.19 5.91
CA ILE A 32 -3.87 -2.91 4.80
C ILE A 32 -2.41 -3.26 5.13
N ALA A 33 -1.69 -2.39 5.83
CA ALA A 33 -0.30 -2.58 6.24
C ALA A 33 -0.18 -3.50 7.47
N HIS A 34 -1.23 -4.25 7.85
CA HIS A 34 -1.21 -5.15 9.01
C HIS A 34 -0.85 -4.35 10.28
N ASN A 35 -1.35 -3.12 10.37
CA ASN A 35 -1.17 -2.13 11.42
C ASN A 35 0.27 -1.61 11.54
N ASN A 36 1.12 -1.82 10.54
CA ASN A 36 2.52 -1.36 10.52
C ASN A 36 2.53 0.12 10.13
N ILE A 37 2.88 1.02 11.06
CA ILE A 37 2.93 2.47 10.83
C ILE A 37 3.93 2.90 9.74
N GLU A 38 5.14 2.32 9.70
CA GLU A 38 6.17 2.67 8.72
C GLU A 38 5.72 2.27 7.32
N MET A 39 5.21 1.03 7.20
CA MET A 39 4.73 0.48 5.94
C MET A 39 3.57 1.36 5.47
N ALA A 40 2.60 1.66 6.35
CA ALA A 40 1.44 2.48 6.02
C ALA A 40 1.87 3.88 5.57
N LYS A 41 2.89 4.47 6.21
CA LYS A 41 3.41 5.79 5.85
C LYS A 41 3.86 5.80 4.40
N ASN A 42 4.55 4.74 3.98
CA ASN A 42 5.04 4.61 2.61
C ASN A 42 3.84 4.58 1.66
N ILE A 43 2.76 3.86 1.99
CA ILE A 43 1.56 3.77 1.16
C ILE A 43 1.02 5.18 0.95
N LEU A 44 0.77 5.90 2.05
CA LEU A 44 0.25 7.26 2.01
C LEU A 44 1.13 8.17 1.16
N ARG A 45 2.45 8.11 1.34
CA ARG A 45 3.38 8.96 0.61
C ARG A 45 3.38 8.71 -0.90
N GLU A 46 3.30 7.45 -1.35
CA GLU A 46 3.33 7.10 -2.77
C GLU A 46 1.97 7.05 -3.46
N PHE A 47 0.86 6.87 -2.74
CA PHE A 47 -0.48 6.80 -3.34
C PHE A 47 -1.39 7.97 -2.98
N SER A 48 -1.11 8.70 -1.90
CA SER A 48 -1.88 9.86 -1.44
C SER A 48 -0.95 11.09 -1.38
N GLY A 49 0.23 10.97 -1.98
CA GLY A 49 1.27 11.97 -2.04
C GLY A 49 1.97 11.94 -3.41
N PRO A 50 3.17 12.52 -3.50
CA PRO A 50 3.93 12.57 -4.74
C PRO A 50 4.41 11.21 -5.23
N SER A 51 4.70 11.14 -6.53
CA SER A 51 5.20 9.97 -7.21
C SER A 51 6.62 9.73 -6.71
N SER A 52 6.82 8.72 -5.85
CA SER A 52 8.10 8.35 -5.26
C SER A 52 8.54 9.39 -4.23
N GLY A 53 9.11 8.93 -3.12
CA GLY A 53 9.60 9.80 -2.07
C GLY A 53 9.36 9.22 -0.71
N GLY B 1 15.82 -18.35 -24.17
CA GLY B 1 16.32 -19.71 -23.94
C GLY B 1 15.17 -20.66 -24.12
N SER B 2 14.84 -21.43 -23.08
CA SER B 2 13.75 -22.40 -23.07
C SER B 2 12.97 -22.16 -21.76
N SER B 3 11.77 -22.70 -21.66
CA SER B 3 10.91 -22.55 -20.49
C SER B 3 10.12 -23.85 -20.27
N GLY B 4 9.27 -23.86 -19.24
CA GLY B 4 8.41 -24.98 -18.86
C GLY B 4 7.08 -24.42 -18.39
N SER B 5 6.18 -25.27 -17.91
CA SER B 5 4.85 -24.91 -17.42
C SER B 5 4.89 -24.10 -16.11
N SER B 6 6.07 -23.78 -15.58
CA SER B 6 6.26 -23.01 -14.36
C SER B 6 5.77 -21.57 -14.56
N GLY B 7 5.43 -20.92 -13.45
CA GLY B 7 4.96 -19.55 -13.37
C GLY B 7 5.50 -18.92 -12.10
N GLN B 8 5.40 -17.60 -11.99
CA GLN B 8 5.86 -16.80 -10.86
C GLN B 8 4.83 -15.69 -10.61
N LEU B 9 5.01 -14.85 -9.57
CA LEU B 9 4.07 -13.75 -9.24
C LEU B 9 3.82 -12.82 -10.42
N SER B 10 4.74 -12.78 -11.39
CA SER B 10 4.66 -11.96 -12.58
C SER B 10 3.34 -12.25 -13.32
N SER B 11 2.82 -13.49 -13.26
CA SER B 11 1.56 -13.87 -13.89
C SER B 11 0.40 -13.10 -13.25
N GLU B 12 0.40 -13.01 -11.92
CA GLU B 12 -0.65 -12.32 -11.19
C GLU B 12 -0.59 -10.83 -11.57
N ILE B 13 0.61 -10.26 -11.74
CA ILE B 13 0.76 -8.86 -12.13
C ILE B 13 0.10 -8.68 -13.50
N GLU B 14 0.31 -9.61 -14.43
CA GLU B 14 -0.31 -9.52 -15.75
C GLU B 14 -1.83 -9.57 -15.62
N ARG B 15 -2.35 -10.40 -14.71
CA ARG B 15 -3.79 -10.49 -14.52
C ARG B 15 -4.31 -9.21 -13.93
N LEU B 16 -3.58 -8.55 -13.02
CA LEU B 16 -3.99 -7.29 -12.42
C LEU B 16 -3.99 -6.22 -13.50
N MET B 17 -3.01 -6.25 -14.40
CA MET B 17 -2.96 -5.29 -15.50
C MET B 17 -4.19 -5.51 -16.38
N SER B 18 -4.52 -6.76 -16.66
CA SER B 18 -5.68 -7.15 -17.45
C SER B 18 -6.96 -6.67 -16.75
N GLN B 19 -7.05 -6.75 -15.42
CA GLN B 19 -8.22 -6.31 -14.67
C GLN B 19 -8.48 -4.83 -14.93
N GLY B 20 -7.45 -4.01 -15.10
CA GLY B 20 -7.56 -2.59 -15.37
C GLY B 20 -6.46 -1.74 -14.74
N TYR B 21 -5.57 -2.32 -13.94
CA TYR B 21 -4.50 -1.56 -13.30
C TYR B 21 -3.32 -1.37 -14.24
N SER B 22 -2.44 -0.46 -13.91
CA SER B 22 -1.23 -0.14 -14.65
C SER B 22 -0.03 -0.78 -13.96
N TYR B 23 1.02 -1.10 -14.72
CA TYR B 23 2.23 -1.71 -14.18
C TYR B 23 2.82 -0.86 -13.04
N GLN B 24 2.73 0.46 -13.17
CA GLN B 24 3.22 1.42 -12.20
C GLN B 24 2.63 1.15 -10.81
N ASP B 25 1.31 1.28 -10.69
CA ASP B 25 0.57 1.09 -9.44
C ASP B 25 0.81 -0.30 -8.86
N ILE B 26 0.76 -1.35 -9.69
CA ILE B 26 0.97 -2.71 -9.20
C ILE B 26 2.36 -2.81 -8.57
N GLN B 27 3.41 -2.29 -9.24
CA GLN B 27 4.76 -2.33 -8.71
C GLN B 27 4.83 -1.49 -7.42
N LYS B 28 4.44 -0.21 -7.45
CA LYS B 28 4.49 0.67 -6.28
C LYS B 28 3.80 0.01 -5.08
N ALA B 29 2.69 -0.68 -5.32
CA ALA B 29 1.93 -1.37 -4.28
C ALA B 29 2.75 -2.57 -3.79
N LEU B 30 3.20 -3.46 -4.69
CA LEU B 30 3.99 -4.65 -4.36
C LEU B 30 5.22 -4.31 -3.53
N VAL B 31 5.95 -3.28 -3.94
CA VAL B 31 7.16 -2.80 -3.29
C VAL B 31 6.83 -2.46 -1.84
N ILE B 32 5.86 -1.57 -1.62
CA ILE B 32 5.46 -1.14 -0.29
C ILE B 32 4.80 -2.31 0.47
N ALA B 33 4.22 -3.29 -0.23
CA ALA B 33 3.57 -4.47 0.33
C ALA B 33 4.58 -5.58 0.66
N HIS B 34 5.89 -5.28 0.71
CA HIS B 34 6.94 -6.25 1.00
C HIS B 34 6.83 -7.48 0.08
N ASN B 35 6.63 -7.23 -1.22
CA ASN B 35 6.51 -8.23 -2.29
C ASN B 35 5.30 -9.16 -2.12
N ASN B 36 4.24 -8.74 -1.43
CA ASN B 36 3.02 -9.52 -1.21
C ASN B 36 1.95 -9.07 -2.22
N ILE B 37 1.61 -9.91 -3.19
CA ILE B 37 0.62 -9.61 -4.23
C ILE B 37 -0.79 -9.38 -3.68
N GLU B 38 -1.21 -10.11 -2.63
CA GLU B 38 -2.55 -9.99 -2.03
C GLU B 38 -2.68 -8.70 -1.25
N MET B 39 -1.66 -8.40 -0.44
CA MET B 39 -1.61 -7.20 0.37
C MET B 39 -1.66 -6.02 -0.60
N ALA B 40 -0.87 -6.08 -1.69
CA ALA B 40 -0.85 -5.04 -2.69
C ALA B 40 -2.23 -4.89 -3.34
N LYS B 41 -2.99 -5.97 -3.57
CA LYS B 41 -4.34 -5.85 -4.16
C LYS B 41 -5.22 -5.03 -3.22
N ASN B 42 -5.11 -5.22 -1.90
CA ASN B 42 -5.89 -4.48 -0.92
C ASN B 42 -5.56 -2.99 -1.06
N ILE B 43 -4.27 -2.64 -1.24
CA ILE B 43 -3.82 -1.25 -1.42
C ILE B 43 -4.51 -0.71 -2.68
N LEU B 44 -4.44 -1.48 -3.76
CA LEU B 44 -5.04 -1.13 -5.04
C LEU B 44 -6.57 -1.07 -4.96
N ARG B 45 -7.20 -1.47 -3.84
CA ARG B 45 -8.64 -1.45 -3.66
C ARG B 45 -9.06 -0.19 -2.93
N GLU B 46 -8.66 -0.02 -1.67
CA GLU B 46 -9.03 1.12 -0.83
C GLU B 46 -8.33 2.44 -1.18
N PHE B 47 -7.45 2.45 -2.17
CA PHE B 47 -6.76 3.67 -2.57
C PHE B 47 -6.78 3.80 -4.09
N SER B 48 -6.24 2.81 -4.81
CA SER B 48 -6.20 2.85 -6.27
C SER B 48 -7.54 2.41 -6.90
N GLY B 49 -8.53 2.04 -6.08
CA GLY B 49 -9.85 1.60 -6.51
C GLY B 49 -10.92 2.46 -5.84
N PRO B 50 -12.19 2.04 -5.91
CA PRO B 50 -13.33 2.74 -5.31
C PRO B 50 -13.32 2.50 -3.77
N SER B 51 -14.47 2.64 -3.11
CA SER B 51 -14.59 2.42 -1.68
C SER B 51 -14.34 0.94 -1.33
N SER B 52 -14.33 0.63 -0.02
CA SER B 52 -14.11 -0.72 0.49
C SER B 52 -15.11 -1.70 -0.14
N GLY B 53 -14.70 -2.96 -0.20
CA GLY B 53 -15.45 -4.07 -0.76
C GLY B 53 -14.66 -4.54 -1.95
#